data_7T0R
#
_entry.id   7T0R
#
_cell.length_a   83.510
_cell.length_b   164.014
_cell.length_c   167.053
_cell.angle_alpha   90.000
_cell.angle_beta   90.000
_cell.angle_gamma   90.000
#
_symmetry.space_group_name_H-M   'P 2 21 21'
#
loop_
_entity.id
_entity.type
_entity.pdbx_description
1 polymer 'Ibalizumab Light Chain'
2 polymer 'Ibalizumab Heavy Chain'
3 polymer 'T-cell surface glycoprotein CD4'
4 polymer 'Adnectin 6940_B01'
5 non-polymer 2-acetamido-2-deoxy-beta-D-glucopyranose
6 non-polymer 'SULFATE ION'
#
loop_
_entity_poly.entity_id
_entity_poly.type
_entity_poly.pdbx_seq_one_letter_code
_entity_poly.pdbx_strand_id
1 'polypeptide(L)'
;DIVMTQSPDSLAVSLGERVTMNCKSSQSLLYSTNQKNYLAWYQQKPGQSPKLLIYWASTRESGVPDRFSGSGSGTDFTLT
ISSVQAEDVAVYYCQQYYSYRTFGGGTKLEIKRTVAAPSVFIFPPSDEQLKSGTASVVCLLNNFYPREAKVQWKVDNALQ
SGNSQESVTEQDSKDSTYSLSSTLTLSKADYEKHKVYACEVTHQGLSSPVTKSFNRGEC
;
L,B
2 'polypeptide(L)'
;QVQLQQSGPEVVKPGASVKMSCKASGYTFTSYVIHWVRQKPGQGLDWIGYINPYNDGTDYDEKFKGKATLTSDTSTSTAY
MELSSLRSEDTAVYYCAREKDNYATGAWFAYWGQGTLVTVSSASTKGPSVFPLAPCSRSTSESTAALGCLVKDYFPEPVT
VSWNSGALTSGVHTFPAVLQSSGLYSLSSVVTVPSSSLGTKTYTCNVDHKPSNTKVDKRVESKYGDKTH
;
H,C
3 'polypeptide(L)'
;KKVVLGKKGDTVELTCTASQKKSIQFHWKNSNQIKILGNQGSFLTKGPSKLNDRADSRRSLWDQGNFPLIIKNLKIEDSD
TYICEVEDQKEEVQLLVFGLTANSDTHLLQGQSLTLTLESPPGSSPSVQCRSPRGKNIQGGKTLSVSQLELQDSGTWTCT
VLQNQKKVEFKIDIVVLAFQKASSIVYKKEGEQVEFSFPLAFTVEKLTGSGELWWQAERASSSKSWITFDLKNKEVSVKR
VTQDPKLQMGKKLPLHLTLPQALPQYAGSGNLTLALEAKTGKLHQEVNLVVMRATQLQKNLTCEVWGPTSPKLMLSLKLE
NKEAKVSKREKAVWVLNPEAGMWQCLLSDSGQVLLESNIKVLPTGSHHHHHHH
;
A,D
4 'polypeptide(L)'
;GVSDVPRDLEVVAATPTSLLISWDAPAVTVHSYHIQYWPLGSYQRYQVFSVPGSKSTATISGLKPGVEYQIRVYAETGGA
DQSMGWIQIGYRTE
;
G,I
#
loop_
_chem_comp.id
_chem_comp.type
_chem_comp.name
_chem_comp.formula
NAG D-saccharide, beta linking 2-acetamido-2-deoxy-beta-D-glucopyranose 'C8 H15 N O6'
SO4 non-polymer 'SULFATE ION' 'O4 S -2'
#
# COMPACT_ATOMS: atom_id res chain seq x y z
N ASP A 1 14.09 41.97 -13.87
CA ASP A 1 13.44 41.17 -12.82
C ASP A 1 13.24 41.93 -11.52
N ILE A 2 12.61 41.25 -10.57
CA ILE A 2 12.34 41.78 -9.24
C ILE A 2 13.45 41.25 -8.33
N VAL A 3 14.26 42.15 -7.80
CA VAL A 3 15.40 41.76 -6.97
C VAL A 3 14.93 41.56 -5.54
N MET A 4 15.11 40.35 -5.03
CA MET A 4 14.80 40.00 -3.65
C MET A 4 16.08 40.04 -2.83
N THR A 5 15.97 40.57 -1.63
CA THR A 5 17.11 40.67 -0.74
C THR A 5 16.71 40.23 0.66
N GLN A 6 17.46 39.29 1.22
CA GLN A 6 17.21 38.68 2.52
C GLN A 6 18.31 39.07 3.51
N SER A 7 17.90 39.57 4.67
CA SER A 7 18.81 39.88 5.76
C SER A 7 18.36 39.14 7.01
N PRO A 8 19.29 38.57 7.79
CA PRO A 8 20.75 38.64 7.65
C PRO A 8 21.39 37.54 6.81
N ASP A 9 22.71 37.66 6.62
CA ASP A 9 23.50 36.62 5.98
C ASP A 9 23.28 35.27 6.65
N SER A 10 23.61 35.18 7.93
CA SER A 10 23.30 34.02 8.76
C SER A 10 22.81 34.54 10.09
N LEU A 11 22.07 33.71 10.81
CA LEU A 11 21.49 34.11 12.08
C LEU A 11 21.79 33.08 13.16
N ALA A 12 22.19 33.58 14.33
CA ALA A 12 22.40 32.75 15.51
C ALA A 12 21.34 33.09 16.54
N VAL A 13 20.53 32.10 16.92
CA VAL A 13 19.45 32.30 17.88
C VAL A 13 19.55 31.23 18.95
N SER A 14 19.33 31.61 20.20
CA SER A 14 19.34 30.68 21.31
C SER A 14 18.01 29.93 21.39
N LEU A 15 18.01 28.83 22.14
CA LEU A 15 16.84 27.96 22.24
C LEU A 15 15.67 28.69 22.90
N GLY A 16 14.46 28.40 22.42
CA GLY A 16 13.25 29.02 22.94
C GLY A 16 13.05 30.47 22.58
N GLU A 17 14.02 31.11 21.94
CA GLU A 17 13.99 32.53 21.61
C GLU A 17 13.16 32.77 20.36
N ARG A 18 12.89 34.03 20.05
CA ARG A 18 12.05 34.42 18.93
C ARG A 18 12.93 34.80 17.74
N VAL A 19 12.57 34.30 16.55
CA VAL A 19 13.31 34.56 15.33
C VAL A 19 12.57 35.56 14.47
N THR A 20 13.32 36.50 13.90
CA THR A 20 12.82 37.45 12.90
C THR A 20 13.73 37.34 11.69
N MET A 21 13.15 37.03 10.52
CA MET A 21 13.90 36.92 9.28
C MET A 21 13.22 37.76 8.21
N ASN A 22 13.96 38.68 7.60
CA ASN A 22 13.39 39.73 6.77
C ASN A 22 13.65 39.46 5.30
N CYS A 23 12.65 39.77 4.47
CA CYS A 23 12.73 39.70 3.01
C CYS A 23 12.14 40.99 2.45
N LYS A 24 12.97 41.77 1.77
CA LYS A 24 12.55 43.01 1.14
C LYS A 24 12.65 42.83 -0.38
N SER A 25 11.62 43.28 -1.09
CA SER A 25 11.52 43.09 -2.53
C SER A 25 11.86 44.39 -3.25
N SER A 26 12.27 44.25 -4.52
CA SER A 26 12.60 45.39 -5.35
C SER A 26 11.38 46.31 -5.47
N GLN A 27 10.34 45.84 -6.13
CA GLN A 27 9.07 46.56 -6.21
C GLN A 27 8.00 45.79 -5.45
N SER A 28 6.83 46.42 -5.35
CA SER A 28 5.76 45.89 -4.51
C SER A 28 5.25 44.55 -5.02
N LEU A 29 4.76 43.75 -4.09
CA LEU A 29 4.15 42.46 -4.38
C LEU A 29 2.66 42.45 -4.05
N LEU A 30 2.16 43.56 -3.50
CA LEU A 30 0.75 43.65 -3.14
C LEU A 30 -0.07 43.89 -4.38
N TYR A 31 -1.13 43.11 -4.56
CA TYR A 31 -2.05 43.27 -5.67
C TYR A 31 -3.27 44.05 -5.21
N SER A 32 -3.51 45.19 -5.85
CA SER A 32 -4.52 46.12 -5.37
C SER A 32 -5.93 45.52 -5.41
N THR A 33 -6.22 44.67 -6.38
CA THR A 33 -7.58 44.20 -6.58
C THR A 33 -8.05 43.30 -5.43
N ASN A 34 -7.42 42.14 -5.26
CA ASN A 34 -7.85 41.16 -4.27
C ASN A 34 -7.12 41.29 -2.94
N GLN A 35 -6.33 42.34 -2.76
CA GLN A 35 -5.60 42.60 -1.52
C GLN A 35 -4.89 41.35 -1.01
N LYS A 36 -4.03 40.81 -1.86
CA LYS A 36 -3.25 39.63 -1.54
C LYS A 36 -1.79 39.92 -1.87
N ASN A 37 -0.89 39.60 -0.94
CA ASN A 37 0.53 39.71 -1.21
C ASN A 37 0.98 38.46 -1.94
N TYR A 38 1.67 38.63 -3.07
CA TYR A 38 2.16 37.46 -3.81
C TYR A 38 3.60 37.21 -3.37
N LEU A 39 3.71 36.56 -2.22
CA LEU A 39 4.99 36.23 -1.62
C LEU A 39 4.86 34.92 -0.84
N ALA A 40 5.95 34.16 -0.80
CA ALA A 40 5.94 32.86 -0.14
C ALA A 40 7.25 32.67 0.62
N TRP A 41 7.21 31.77 1.59
CA TRP A 41 8.36 31.45 2.42
C TRP A 41 8.65 29.95 2.34
N TYR A 42 9.93 29.59 2.32
CA TYR A 42 10.34 28.21 2.18
C TYR A 42 11.44 27.85 3.17
N GLN A 43 11.40 26.61 3.67
CA GLN A 43 12.44 26.04 4.52
C GLN A 43 13.20 24.97 3.75
N GLN A 44 14.52 24.93 3.93
CA GLN A 44 15.33 23.84 3.41
C GLN A 44 16.25 23.34 4.52
N LYS A 45 15.91 22.19 5.08
CA LYS A 45 16.81 21.52 6.00
C LYS A 45 17.94 20.86 5.21
N PRO A 46 19.10 20.65 5.84
CA PRO A 46 20.26 20.18 5.08
C PRO A 46 19.99 18.82 4.44
N GLY A 47 20.60 18.63 3.26
CA GLY A 47 20.46 17.39 2.51
C GLY A 47 19.11 17.17 1.86
N GLN A 48 18.14 18.04 2.11
CA GLN A 48 16.80 17.89 1.57
C GLN A 48 16.51 18.98 0.54
N SER A 49 15.38 18.84 -0.12
CA SER A 49 14.84 19.87 -1.00
C SER A 49 14.09 20.91 -0.19
N PRO A 50 13.77 22.06 -0.78
CA PRO A 50 12.98 23.08 -0.06
C PRO A 50 11.57 22.59 0.25
N LYS A 51 11.00 23.20 1.30
CA LYS A 51 9.68 22.85 1.82
C LYS A 51 8.83 24.12 1.91
N LEU A 52 7.59 24.03 1.45
CA LEU A 52 6.70 25.18 1.52
C LEU A 52 6.34 25.49 2.97
N LEU A 53 6.40 26.78 3.34
CA LEU A 53 6.02 27.22 4.68
C LEU A 53 4.82 28.16 4.66
N ILE A 54 4.90 29.28 3.93
CA ILE A 54 3.87 30.32 3.97
C ILE A 54 3.55 30.75 2.53
N TYR A 55 2.25 30.81 2.22
CA TYR A 55 1.75 31.24 0.92
C TYR A 55 0.76 32.37 1.13
N TRP A 56 0.83 33.37 0.25
CA TRP A 56 0.11 34.64 0.34
C TRP A 56 0.71 35.50 1.42
N ALA A 57 1.80 35.06 2.06
CA ALA A 57 2.55 35.84 3.04
C ALA A 57 1.83 35.90 4.39
N SER A 58 0.58 35.45 4.41
CA SER A 58 -0.23 35.48 5.63
C SER A 58 -0.78 34.11 6.01
N THR A 59 -0.56 33.08 5.18
CA THR A 59 -1.15 31.77 5.41
C THR A 59 -0.07 30.70 5.33
N ARG A 60 -0.17 29.68 6.18
CA ARG A 60 0.80 28.58 6.20
C ARG A 60 0.18 27.30 5.64
N GLU A 61 1.07 26.40 5.20
CA GLU A 61 0.69 25.09 4.67
C GLU A 61 0.20 24.18 5.78
N SER A 62 -0.61 23.18 5.40
CA SER A 62 -1.26 22.32 6.38
C SER A 62 -0.25 21.62 7.29
N GLY A 63 0.86 21.14 6.72
CA GLY A 63 1.86 20.47 7.53
C GLY A 63 2.57 21.38 8.51
N VAL A 64 2.64 22.68 8.21
CA VAL A 64 3.45 23.60 9.01
C VAL A 64 2.92 23.68 10.44
N PRO A 65 3.79 23.63 11.45
CA PRO A 65 3.33 23.82 12.84
C PRO A 65 2.91 25.26 13.09
N ASP A 66 2.32 25.47 14.27
CA ASP A 66 1.70 26.74 14.61
C ASP A 66 2.69 27.84 14.99
N ARG A 67 3.95 27.52 15.34
CA ARG A 67 4.85 28.56 15.81
C ARG A 67 5.29 29.50 14.68
N PHE A 68 5.36 29.02 13.44
CA PHE A 68 5.72 29.90 12.32
C PHE A 68 4.53 30.78 11.95
N SER A 69 4.82 32.05 11.65
CA SER A 69 3.77 33.01 11.31
C SER A 69 4.36 34.03 10.36
N GLY A 70 3.59 34.38 9.33
CA GLY A 70 4.04 35.33 8.32
C GLY A 70 3.45 36.71 8.56
N SER A 71 4.29 37.73 8.33
CA SER A 71 3.92 39.11 8.59
C SER A 71 4.41 39.99 7.45
N GLY A 72 3.91 41.22 7.42
CA GLY A 72 4.32 42.21 6.44
C GLY A 72 3.27 42.41 5.37
N SER A 73 3.57 43.39 4.50
CA SER A 73 2.76 43.71 3.34
C SER A 73 3.59 44.61 2.43
N GLY A 74 3.15 44.73 1.19
CA GLY A 74 3.83 45.62 0.27
C GLY A 74 5.21 45.16 -0.15
N THR A 75 6.25 45.80 0.40
CA THR A 75 7.63 45.52 0.04
C THR A 75 8.50 44.99 1.17
N ASP A 76 8.01 44.95 2.41
CA ASP A 76 8.83 44.56 3.56
C ASP A 76 8.10 43.44 4.30
N PHE A 77 8.67 42.24 4.26
CA PHE A 77 8.02 41.06 4.82
C PHE A 77 8.96 40.40 5.81
N THR A 78 8.37 39.63 6.72
CA THR A 78 9.15 39.07 7.82
C THR A 78 8.59 37.71 8.26
N LEU A 79 9.48 36.73 8.40
CA LEU A 79 9.16 35.44 8.97
C LEU A 79 9.51 35.44 10.47
N THR A 80 8.60 34.89 11.27
CA THR A 80 8.75 34.87 12.72
C THR A 80 8.57 33.45 13.22
N ILE A 81 9.59 32.90 13.85
CA ILE A 81 9.49 31.64 14.55
C ILE A 81 9.20 31.95 16.01
N SER A 82 8.03 31.53 16.49
CA SER A 82 7.59 31.88 17.84
C SER A 82 8.59 31.45 18.89
N SER A 83 8.88 30.15 18.94
CA SER A 83 9.87 29.60 19.86
C SER A 83 10.75 28.64 19.07
N VAL A 84 12.04 28.97 18.97
CA VAL A 84 12.95 28.16 18.17
C VAL A 84 13.10 26.79 18.82
N GLN A 85 12.70 25.75 18.09
CA GLN A 85 13.03 24.41 18.52
C GLN A 85 14.37 24.00 17.95
N ALA A 86 14.97 22.97 18.56
CA ALA A 86 16.29 22.53 18.13
C ALA A 86 16.30 22.07 16.68
N GLU A 87 15.16 21.55 16.22
CA GLU A 87 15.01 20.97 14.88
C GLU A 87 14.80 22.01 13.78
N ASP A 88 14.78 23.30 14.08
CA ASP A 88 14.57 24.32 13.06
C ASP A 88 15.87 24.81 12.41
N VAL A 89 17.00 24.19 12.71
CA VAL A 89 18.26 24.51 12.02
C VAL A 89 18.08 24.26 10.54
N ALA A 90 17.96 25.34 9.77
CA ALA A 90 17.75 25.24 8.33
C ALA A 90 18.06 26.60 7.72
N VAL A 91 18.00 26.65 6.40
CA VAL A 91 18.12 27.90 5.65
C VAL A 91 16.76 28.19 5.02
N TYR A 92 16.26 29.41 5.24
CA TYR A 92 14.92 29.80 4.83
C TYR A 92 14.99 30.81 3.68
N TYR A 93 14.15 30.58 2.67
CA TYR A 93 14.14 31.40 1.45
C TYR A 93 12.76 32.02 1.27
N CYS A 94 12.73 33.12 0.52
CA CYS A 94 11.51 33.83 0.20
C CYS A 94 11.44 33.98 -1.30
N GLN A 95 10.22 33.92 -1.82
CA GLN A 95 9.97 33.93 -3.25
C GLN A 95 8.76 34.78 -3.54
N GLN A 96 8.79 35.45 -4.69
CA GLN A 96 7.65 36.20 -5.16
C GLN A 96 7.11 35.52 -6.41
N TYR A 97 5.79 35.64 -6.60
CA TYR A 97 5.17 35.13 -7.82
C TYR A 97 4.37 36.21 -8.54
N TYR A 98 4.47 37.46 -8.13
CA TYR A 98 3.76 38.55 -8.81
C TYR A 98 4.06 38.53 -10.31
N SER A 99 5.34 38.69 -10.67
CA SER A 99 5.78 38.54 -12.04
C SER A 99 6.95 37.57 -12.05
N TYR A 100 6.92 36.62 -12.98
CA TYR A 100 7.89 35.53 -13.01
C TYR A 100 7.98 34.89 -11.63
N ARG A 101 9.17 34.43 -11.23
CA ARG A 101 9.33 33.76 -9.93
C ARG A 101 10.78 33.92 -9.49
N THR A 102 11.03 34.83 -8.55
CA THR A 102 12.39 35.06 -8.06
C THR A 102 12.48 34.75 -6.57
N PHE A 103 13.65 34.26 -6.15
CA PHE A 103 13.93 33.84 -4.78
C PHE A 103 14.79 34.86 -4.07
N GLY A 104 15.29 34.49 -2.89
CA GLY A 104 16.19 35.33 -2.12
C GLY A 104 17.55 34.67 -2.02
N GLY A 105 18.44 35.36 -1.31
CA GLY A 105 19.76 34.81 -1.05
C GLY A 105 19.77 33.75 0.03
N GLY A 106 18.93 33.91 1.04
CA GLY A 106 18.78 32.92 2.07
C GLY A 106 19.26 33.43 3.41
N THR A 107 18.61 32.97 4.47
CA THR A 107 19.08 33.21 5.83
C THR A 107 19.29 31.87 6.49
N LYS A 108 20.54 31.62 6.92
CA LYS A 108 20.85 30.40 7.66
C LYS A 108 20.54 30.64 9.13
N LEU A 109 19.64 29.83 9.68
CA LEU A 109 19.30 29.92 11.10
C LEU A 109 20.07 28.86 11.87
N GLU A 110 21.01 29.31 12.70
CA GLU A 110 21.80 28.43 13.54
C GLU A 110 21.49 28.69 15.01
N ILE A 111 21.39 27.62 15.78
CA ILE A 111 21.06 27.68 17.19
C ILE A 111 22.31 27.81 18.04
N LYS A 112 22.23 28.67 19.05
CA LYS A 112 23.35 28.98 19.95
C LYS A 112 23.06 28.32 21.29
N ARG A 113 23.91 27.38 21.68
CA ARG A 113 23.75 26.46 22.80
C ARG A 113 24.80 26.71 23.88
N THR A 114 24.66 25.97 24.97
CA THR A 114 25.69 25.90 26.01
C THR A 114 26.95 25.28 25.41
N VAL A 115 28.11 25.77 25.87
CA VAL A 115 29.37 25.24 25.38
C VAL A 115 29.59 23.81 25.88
N ALA A 116 30.07 22.95 24.98
CA ALA A 116 30.28 21.54 25.27
C ALA A 116 31.52 21.09 24.52
N ALA A 117 32.30 20.24 25.15
CA ALA A 117 33.57 19.77 24.59
C ALA A 117 33.34 18.63 23.62
N PRO A 118 34.35 18.27 22.84
CA PRO A 118 34.25 17.09 21.97
C PRO A 118 34.64 15.81 22.69
N SER A 119 34.08 14.71 22.21
CA SER A 119 34.50 13.36 22.59
C SER A 119 35.29 12.81 21.39
N VAL A 120 36.60 12.68 21.58
CA VAL A 120 37.55 12.54 20.47
C VAL A 120 38.02 11.09 20.40
N PHE A 121 38.20 10.60 19.18
CA PHE A 121 38.68 9.25 18.94
C PHE A 121 39.56 9.26 17.70
N ILE A 122 40.42 8.25 17.63
CA ILE A 122 41.37 8.11 16.53
C ILE A 122 41.18 6.71 15.95
N PHE A 123 41.24 6.61 14.63
CA PHE A 123 41.24 5.27 14.06
C PHE A 123 42.58 4.99 13.38
N PRO A 124 43.08 3.76 13.51
CA PRO A 124 44.21 3.34 12.69
C PRO A 124 43.73 2.98 11.29
N PRO A 125 44.64 2.83 10.32
CA PRO A 125 44.19 2.44 8.98
C PRO A 125 43.80 0.98 8.97
N SER A 126 42.78 0.67 8.18
CA SER A 126 42.35 -0.73 8.09
C SER A 126 43.42 -1.58 7.40
N ASP A 127 43.39 -2.88 7.70
CA ASP A 127 44.27 -3.81 7.01
C ASP A 127 43.97 -3.85 5.52
N GLU A 128 42.69 -3.73 5.15
CA GLU A 128 42.35 -3.80 3.74
C GLU A 128 42.93 -2.62 2.96
N GLN A 129 42.89 -1.41 3.54
CA GLN A 129 43.50 -0.27 2.85
C GLN A 129 45.02 -0.43 2.77
N LEU A 130 45.64 -1.02 3.79
CA LEU A 130 47.10 -1.17 3.80
C LEU A 130 47.56 -2.15 2.73
N LYS A 131 46.78 -3.19 2.44
CA LYS A 131 47.17 -4.12 1.38
C LYS A 131 47.14 -3.46 0.01
N SER A 132 46.44 -2.34 -0.14
CA SER A 132 46.42 -1.62 -1.41
C SER A 132 47.60 -0.67 -1.55
N GLY A 133 48.19 -0.22 -0.45
CA GLY A 133 49.37 0.63 -0.50
C GLY A 133 49.18 2.01 0.10
N THR A 134 47.97 2.37 0.56
CA THR A 134 47.70 3.69 1.11
C THR A 134 47.33 3.60 2.58
N ALA A 135 47.90 4.50 3.37
CA ALA A 135 47.55 4.63 4.79
C ALA A 135 46.73 5.89 4.98
N SER A 136 45.58 5.74 5.62
CA SER A 136 44.71 6.86 5.93
C SER A 136 44.44 6.80 7.42
N VAL A 137 44.58 7.93 8.10
CA VAL A 137 44.44 7.98 9.55
C VAL A 137 43.43 9.07 9.87
N VAL A 138 42.25 8.67 10.33
CA VAL A 138 41.14 9.57 10.58
C VAL A 138 41.07 9.87 12.08
N CYS A 139 40.79 11.13 12.41
CA CYS A 139 40.62 11.58 13.78
C CYS A 139 39.24 12.21 13.88
N LEU A 140 38.47 11.79 14.89
CA LEU A 140 37.07 12.17 15.02
C LEU A 140 36.84 13.07 16.22
N LEU A 141 35.96 14.05 16.03
CA LEU A 141 35.50 14.95 17.09
C LEU A 141 33.98 14.94 17.02
N ASN A 142 33.33 14.59 18.13
CA ASN A 142 31.89 14.36 18.09
C ASN A 142 31.16 15.27 19.07
N ASN A 143 30.05 15.84 18.59
CA ASN A 143 29.10 16.63 19.39
C ASN A 143 29.82 17.68 20.25
N PHE A 144 30.55 18.57 19.58
CA PHE A 144 31.16 19.72 20.20
C PHE A 144 30.41 20.94 19.70
N TYR A 145 29.91 21.78 20.62
CA TYR A 145 29.09 22.91 20.17
C TYR A 145 29.92 24.02 19.54
N PRO A 146 30.91 24.61 20.21
CA PRO A 146 31.65 25.70 19.57
C PRO A 146 32.33 25.19 18.30
N ARG A 147 31.94 25.78 17.18
CA ARG A 147 32.43 25.31 15.88
C ARG A 147 33.94 25.45 15.77
N GLU A 148 34.54 26.34 16.54
CA GLU A 148 36.00 26.49 16.54
C GLU A 148 36.66 25.28 17.20
N ALA A 149 37.50 24.58 16.44
CA ALA A 149 38.27 23.47 16.94
C ALA A 149 39.64 23.45 16.28
N LYS A 150 40.68 23.19 17.06
CA LYS A 150 42.04 23.07 16.56
C LYS A 150 42.43 21.60 16.58
N VAL A 151 42.88 21.09 15.43
CA VAL A 151 43.38 19.72 15.33
C VAL A 151 44.76 19.74 14.69
N GLN A 152 45.73 19.13 15.35
CA GLN A 152 47.08 18.98 14.82
C GLN A 152 47.51 17.52 14.87
N TRP A 153 48.20 17.08 13.84
CA TRP A 153 48.69 15.71 13.77
C TRP A 153 50.17 15.67 14.11
N LYS A 154 50.52 14.80 15.05
CA LYS A 154 51.90 14.61 15.47
C LYS A 154 52.28 13.16 15.21
N VAL A 155 53.30 12.96 14.37
CA VAL A 155 53.80 11.65 14.02
C VAL A 155 55.18 11.52 14.65
N ASP A 156 55.27 10.71 15.70
CA ASP A 156 56.49 10.60 16.51
C ASP A 156 56.91 11.98 17.03
N ASN A 157 55.92 12.71 17.57
CA ASN A 157 56.14 14.06 18.10
C ASN A 157 56.63 15.03 17.02
N ALA A 158 55.94 15.03 15.88
CA ALA A 158 56.30 15.91 14.77
C ALA A 158 55.04 16.41 14.08
N LEU A 159 54.84 17.73 14.09
CA LEU A 159 53.68 18.32 13.44
C LEU A 159 53.68 17.98 11.95
N GLN A 160 52.49 17.71 11.43
CA GLN A 160 52.32 17.40 10.01
C GLN A 160 51.48 18.47 9.33
N SER A 161 51.98 18.99 8.21
CA SER A 161 51.29 20.02 7.45
C SER A 161 51.18 19.57 6.00
N GLY A 162 50.10 20.01 5.34
CA GLY A 162 49.91 19.77 3.93
C GLY A 162 49.24 18.46 3.58
N ASN A 163 49.13 17.53 4.52
CA ASN A 163 48.60 16.20 4.24
C ASN A 163 47.26 15.90 4.91
N SER A 164 46.77 16.78 5.80
CA SER A 164 45.51 16.56 6.49
C SER A 164 44.36 17.21 5.73
N GLN A 165 43.26 16.47 5.61
CA GLN A 165 42.03 16.97 5.00
C GLN A 165 40.90 16.83 6.00
N GLU A 166 40.21 17.93 6.27
CA GLU A 166 39.25 18.01 7.37
C GLU A 166 37.85 18.30 6.85
N SER A 167 36.86 17.82 7.60
CA SER A 167 35.47 17.90 7.19
C SER A 167 34.60 18.10 8.42
N VAL A 168 33.60 18.97 8.29
CA VAL A 168 32.72 19.34 9.39
C VAL A 168 31.28 19.25 8.92
N THR A 169 30.39 18.83 9.81
CA THR A 169 28.97 18.72 9.50
C THR A 169 28.32 20.10 9.60
N GLU A 170 26.99 20.14 9.46
CA GLU A 170 26.25 21.30 9.90
C GLU A 170 25.66 21.02 11.26
N GLN A 171 24.92 21.98 11.79
CA GLN A 171 24.40 21.88 13.14
C GLN A 171 23.39 20.74 13.23
N ASP A 172 23.64 19.81 14.14
CA ASP A 172 22.74 18.68 14.35
C ASP A 172 21.35 19.18 14.71
N SER A 173 20.34 18.43 14.26
CA SER A 173 18.96 18.81 14.52
C SER A 173 18.49 18.37 15.91
N LYS A 174 19.10 17.33 16.47
CA LYS A 174 18.64 16.82 17.76
C LYS A 174 19.11 17.70 18.91
N ASP A 175 20.40 18.04 18.95
CA ASP A 175 20.94 18.79 20.09
C ASP A 175 21.70 20.04 19.69
N SER A 176 21.79 20.37 18.39
CA SER A 176 22.44 21.59 17.93
C SER A 176 23.95 21.56 18.19
N THR A 177 24.60 20.47 17.78
CA THR A 177 26.03 20.27 17.98
C THR A 177 26.69 19.91 16.65
N TYR A 178 28.02 19.95 16.62
CA TYR A 178 28.80 19.75 15.40
C TYR A 178 29.64 18.48 15.50
N SER A 179 30.33 18.14 14.40
CA SER A 179 31.25 17.03 14.36
C SER A 179 32.31 17.28 13.28
N LEU A 180 33.54 16.81 13.54
CA LEU A 180 34.66 17.06 12.64
C LEU A 180 35.36 15.74 12.29
N SER A 181 36.00 15.73 11.12
CA SER A 181 36.73 14.54 10.64
C SER A 181 38.00 14.99 9.93
N SER A 182 39.14 14.88 10.62
CA SER A 182 40.44 15.17 10.03
C SER A 182 41.05 13.86 9.55
N THR A 183 41.49 13.83 8.29
CA THR A 183 41.92 12.59 7.65
C THR A 183 43.36 12.77 7.17
N LEU A 184 44.27 12.01 7.76
CA LEU A 184 45.67 12.02 7.35
C LEU A 184 45.91 10.87 6.37
N THR A 185 46.32 11.21 5.15
CA THR A 185 46.56 10.23 4.10
C THR A 185 48.04 10.20 3.72
N LEU A 186 48.62 9.01 3.68
CA LEU A 186 50.00 8.83 3.27
C LEU A 186 50.15 7.43 2.69
N SER A 187 51.33 7.17 2.12
CA SER A 187 51.60 5.89 1.50
C SER A 187 52.01 4.85 2.55
N LYS A 188 51.91 3.58 2.15
CA LYS A 188 52.20 2.49 3.07
C LYS A 188 53.65 2.50 3.54
N ALA A 189 54.59 2.71 2.62
CA ALA A 189 56.00 2.72 2.99
C ALA A 189 56.30 3.83 4.00
N ASP A 190 55.81 5.04 3.73
CA ASP A 190 56.05 6.14 4.66
C ASP A 190 55.29 5.94 5.96
N TYR A 191 54.18 5.20 5.92
CA TYR A 191 53.44 4.91 7.14
C TYR A 191 54.19 3.94 8.03
N GLU A 192 54.77 2.90 7.41
CA GLU A 192 55.54 1.91 8.17
C GLU A 192 56.72 2.53 8.90
N LYS A 193 57.32 3.57 8.32
CA LYS A 193 58.58 4.10 8.84
C LYS A 193 58.44 4.57 10.27
N HIS A 194 57.36 5.27 10.58
CA HIS A 194 57.18 5.88 11.89
C HIS A 194 56.34 4.98 12.79
N LYS A 195 56.53 5.10 14.11
CA LYS A 195 55.95 4.14 15.04
C LYS A 195 54.71 4.65 15.77
N VAL A 196 54.65 5.94 16.11
CA VAL A 196 53.59 6.48 16.96
C VAL A 196 52.85 7.57 16.20
N TYR A 197 51.52 7.55 16.29
CA TYR A 197 50.65 8.53 15.65
C TYR A 197 49.67 9.10 16.67
N ALA A 198 49.35 10.39 16.54
CA ALA A 198 48.48 11.05 17.50
C ALA A 198 47.94 12.34 16.93
N CYS A 199 46.63 12.58 17.10
CA CYS A 199 46.00 13.85 16.77
C CYS A 199 45.73 14.63 18.06
N GLU A 200 46.40 15.77 18.20
CA GLU A 200 46.19 16.71 19.31
C GLU A 200 45.09 17.71 18.97
N VAL A 201 44.23 17.99 19.94
CA VAL A 201 43.02 18.77 19.73
C VAL A 201 42.99 19.94 20.72
N THR A 202 42.35 21.03 20.31
CA THR A 202 42.05 22.15 21.21
C THR A 202 40.59 22.53 21.02
N HIS A 203 39.94 22.94 22.11
CA HIS A 203 38.57 23.38 22.05
C HIS A 203 38.27 24.30 23.23
N GLN A 204 37.27 25.18 23.05
CA GLN A 204 36.87 26.07 24.13
C GLN A 204 36.36 25.29 25.34
N GLY A 205 35.84 24.09 25.12
CA GLY A 205 35.38 23.23 26.19
C GLY A 205 36.45 22.43 26.89
N LEU A 206 37.64 22.30 26.27
CA LEU A 206 38.75 21.54 26.84
C LEU A 206 39.69 22.51 27.53
N SER A 207 39.78 22.40 28.86
CA SER A 207 40.64 23.31 29.60
C SER A 207 42.11 23.00 29.31
N SER A 208 42.41 21.72 29.12
CA SER A 208 43.73 21.28 28.73
C SER A 208 43.62 20.62 27.37
N PRO A 209 44.47 20.96 26.40
CA PRO A 209 44.40 20.30 25.10
C PRO A 209 44.60 18.79 25.24
N VAL A 210 43.84 18.03 24.45
CA VAL A 210 43.76 16.60 24.62
C VAL A 210 44.31 15.92 23.36
N THR A 211 44.83 14.71 23.56
CA THR A 211 45.45 13.95 22.49
C THR A 211 45.01 12.49 22.60
N LYS A 212 44.92 11.82 21.45
CA LYS A 212 44.66 10.39 21.42
C LYS A 212 45.67 9.75 20.48
N SER A 213 46.36 8.72 20.97
CA SER A 213 47.52 8.17 20.31
C SER A 213 47.34 6.66 20.10
N PHE A 214 47.96 6.15 19.04
CA PHE A 214 48.01 4.71 18.81
C PHE A 214 49.36 4.37 18.19
N ASN A 215 49.71 3.09 18.27
CA ASN A 215 51.02 2.60 17.85
C ASN A 215 50.81 1.45 16.88
N ARG A 216 51.53 1.48 15.77
CA ARG A 216 51.44 0.39 14.81
C ARG A 216 52.16 -0.85 15.33
N GLN B 1 -1.31 11.39 -3.18
CA GLN B 1 0.14 11.43 -3.12
C GLN B 1 0.78 11.80 -4.46
N VAL B 2 1.05 13.09 -4.62
CA VAL B 2 1.73 13.61 -5.81
C VAL B 2 3.24 13.46 -5.64
N GLN B 3 3.87 12.72 -6.55
CA GLN B 3 5.30 12.50 -6.55
C GLN B 3 5.95 13.25 -7.70
N LEU B 4 7.16 13.76 -7.48
CA LEU B 4 8.00 14.30 -8.54
C LEU B 4 9.37 13.66 -8.39
N GLN B 5 9.77 12.87 -9.39
CA GLN B 5 11.03 12.13 -9.32
C GLN B 5 11.91 12.48 -10.52
N GLN B 6 13.12 12.96 -10.25
CA GLN B 6 14.05 13.39 -11.27
C GLN B 6 15.05 12.29 -11.59
N SER B 7 15.98 12.61 -12.48
CA SER B 7 17.06 11.70 -12.86
C SER B 7 18.01 11.50 -11.70
N GLY B 8 18.98 10.61 -11.90
CA GLY B 8 20.10 10.46 -10.99
C GLY B 8 21.23 11.37 -11.40
N PRO B 9 22.33 11.35 -10.65
CA PRO B 9 23.47 12.20 -10.98
C PRO B 9 24.19 11.74 -12.24
N GLU B 10 24.87 12.69 -12.88
CA GLU B 10 25.46 12.47 -14.19
C GLU B 10 26.80 13.18 -14.29
N VAL B 11 27.60 12.76 -15.27
CA VAL B 11 28.84 13.43 -15.65
C VAL B 11 28.73 13.83 -17.11
N VAL B 12 29.11 15.07 -17.41
CA VAL B 12 28.97 15.58 -18.77
C VAL B 12 30.24 16.34 -19.14
N LYS B 13 30.82 16.01 -20.28
CA LYS B 13 31.96 16.73 -20.84
C LYS B 13 31.68 18.22 -20.95
N PRO B 14 32.70 19.07 -20.84
CA PRO B 14 32.50 20.50 -21.08
C PRO B 14 32.13 20.75 -22.54
N GLY B 15 31.19 21.67 -22.75
CA GLY B 15 30.70 21.97 -24.07
C GLY B 15 29.55 21.09 -24.50
N ALA B 16 29.51 19.86 -24.01
CA ALA B 16 28.39 18.97 -24.28
C ALA B 16 27.16 19.43 -23.49
N SER B 17 26.00 18.96 -23.93
CA SER B 17 24.74 19.29 -23.29
C SER B 17 24.32 18.16 -22.37
N VAL B 18 23.61 18.51 -21.30
CA VAL B 18 23.05 17.53 -20.39
C VAL B 18 21.53 17.61 -20.49
N LYS B 19 20.91 16.50 -20.84
CA LYS B 19 19.46 16.40 -20.84
C LYS B 19 19.05 15.57 -19.64
N MET B 20 18.31 16.20 -18.72
CA MET B 20 17.86 15.54 -17.51
C MET B 20 16.34 15.52 -17.50
N SER B 21 15.79 14.68 -16.63
CA SER B 21 14.37 14.36 -16.65
C SER B 21 13.73 14.63 -15.30
N CYS B 22 12.39 14.64 -15.32
CA CYS B 22 11.57 14.84 -14.13
C CYS B 22 10.24 14.16 -14.39
N LYS B 23 9.95 13.07 -13.66
CA LYS B 23 8.76 12.27 -13.89
C LYS B 23 7.72 12.59 -12.84
N ALA B 24 6.51 12.90 -13.29
CA ALA B 24 5.41 13.31 -12.43
C ALA B 24 4.41 12.17 -12.35
N SER B 25 3.73 12.10 -11.20
CA SER B 25 2.71 11.08 -11.01
C SER B 25 1.82 11.54 -9.87
N GLY B 26 0.53 11.25 -10.00
CA GLY B 26 -0.45 11.61 -8.99
C GLY B 26 -1.42 12.70 -9.38
N TYR B 27 -1.30 13.29 -10.57
CA TYR B 27 -2.20 14.35 -11.00
C TYR B 27 -2.27 14.37 -12.53
N THR B 28 -3.14 15.24 -13.05
CA THR B 28 -3.32 15.43 -14.49
C THR B 28 -2.13 16.22 -15.03
N PHE B 29 -1.19 15.52 -15.67
CA PHE B 29 0.11 16.09 -15.98
C PHE B 29 0.02 17.33 -16.86
N THR B 30 -1.03 17.44 -17.69
CA THR B 30 -1.15 18.58 -18.58
C THR B 30 -1.89 19.75 -17.95
N SER B 31 -2.19 19.68 -16.65
CA SER B 31 -3.06 20.67 -16.02
C SER B 31 -2.33 21.66 -15.13
N TYR B 32 -1.02 21.52 -14.92
CA TYR B 32 -0.30 22.46 -14.09
C TYR B 32 1.08 22.77 -14.66
N VAL B 33 1.58 23.96 -14.36
CA VAL B 33 2.83 24.46 -14.93
C VAL B 33 4.02 23.91 -14.17
N ILE B 34 5.10 23.61 -14.89
CA ILE B 34 6.31 23.01 -14.32
C ILE B 34 7.42 24.03 -14.31
N HIS B 35 8.19 24.08 -13.23
CA HIS B 35 9.26 25.05 -13.04
C HIS B 35 10.58 24.33 -12.79
N TRP B 36 11.68 25.01 -13.13
CA TRP B 36 13.03 24.48 -12.94
C TRP B 36 13.88 25.48 -12.16
N VAL B 37 14.54 24.99 -11.12
CA VAL B 37 15.37 25.81 -10.24
C VAL B 37 16.77 25.21 -10.21
N ARG B 38 17.77 26.09 -10.28
CA ARG B 38 19.17 25.69 -10.16
C ARG B 38 19.71 26.14 -8.81
N GLN B 39 20.41 25.23 -8.13
CA GLN B 39 21.10 25.56 -6.89
C GLN B 39 22.52 25.05 -7.00
N LYS B 40 23.48 25.97 -6.93
CA LYS B 40 24.87 25.59 -6.92
C LYS B 40 25.24 25.11 -5.52
N PRO B 41 26.37 24.41 -5.37
CA PRO B 41 26.70 23.83 -4.05
C PRO B 41 26.76 24.88 -2.95
N GLY B 42 25.93 24.70 -1.93
CA GLY B 42 25.80 25.62 -0.83
C GLY B 42 25.54 27.06 -1.25
N GLN B 43 24.59 27.26 -2.18
CA GLN B 43 24.23 28.59 -2.65
C GLN B 43 22.72 28.68 -2.85
N GLY B 44 22.26 29.90 -3.11
CA GLY B 44 20.84 30.15 -3.25
C GLY B 44 20.21 29.54 -4.50
N LEU B 45 18.89 29.47 -4.47
CA LEU B 45 18.08 28.96 -5.58
C LEU B 45 17.95 29.99 -6.70
N ASP B 46 18.23 29.57 -7.93
CA ASP B 46 18.18 30.43 -9.11
C ASP B 46 17.08 29.91 -10.02
N TRP B 47 16.02 30.71 -10.21
CA TRP B 47 14.92 30.29 -11.08
C TRP B 47 15.37 30.27 -12.54
N ILE B 48 14.86 29.30 -13.28
CA ILE B 48 15.31 29.10 -14.65
C ILE B 48 14.18 29.35 -15.64
N GLY B 49 13.12 28.55 -15.56
CA GLY B 49 12.07 28.65 -16.54
C GLY B 49 10.85 27.86 -16.10
N TYR B 50 9.79 27.99 -16.90
CA TYR B 50 8.53 27.32 -16.63
C TYR B 50 7.92 26.82 -17.93
N ILE B 51 7.42 25.58 -17.92
CA ILE B 51 6.84 24.94 -19.09
C ILE B 51 5.39 24.54 -18.80
N ASN B 52 4.50 24.85 -19.75
CA ASN B 52 3.12 24.42 -19.66
C ASN B 52 2.99 23.10 -20.40
N PRO B 53 2.71 21.98 -19.71
CA PRO B 53 2.67 20.68 -20.39
C PRO B 53 1.59 20.58 -21.45
N TYR B 54 0.57 21.44 -21.42
CA TYR B 54 -0.54 21.31 -22.37
C TYR B 54 -0.08 21.49 -23.80
N ASN B 55 0.59 22.60 -24.10
CA ASN B 55 1.11 22.84 -25.45
C ASN B 55 2.63 22.97 -25.48
N ASP B 56 3.31 22.63 -24.39
CA ASP B 56 4.76 22.82 -24.27
C ASP B 56 5.12 24.30 -24.35
N GLY B 57 4.27 25.13 -23.73
CA GLY B 57 4.54 26.55 -23.71
C GLY B 57 5.78 26.85 -22.89
N THR B 58 6.55 27.82 -23.36
CA THR B 58 7.89 28.05 -22.86
C THR B 58 8.17 29.50 -22.53
N ASP B 59 8.71 29.74 -21.33
CA ASP B 59 9.28 31.04 -20.97
C ASP B 59 10.45 30.80 -20.03
N TYR B 60 11.54 31.53 -20.23
CA TYR B 60 12.71 31.39 -19.38
C TYR B 60 13.12 32.71 -18.77
N ASP B 61 13.99 32.63 -17.77
CA ASP B 61 14.67 33.80 -17.24
C ASP B 61 15.82 34.18 -18.17
N GLU B 62 16.17 35.47 -18.15
CA GLU B 62 17.19 35.99 -19.05
C GLU B 62 18.52 35.28 -18.86
N LYS B 63 18.91 34.99 -17.61
CA LYS B 63 20.21 34.36 -17.36
C LYS B 63 20.35 33.05 -18.15
N PHE B 64 19.23 32.35 -18.36
CA PHE B 64 19.22 31.03 -18.96
C PHE B 64 18.51 31.04 -20.30
N LYS B 65 18.41 32.22 -20.93
CA LYS B 65 17.66 32.33 -22.18
C LYS B 65 18.27 31.50 -23.29
N GLY B 66 19.58 31.34 -23.29
CA GLY B 66 20.23 30.48 -24.27
C GLY B 66 20.31 29.04 -23.82
N LYS B 67 20.70 28.83 -22.55
CA LYS B 67 21.05 27.50 -22.07
C LYS B 67 19.83 26.59 -21.89
N ALA B 68 18.75 27.12 -21.33
CA ALA B 68 17.69 26.28 -20.81
C ALA B 68 16.68 25.95 -21.92
N THR B 69 16.33 24.66 -22.02
CA THR B 69 15.36 24.17 -22.99
C THR B 69 14.43 23.21 -22.27
N LEU B 70 13.13 23.52 -22.27
CA LEU B 70 12.15 22.74 -21.54
C LEU B 70 11.20 22.08 -22.53
N THR B 71 11.09 20.76 -22.47
CA THR B 71 10.11 20.03 -23.25
C THR B 71 9.39 19.04 -22.33
N SER B 72 8.28 18.49 -22.81
CA SER B 72 7.52 17.54 -22.02
C SER B 72 6.94 16.47 -22.92
N ASP B 73 6.99 15.24 -22.44
CA ASP B 73 6.40 14.09 -23.13
C ASP B 73 5.07 13.80 -22.45
N THR B 74 3.98 14.15 -23.13
CA THR B 74 2.66 14.06 -22.50
C THR B 74 2.28 12.61 -22.22
N SER B 75 2.62 11.70 -23.14
CA SER B 75 2.29 10.30 -22.94
C SER B 75 2.99 9.72 -21.72
N THR B 76 4.32 9.82 -21.68
CA THR B 76 5.05 9.33 -20.52
C THR B 76 4.85 10.21 -19.29
N SER B 77 4.21 11.37 -19.44
CA SER B 77 3.99 12.29 -18.32
C SER B 77 5.30 12.69 -17.63
N THR B 78 6.25 13.16 -18.44
CA THR B 78 7.58 13.52 -17.96
C THR B 78 7.96 14.90 -18.48
N ALA B 79 8.66 15.68 -17.66
CA ALA B 79 9.21 16.96 -18.07
C ALA B 79 10.74 16.89 -18.11
N TYR B 80 11.32 17.44 -19.18
CA TYR B 80 12.77 17.47 -19.34
C TYR B 80 13.29 18.89 -19.41
N MET B 81 14.56 19.04 -19.07
CA MET B 81 15.32 20.27 -19.22
C MET B 81 16.73 19.92 -19.67
N GLU B 82 17.23 20.61 -20.68
CA GLU B 82 18.60 20.37 -21.13
C GLU B 82 19.37 21.68 -21.17
N LEU B 83 20.58 21.65 -20.65
CA LEU B 83 21.50 22.78 -20.69
C LEU B 83 22.57 22.51 -21.76
N SER B 84 22.88 23.54 -22.53
CA SER B 84 23.79 23.43 -23.67
C SER B 84 25.11 24.10 -23.36
N SER B 85 26.19 23.53 -23.88
CA SER B 85 27.53 24.09 -23.72
C SER B 85 27.84 24.28 -22.23
N LEU B 86 27.83 23.16 -21.51
CA LEU B 86 28.04 23.21 -20.08
C LEU B 86 29.41 23.79 -19.75
N ARG B 87 29.47 24.58 -18.70
CA ARG B 87 30.70 25.22 -18.25
C ARG B 87 30.99 24.76 -16.83
N SER B 88 32.21 25.02 -16.37
CA SER B 88 32.61 24.59 -15.03
C SER B 88 31.69 25.18 -13.97
N GLU B 89 31.30 26.44 -14.13
CA GLU B 89 30.38 27.07 -13.19
C GLU B 89 29.06 26.33 -13.14
N ASP B 90 28.61 25.77 -14.26
CA ASP B 90 27.28 25.17 -14.35
C ASP B 90 27.10 23.90 -13.53
N THR B 91 28.17 23.38 -12.92
CA THR B 91 28.02 22.22 -12.05
C THR B 91 27.19 22.61 -10.82
N ALA B 92 26.04 21.97 -10.65
CA ALA B 92 25.07 22.41 -9.65
C ALA B 92 24.03 21.31 -9.46
N VAL B 93 22.98 21.63 -8.69
CA VAL B 93 21.85 20.74 -8.46
C VAL B 93 20.59 21.43 -8.95
N TYR B 94 19.81 20.73 -9.78
CA TYR B 94 18.63 21.28 -10.42
C TYR B 94 17.37 20.56 -9.94
N TYR B 95 16.34 21.32 -9.59
CA TYR B 95 15.07 20.81 -9.08
C TYR B 95 13.94 21.13 -10.04
N CYS B 96 12.92 20.28 -10.05
CA CYS B 96 11.68 20.54 -10.77
C CYS B 96 10.55 20.66 -9.77
N ALA B 97 9.64 21.61 -10.00
CA ALA B 97 8.56 21.89 -9.07
C ALA B 97 7.25 22.12 -9.83
N ARG B 98 6.17 22.33 -9.07
CA ARG B 98 4.83 22.45 -9.62
C ARG B 98 4.08 23.55 -8.89
N GLU B 99 3.17 24.20 -9.60
CA GLU B 99 2.30 25.19 -8.99
C GLU B 99 1.20 24.50 -8.19
N LYS B 100 0.85 25.06 -7.03
CA LYS B 100 -0.13 24.39 -6.16
C LYS B 100 -1.46 24.20 -6.88
N ASP B 101 -1.92 25.24 -7.59
CA ASP B 101 -3.19 25.20 -8.29
C ASP B 101 -2.98 25.87 -9.65
N ASN B 102 -4.06 26.00 -10.42
CA ASN B 102 -3.98 26.56 -11.76
C ASN B 102 -4.67 27.93 -11.81
N TYR B 103 -4.34 28.69 -12.87
CA TYR B 103 -4.99 29.97 -13.19
C TYR B 103 -4.80 31.01 -12.09
N ALA B 104 -3.54 31.19 -11.67
CA ALA B 104 -3.08 32.20 -10.73
C ALA B 104 -3.61 31.99 -9.31
N THR B 105 -4.44 30.97 -9.08
CA THR B 105 -4.95 30.73 -7.73
C THR B 105 -3.84 30.22 -6.82
N GLY B 106 -3.00 29.31 -7.31
CA GLY B 106 -1.83 28.89 -6.57
C GLY B 106 -0.59 28.82 -7.44
N ALA B 107 0.30 29.80 -7.32
CA ALA B 107 1.47 29.93 -8.18
C ALA B 107 2.77 29.69 -7.42
N TRP B 108 2.68 29.40 -6.12
CA TRP B 108 3.86 29.12 -5.31
C TRP B 108 4.26 27.66 -5.50
N PHE B 109 5.57 27.41 -5.43
CA PHE B 109 6.09 26.06 -5.68
C PHE B 109 5.83 25.18 -4.45
N ALA B 110 4.77 24.37 -4.52
CA ALA B 110 4.35 23.57 -3.37
C ALA B 110 4.90 22.16 -3.38
N TYR B 111 4.88 21.48 -4.54
CA TYR B 111 5.40 20.13 -4.65
C TYR B 111 6.73 20.15 -5.38
N TRP B 112 7.72 19.43 -4.84
CA TRP B 112 9.10 19.55 -5.26
C TRP B 112 9.71 18.20 -5.62
N GLY B 113 10.72 18.25 -6.51
CA GLY B 113 11.50 17.06 -6.81
C GLY B 113 12.68 16.93 -5.88
N GLN B 114 13.36 15.78 -5.97
CA GLN B 114 14.48 15.51 -5.06
C GLN B 114 15.75 16.22 -5.47
N GLY B 115 15.92 16.56 -6.73
CA GLY B 115 17.17 17.16 -7.14
C GLY B 115 17.98 16.26 -8.07
N THR B 116 18.71 16.90 -8.98
CA THR B 116 19.62 16.20 -9.87
C THR B 116 20.96 16.91 -9.82
N LEU B 117 22.02 16.16 -9.52
CA LEU B 117 23.35 16.72 -9.42
C LEU B 117 24.09 16.42 -10.72
N VAL B 118 24.47 17.48 -11.43
CA VAL B 118 25.23 17.37 -12.67
C VAL B 118 26.62 17.90 -12.39
N THR B 119 27.59 16.98 -12.38
CA THR B 119 28.99 17.33 -12.19
C THR B 119 29.58 17.62 -13.56
N VAL B 120 29.77 18.90 -13.87
CA VAL B 120 30.35 19.28 -15.15
C VAL B 120 31.84 19.01 -15.07
N SER B 121 32.31 17.99 -15.78
CA SER B 121 33.70 17.58 -15.74
C SER B 121 33.98 16.66 -16.91
N SER B 122 35.28 16.48 -17.18
CA SER B 122 35.74 15.60 -18.23
C SER B 122 36.41 14.35 -17.67
N ALA B 123 36.54 14.25 -16.36
CA ALA B 123 37.17 13.10 -15.74
C ALA B 123 36.27 11.89 -15.85
N SER B 124 36.85 10.71 -15.61
CA SER B 124 36.09 9.48 -15.67
C SER B 124 35.42 9.19 -14.33
N THR B 125 34.20 8.66 -14.41
CA THR B 125 33.52 8.15 -13.23
C THR B 125 34.31 6.97 -12.67
N LYS B 126 34.37 6.86 -11.35
CA LYS B 126 35.13 5.78 -10.75
C LYS B 126 34.41 5.27 -9.51
N GLY B 127 34.60 3.98 -9.25
CA GLY B 127 33.91 3.31 -8.17
C GLY B 127 34.58 3.53 -6.83
N PRO B 128 33.78 3.62 -5.77
CA PRO B 128 34.34 3.86 -4.43
C PRO B 128 34.77 2.58 -3.73
N SER B 129 36.01 2.57 -3.24
CA SER B 129 36.42 1.52 -2.33
C SER B 129 35.99 1.89 -0.92
N VAL B 130 35.49 0.90 -0.18
CA VAL B 130 34.93 1.13 1.14
C VAL B 130 35.81 0.42 2.16
N PHE B 131 36.36 1.18 3.09
CA PHE B 131 37.21 0.58 4.09
C PHE B 131 36.58 0.73 5.47
N PRO B 132 36.82 -0.23 6.37
CA PRO B 132 36.24 -0.15 7.71
C PRO B 132 37.09 0.68 8.64
N LEU B 133 36.41 1.48 9.46
CA LEU B 133 37.06 2.28 10.48
C LEU B 133 36.63 1.72 11.83
N ALA B 134 37.60 1.23 12.59
CA ALA B 134 37.35 0.56 13.85
C ALA B 134 38.43 0.96 14.85
N PRO B 135 38.17 0.81 16.15
CA PRO B 135 39.18 1.14 17.15
C PRO B 135 40.31 0.11 17.14
N CYS B 136 41.47 0.55 17.61
CA CYS B 136 42.64 -0.31 17.62
C CYS B 136 42.42 -1.54 18.50
N SER B 137 41.80 -1.37 19.67
CA SER B 137 41.39 -2.49 20.50
C SER B 137 40.25 -2.04 21.39
N ARG B 138 39.53 -3.02 21.94
CA ARG B 138 38.38 -2.77 22.81
C ARG B 138 38.77 -2.63 24.28
N SER B 139 39.83 -1.87 24.56
CA SER B 139 40.29 -1.61 25.92
C SER B 139 39.80 -0.27 26.47
N THR B 140 38.93 0.43 25.74
CA THR B 140 38.48 1.76 26.14
C THR B 140 37.87 1.78 27.54
N SER B 141 38.43 2.64 28.40
CA SER B 141 37.90 2.86 29.75
C SER B 141 36.54 3.56 29.71
N GLU B 142 36.31 4.41 28.70
CA GLU B 142 35.09 5.18 28.58
C GLU B 142 34.06 4.44 27.74
N SER B 143 32.80 4.53 28.14
CA SER B 143 31.75 3.68 27.59
C SER B 143 31.55 3.90 26.09
N THR B 144 31.58 5.14 25.63
CA THR B 144 31.34 5.39 24.21
C THR B 144 32.50 4.88 23.36
N ALA B 145 32.17 4.26 22.23
CA ALA B 145 33.14 3.79 21.27
C ALA B 145 32.73 4.28 19.90
N ALA B 146 33.67 4.25 18.95
CA ALA B 146 33.46 4.83 17.64
C ALA B 146 33.70 3.80 16.55
N LEU B 147 32.77 3.71 15.61
CA LEU B 147 32.85 2.81 14.46
C LEU B 147 32.56 3.61 13.20
N GLY B 148 33.13 3.18 12.08
CA GLY B 148 32.93 3.95 10.87
C GLY B 148 33.37 3.24 9.61
N CYS B 149 32.99 3.85 8.48
CA CYS B 149 33.41 3.42 7.14
C CYS B 149 34.14 4.57 6.45
N LEU B 150 35.03 4.20 5.54
CA LEU B 150 35.87 5.18 4.86
C LEU B 150 35.69 4.97 3.37
N VAL B 151 34.96 5.86 2.73
CA VAL B 151 34.67 5.79 1.30
C VAL B 151 35.69 6.69 0.60
N LYS B 152 36.62 6.10 -0.12
CA LYS B 152 37.73 6.86 -0.70
C LYS B 152 37.79 6.66 -2.21
N ASP B 153 38.29 7.68 -2.90
CA ASP B 153 38.59 7.64 -4.34
C ASP B 153 37.34 7.40 -5.19
N TYR B 154 36.28 8.16 -4.90
CA TYR B 154 35.04 8.13 -5.67
C TYR B 154 34.79 9.46 -6.36
N PHE B 155 34.23 9.38 -7.57
CA PHE B 155 33.91 10.49 -8.46
C PHE B 155 32.81 10.05 -9.41
N PRO B 156 31.84 10.91 -9.73
CA PRO B 156 31.50 12.21 -9.15
C PRO B 156 30.68 12.08 -7.88
N GLU B 157 30.60 13.13 -7.08
CA GLU B 157 29.60 13.15 -6.04
C GLU B 157 28.23 12.98 -6.71
N PRO B 158 27.20 12.54 -5.97
CA PRO B 158 26.97 12.14 -4.58
C PRO B 158 27.17 10.66 -4.31
N VAL B 159 27.32 10.34 -3.02
CA VAL B 159 27.27 8.98 -2.49
C VAL B 159 26.47 9.05 -1.20
N THR B 160 25.54 8.11 -1.04
CA THR B 160 24.70 8.06 0.16
C THR B 160 25.08 6.83 0.96
N VAL B 161 25.09 6.97 2.29
CA VAL B 161 25.51 5.90 3.18
C VAL B 161 24.44 5.72 4.25
N SER B 162 24.10 4.47 4.50
CA SER B 162 23.14 4.09 5.53
C SER B 162 23.73 2.91 6.29
N TRP B 163 23.32 2.77 7.54
CA TRP B 163 23.91 1.79 8.44
C TRP B 163 22.89 0.71 8.79
N ASN B 164 23.30 -0.55 8.63
CA ASN B 164 22.44 -1.71 8.87
C ASN B 164 21.13 -1.61 8.10
N SER B 165 21.25 -1.44 6.78
CA SER B 165 20.10 -1.32 5.88
C SER B 165 19.22 -0.14 6.25
N GLY B 166 19.83 0.92 6.76
CA GLY B 166 19.12 2.11 7.18
C GLY B 166 18.42 2.00 8.52
N ALA B 167 18.68 0.93 9.28
CA ALA B 167 18.02 0.72 10.57
C ALA B 167 18.60 1.61 11.65
N LEU B 168 19.91 1.83 11.63
CA LEU B 168 20.61 2.56 12.69
C LEU B 168 20.65 4.05 12.33
N THR B 169 19.97 4.87 13.14
CA THR B 169 19.90 6.30 12.87
C THR B 169 20.12 7.17 14.11
N SER B 170 20.61 6.62 15.22
CA SER B 170 20.87 7.39 16.42
C SER B 170 22.38 7.52 16.60
N GLY B 171 22.86 8.75 16.72
CA GLY B 171 24.28 9.00 16.86
C GLY B 171 25.12 8.69 15.63
N VAL B 172 24.55 8.81 14.44
CA VAL B 172 25.27 8.57 13.20
C VAL B 172 25.64 9.91 12.59
N HIS B 173 26.86 10.03 12.08
CA HIS B 173 27.29 11.25 11.40
C HIS B 173 28.02 10.88 10.12
N THR B 174 27.44 11.25 8.99
CA THR B 174 28.04 11.05 7.68
C THR B 174 28.61 12.39 7.21
N PHE B 175 29.92 12.45 7.07
CA PHE B 175 30.62 13.69 6.80
C PHE B 175 30.57 14.05 5.31
N PRO B 176 30.57 15.35 5.00
CA PRO B 176 30.64 15.76 3.59
C PRO B 176 31.99 15.35 3.02
N ALA B 177 32.00 15.08 1.72
CA ALA B 177 33.20 14.52 1.11
C ALA B 177 34.26 15.60 0.91
N VAL B 178 35.50 15.15 0.75
CA VAL B 178 36.64 16.02 0.51
C VAL B 178 37.38 15.54 -0.73
N LEU B 179 37.84 16.49 -1.53
CA LEU B 179 38.56 16.18 -2.76
C LEU B 179 40.01 15.85 -2.42
N GLN B 180 40.40 14.60 -2.56
CA GLN B 180 41.79 14.24 -2.31
C GLN B 180 42.68 14.91 -3.35
N SER B 181 43.95 15.11 -2.98
CA SER B 181 44.91 15.73 -3.89
C SER B 181 44.97 14.99 -5.23
N SER B 182 44.82 13.67 -5.19
CA SER B 182 44.77 12.88 -6.41
C SER B 182 43.73 13.40 -7.40
N GLY B 183 42.60 13.89 -6.89
CA GLY B 183 41.53 14.36 -7.75
C GLY B 183 40.23 13.59 -7.63
N LEU B 184 40.13 12.72 -6.63
CA LEU B 184 38.92 11.97 -6.33
C LEU B 184 38.46 12.28 -4.92
N TYR B 185 37.14 12.43 -4.73
CA TYR B 185 36.61 12.71 -3.41
C TYR B 185 36.85 11.54 -2.46
N SER B 186 36.86 11.84 -1.17
CA SER B 186 37.06 10.84 -0.13
C SER B 186 36.20 11.19 1.08
N LEU B 187 35.24 10.33 1.38
CA LEU B 187 34.22 10.61 2.38
C LEU B 187 34.37 9.64 3.55
N SER B 188 33.96 10.10 4.72
CA SER B 188 34.11 9.34 5.95
C SER B 188 32.78 9.29 6.68
N SER B 189 32.40 8.10 7.13
CA SER B 189 31.15 7.87 7.82
C SER B 189 31.43 7.15 9.12
N VAL B 190 30.77 7.60 10.19
CA VAL B 190 31.01 7.09 11.54
C VAL B 190 29.68 6.98 12.27
N VAL B 191 29.71 6.26 13.39
CA VAL B 191 28.53 6.01 14.20
C VAL B 191 29.01 5.71 15.61
N THR B 192 28.18 6.04 16.60
CA THR B 192 28.54 5.85 18.00
C THR B 192 27.68 4.75 18.62
N VAL B 193 28.33 3.86 19.36
CA VAL B 193 27.69 2.80 20.12
C VAL B 193 28.45 2.62 21.42
N PRO B 194 27.85 1.94 22.40
CA PRO B 194 28.55 1.75 23.68
C PRO B 194 29.58 0.64 23.60
N SER B 195 30.61 0.77 24.45
CA SER B 195 31.68 -0.24 24.52
C SER B 195 31.10 -1.62 24.79
N SER B 196 30.11 -1.70 25.68
CA SER B 196 29.51 -2.97 26.05
C SER B 196 28.86 -3.68 24.87
N SER B 197 28.50 -2.96 23.81
CA SER B 197 27.70 -3.53 22.73
C SER B 197 28.48 -3.96 21.50
N LEU B 198 29.80 -3.79 21.47
CA LEU B 198 30.55 -4.32 20.33
C LEU B 198 30.57 -5.84 20.37
N GLY B 199 30.34 -6.46 19.22
CA GLY B 199 30.25 -7.90 19.12
C GLY B 199 28.88 -8.46 19.41
N THR B 200 28.04 -7.71 20.14
CA THR B 200 26.65 -8.11 20.37
C THR B 200 25.85 -8.03 19.08
N LYS B 201 25.77 -6.82 18.52
CA LYS B 201 25.19 -6.59 17.21
C LYS B 201 26.30 -6.57 16.19
N THR B 202 25.97 -6.94 14.96
CA THR B 202 26.90 -6.80 13.84
C THR B 202 26.63 -5.48 13.14
N TYR B 203 27.70 -4.75 12.84
CA TYR B 203 27.57 -3.42 12.27
C TYR B 203 28.06 -3.45 10.83
N THR B 204 27.21 -2.97 9.92
CA THR B 204 27.53 -2.94 8.51
C THR B 204 26.96 -1.68 7.91
N CYS B 205 27.76 -1.00 7.08
CA CYS B 205 27.36 0.24 6.46
C CYS B 205 27.09 -0.04 4.99
N ASN B 206 26.08 0.63 4.43
CA ASN B 206 25.70 0.46 3.04
C ASN B 206 26.11 1.70 2.26
N VAL B 207 27.02 1.50 1.31
CA VAL B 207 27.46 2.58 0.43
C VAL B 207 26.77 2.37 -0.91
N ASP B 208 26.22 3.45 -1.47
CA ASP B 208 25.51 3.38 -2.74
C ASP B 208 25.98 4.54 -3.62
N HIS B 209 26.53 4.22 -4.79
CA HIS B 209 27.02 5.23 -5.71
C HIS B 209 26.26 5.08 -7.01
N LYS B 210 25.56 6.14 -7.42
CA LYS B 210 24.65 6.08 -8.55
C LYS B 210 25.31 6.15 -9.92
N PRO B 211 26.25 7.08 -10.17
CA PRO B 211 26.90 7.09 -11.50
C PRO B 211 27.65 5.82 -11.83
N SER B 212 28.14 5.12 -10.80
CA SER B 212 28.88 3.89 -11.02
C SER B 212 27.99 2.67 -10.90
N ASN B 213 26.83 2.83 -10.24
CA ASN B 213 25.90 1.73 -9.99
C ASN B 213 26.58 0.66 -9.15
N THR B 214 27.15 1.12 -8.03
CA THR B 214 27.92 0.29 -7.10
C THR B 214 27.28 0.36 -5.72
N LYS B 215 26.97 -0.80 -5.16
CA LYS B 215 26.49 -0.92 -3.77
C LYS B 215 27.37 -1.94 -3.07
N VAL B 216 28.17 -1.50 -2.11
CA VAL B 216 29.07 -2.36 -1.37
C VAL B 216 28.84 -2.18 0.13
N ASP B 217 28.36 -3.23 0.79
CA ASP B 217 28.13 -3.21 2.23
C ASP B 217 29.38 -3.77 2.92
N LYS B 218 29.96 -3.00 3.84
CA LYS B 218 31.20 -3.37 4.51
C LYS B 218 30.92 -3.71 5.97
N ARG B 219 31.21 -4.95 6.36
CA ARG B 219 31.10 -5.33 7.77
C ARG B 219 32.18 -4.69 8.61
N VAL B 220 31.78 -3.93 9.63
CA VAL B 220 32.68 -3.25 10.54
C VAL B 220 32.41 -3.73 11.96
N GLU B 221 33.45 -4.17 12.65
CA GLU B 221 33.33 -4.51 14.07
C GLU B 221 34.61 -4.17 14.83
N LYS C 1 -15.13 28.20 -9.09
CA LYS C 1 -15.41 27.07 -9.98
C LYS C 1 -15.00 27.41 -11.40
N LYS C 2 -15.76 28.30 -12.05
CA LYS C 2 -15.56 28.56 -13.47
C LYS C 2 -14.28 29.35 -13.70
N VAL C 3 -13.78 29.31 -14.94
CA VAL C 3 -12.60 30.08 -15.33
C VAL C 3 -12.86 30.75 -16.68
N VAL C 4 -12.69 32.07 -16.72
CA VAL C 4 -12.92 32.88 -17.92
C VAL C 4 -11.70 33.76 -18.18
N LEU C 5 -11.19 33.72 -19.41
CA LEU C 5 -10.15 34.63 -19.84
C LEU C 5 -10.74 35.67 -20.78
N GLY C 6 -10.14 36.86 -20.79
CA GLY C 6 -10.68 37.97 -21.54
C GLY C 6 -9.62 38.81 -22.22
N LYS C 7 -10.06 39.53 -23.25
CA LYS C 7 -9.24 40.52 -23.93
C LYS C 7 -9.35 41.84 -23.19
N LYS C 8 -8.21 42.53 -23.03
CA LYS C 8 -8.23 43.83 -22.39
C LYS C 8 -9.15 44.76 -23.16
N GLY C 9 -10.04 45.44 -22.44
CA GLY C 9 -10.97 46.35 -23.06
C GLY C 9 -12.21 45.73 -23.64
N ASP C 10 -12.25 44.40 -23.77
CA ASP C 10 -13.42 43.75 -24.31
C ASP C 10 -14.45 43.57 -23.20
N THR C 11 -15.60 42.99 -23.55
CA THR C 11 -16.71 42.82 -22.61
C THR C 11 -16.99 41.34 -22.38
N VAL C 12 -17.04 40.92 -21.12
CA VAL C 12 -17.39 39.54 -20.81
C VAL C 12 -18.53 39.51 -19.80
N GLU C 13 -19.30 38.44 -19.86
CA GLU C 13 -20.48 38.23 -19.04
C GLU C 13 -20.28 36.98 -18.21
N LEU C 14 -20.47 37.12 -16.91
CA LEU C 14 -20.30 36.04 -15.94
C LEU C 14 -21.69 35.51 -15.58
N THR C 15 -21.94 34.24 -15.91
CA THR C 15 -23.26 33.64 -15.80
C THR C 15 -23.46 33.05 -14.41
N CYS C 16 -24.47 33.55 -13.70
CA CYS C 16 -24.95 32.93 -12.48
C CYS C 16 -26.46 32.74 -12.61
N THR C 17 -26.94 31.60 -12.09
CA THR C 17 -28.36 31.27 -12.14
C THR C 17 -28.73 30.55 -10.86
N ALA C 18 -30.04 30.49 -10.58
CA ALA C 18 -30.52 29.82 -9.39
C ALA C 18 -31.54 28.76 -9.77
N SER C 19 -31.87 27.91 -8.78
CA SER C 19 -32.81 26.81 -9.00
C SER C 19 -34.23 27.33 -9.22
N GLN C 20 -34.66 28.32 -8.43
CA GLN C 20 -36.02 28.84 -8.50
C GLN C 20 -36.10 29.90 -9.59
N LYS C 21 -37.04 29.70 -10.52
CA LYS C 21 -37.21 30.60 -11.67
C LYS C 21 -38.12 31.75 -11.28
N LYS C 22 -37.60 32.60 -10.39
CA LYS C 22 -38.33 33.75 -9.90
C LYS C 22 -37.34 34.85 -9.53
N SER C 23 -37.87 36.03 -9.23
CA SER C 23 -37.07 37.14 -8.75
C SER C 23 -36.83 36.98 -7.26
N ILE C 24 -35.56 36.84 -6.86
CA ILE C 24 -35.19 36.62 -5.47
C ILE C 24 -33.95 37.44 -5.17
N GLN C 25 -33.70 37.67 -3.87
CA GLN C 25 -32.61 38.54 -3.43
C GLN C 25 -31.25 37.90 -3.71
N PHE C 26 -30.30 38.71 -4.19
CA PHE C 26 -28.96 38.23 -4.47
C PHE C 26 -28.00 39.40 -4.53
N HIS C 27 -26.71 39.08 -4.49
CA HIS C 27 -25.66 40.09 -4.67
C HIS C 27 -24.37 39.40 -5.14
N TRP C 28 -23.43 40.23 -5.58
CA TRP C 28 -22.13 39.79 -6.08
C TRP C 28 -21.03 40.39 -5.22
N LYS C 29 -20.00 39.60 -4.94
CA LYS C 29 -18.84 40.10 -4.20
C LYS C 29 -17.56 39.50 -4.75
N ASN C 30 -16.49 40.31 -4.77
CA ASN C 30 -15.22 39.88 -5.35
C ASN C 30 -14.39 39.10 -4.33
N SER C 31 -13.15 38.79 -4.69
CA SER C 31 -12.30 37.97 -3.83
C SER C 31 -12.17 38.57 -2.43
N ASN C 32 -12.16 39.89 -2.33
CA ASN C 32 -11.98 40.54 -1.04
C ASN C 32 -13.29 40.69 -0.28
N GLN C 33 -14.35 39.99 -0.70
CA GLN C 33 -15.65 40.02 -0.04
C GLN C 33 -16.31 41.40 -0.13
N ILE C 34 -15.98 42.19 -1.16
CA ILE C 34 -16.54 43.54 -1.34
C ILE C 34 -17.78 43.45 -2.20
N LYS C 35 -18.85 44.11 -1.78
CA LYS C 35 -20.11 44.11 -2.55
C LYS C 35 -19.90 44.72 -3.92
N ILE C 36 -20.22 43.97 -4.96
CA ILE C 36 -20.20 44.50 -6.33
C ILE C 36 -21.53 45.16 -6.69
N LEU C 37 -22.63 44.45 -6.44
CA LEU C 37 -23.98 44.96 -6.62
C LEU C 37 -24.94 43.97 -5.97
N GLY C 38 -26.13 44.46 -5.63
CA GLY C 38 -27.17 43.62 -5.08
C GLY C 38 -28.52 44.05 -5.60
N ASN C 39 -29.55 43.27 -5.29
CA ASN C 39 -30.89 43.70 -5.64
C ASN C 39 -31.72 43.89 -4.36
N GLN C 40 -32.52 44.94 -4.36
CA GLN C 40 -33.48 45.23 -3.30
C GLN C 40 -34.86 45.28 -3.96
N GLY C 41 -35.55 44.15 -3.96
CA GLY C 41 -36.85 44.11 -4.62
C GLY C 41 -36.66 44.31 -6.11
N SER C 42 -37.35 45.29 -6.65
CA SER C 42 -37.19 45.64 -8.06
C SER C 42 -35.90 46.39 -8.31
N PHE C 43 -35.44 47.17 -7.33
CA PHE C 43 -34.31 48.06 -7.56
C PHE C 43 -32.98 47.30 -7.50
N LEU C 44 -31.96 47.93 -8.12
CA LEU C 44 -30.60 47.40 -8.17
C LEU C 44 -29.72 48.36 -7.38
N THR C 45 -29.11 47.87 -6.29
CA THR C 45 -28.23 48.66 -5.45
C THR C 45 -26.78 48.47 -5.86
N LYS C 46 -26.08 49.59 -6.04
CA LYS C 46 -24.70 49.58 -6.51
C LYS C 46 -23.74 49.30 -5.36
N GLY C 47 -22.68 48.54 -5.67
CA GLY C 47 -21.68 48.22 -4.68
C GLY C 47 -20.64 49.33 -4.55
N PRO C 48 -19.86 49.23 -3.48
CA PRO C 48 -18.83 50.25 -3.20
C PRO C 48 -17.49 50.03 -3.91
N SER C 49 -17.37 49.04 -4.77
CA SER C 49 -16.07 48.68 -5.34
C SER C 49 -15.62 49.68 -6.42
N LYS C 50 -14.31 49.66 -6.67
CA LYS C 50 -13.68 50.48 -7.71
C LYS C 50 -14.08 50.06 -9.11
N LEU C 51 -14.75 48.92 -9.25
CA LEU C 51 -15.34 48.43 -10.49
C LEU C 51 -16.73 49.03 -10.74
N ASN C 52 -17.12 50.03 -9.94
CA ASN C 52 -18.47 50.60 -10.00
C ASN C 52 -18.83 51.09 -11.39
N ASP C 53 -17.93 51.81 -12.06
CA ASP C 53 -18.27 52.39 -13.36
C ASP C 53 -18.59 51.32 -14.40
N ARG C 54 -17.71 50.32 -14.52
CA ARG C 54 -17.80 49.36 -15.62
C ARG C 54 -18.68 48.16 -15.31
N ALA C 55 -18.73 47.70 -14.07
CA ALA C 55 -19.54 46.54 -13.76
C ALA C 55 -21.02 46.91 -13.80
N ASP C 56 -21.83 45.95 -14.24
CA ASP C 56 -23.25 46.17 -14.47
C ASP C 56 -23.92 44.80 -14.56
N SER C 57 -25.24 44.82 -14.58
CA SER C 57 -26.03 43.61 -14.78
C SER C 57 -27.20 43.92 -15.70
N ARG C 58 -27.83 42.86 -16.20
CA ARG C 58 -28.98 42.99 -17.08
C ARG C 58 -30.20 42.54 -16.30
N ARG C 59 -31.13 43.48 -16.10
CA ARG C 59 -32.35 43.21 -15.34
C ARG C 59 -33.38 42.43 -16.14
N SER C 60 -33.21 42.33 -17.45
CA SER C 60 -34.14 41.57 -18.29
C SER C 60 -34.20 40.10 -17.87
N LEU C 61 -33.08 39.54 -17.44
CA LEU C 61 -32.97 38.12 -17.14
C LEU C 61 -33.28 37.76 -15.69
N TRP C 62 -33.66 38.71 -14.84
CA TRP C 62 -33.88 38.37 -13.43
C TRP C 62 -35.11 37.49 -13.22
N ASP C 63 -36.15 37.65 -14.03
CA ASP C 63 -37.33 36.80 -13.87
C ASP C 63 -37.02 35.35 -14.26
N GLN C 64 -36.31 35.15 -15.38
CA GLN C 64 -35.96 33.83 -15.88
C GLN C 64 -34.99 33.08 -14.98
N GLY C 65 -34.42 33.74 -13.97
CA GLY C 65 -33.53 33.08 -13.04
C GLY C 65 -32.04 33.24 -13.32
N ASN C 66 -31.67 33.91 -14.40
CA ASN C 66 -30.27 34.22 -14.66
C ASN C 66 -29.91 35.55 -14.00
N PHE C 67 -28.73 35.63 -13.41
CA PHE C 67 -28.25 36.83 -12.74
C PHE C 67 -26.85 37.20 -13.22
N PRO C 68 -26.72 37.57 -14.50
CA PRO C 68 -25.38 37.76 -15.05
C PRO C 68 -24.72 39.01 -14.51
N LEU C 69 -23.39 38.98 -14.49
CA LEU C 69 -22.55 40.14 -14.20
C LEU C 69 -21.79 40.52 -15.46
N ILE C 70 -21.96 41.76 -15.93
CA ILE C 70 -21.37 42.20 -17.19
C ILE C 70 -20.25 43.17 -16.86
N ILE C 71 -19.06 42.92 -17.42
CA ILE C 71 -17.96 43.87 -17.28
C ILE C 71 -17.52 44.25 -18.68
N LYS C 72 -17.55 45.55 -18.97
CA LYS C 72 -17.15 46.11 -20.25
C LYS C 72 -15.85 46.88 -20.08
N ASN C 73 -15.12 47.00 -21.18
CA ASN C 73 -13.81 47.67 -21.20
C ASN C 73 -12.91 47.07 -20.11
N LEU C 74 -12.69 45.76 -20.24
CA LEU C 74 -11.88 45.03 -19.28
C LEU C 74 -10.49 45.63 -19.12
N LYS C 75 -10.00 45.59 -17.88
CA LYS C 75 -8.63 45.96 -17.57
C LYS C 75 -7.95 44.74 -16.93
N ILE C 76 -6.63 44.73 -16.96
CA ILE C 76 -5.92 43.60 -16.36
C ILE C 76 -6.18 43.56 -14.86
N GLU C 77 -6.23 44.73 -14.23
CA GLU C 77 -6.50 44.78 -12.79
C GLU C 77 -7.87 44.21 -12.44
N ASP C 78 -8.76 44.08 -13.41
CA ASP C 78 -10.06 43.47 -13.14
C ASP C 78 -9.93 41.98 -12.89
N SER C 79 -8.90 41.35 -13.45
CA SER C 79 -8.73 39.91 -13.31
C SER C 79 -8.64 39.52 -11.84
N ASP C 80 -9.56 38.67 -11.40
CA ASP C 80 -9.73 38.35 -9.99
C ASP C 80 -10.76 37.22 -9.94
N THR C 81 -11.05 36.75 -8.73
CA THR C 81 -12.10 35.77 -8.50
C THR C 81 -13.35 36.48 -7.97
N TYR C 82 -14.49 36.21 -8.61
CA TYR C 82 -15.76 36.83 -8.27
C TYR C 82 -16.73 35.75 -7.78
N ILE C 83 -17.68 36.15 -6.94
CA ILE C 83 -18.61 35.24 -6.30
C ILE C 83 -20.03 35.77 -6.44
N CYS C 84 -20.92 34.95 -6.99
CA CYS C 84 -22.36 35.18 -6.99
C CYS C 84 -22.93 34.58 -5.71
N GLU C 85 -23.68 35.38 -4.96
CA GLU C 85 -24.21 34.99 -3.66
C GLU C 85 -25.73 35.17 -3.67
N VAL C 86 -26.43 34.05 -3.76
CA VAL C 86 -27.81 33.97 -3.29
C VAL C 86 -27.74 33.38 -1.89
N GLU C 87 -28.72 33.74 -1.05
CA GLU C 87 -28.57 33.52 0.39
C GLU C 87 -28.35 32.06 0.75
N ASP C 88 -28.59 31.13 -0.16
CA ASP C 88 -28.48 29.70 0.12
C ASP C 88 -27.08 29.17 -0.15
N GLN C 89 -26.54 29.42 -1.34
CA GLN C 89 -25.22 28.93 -1.72
C GLN C 89 -24.54 29.96 -2.62
N LYS C 90 -23.23 29.81 -2.78
CA LYS C 90 -22.42 30.74 -3.57
C LYS C 90 -21.76 30.03 -4.74
N GLU C 91 -21.86 30.63 -5.92
CA GLU C 91 -21.18 30.17 -7.13
C GLU C 91 -19.95 31.03 -7.39
N GLU C 92 -18.83 30.39 -7.72
CA GLU C 92 -17.56 31.10 -7.84
C GLU C 92 -17.00 31.01 -9.26
N VAL C 93 -16.54 32.15 -9.78
CA VAL C 93 -16.01 32.25 -11.14
C VAL C 93 -14.72 33.07 -11.12
N GLN C 94 -13.64 32.50 -11.63
CA GLN C 94 -12.33 33.13 -11.65
C GLN C 94 -12.08 33.75 -13.02
N LEU C 95 -11.61 35.00 -13.02
CA LEU C 95 -11.45 35.80 -14.23
C LEU C 95 -9.99 36.23 -14.38
N LEU C 96 -9.43 35.99 -15.56
CA LEU C 96 -8.13 36.52 -15.94
C LEU C 96 -8.28 37.34 -17.21
N VAL C 97 -7.69 38.53 -17.22
CA VAL C 97 -7.75 39.42 -18.36
C VAL C 97 -6.33 39.63 -18.86
N PHE C 98 -6.10 39.34 -20.13
CA PHE C 98 -4.81 39.68 -20.74
C PHE C 98 -4.94 40.89 -21.65
N GLY C 99 -3.79 41.37 -22.10
CA GLY C 99 -3.75 42.44 -23.06
C GLY C 99 -2.46 42.34 -23.86
N LEU C 100 -2.48 42.94 -25.05
CA LEU C 100 -1.30 42.95 -25.90
C LEU C 100 -1.07 44.36 -26.40
N THR C 101 0.17 44.84 -26.30
CA THR C 101 0.48 46.20 -26.75
C THR C 101 1.83 46.19 -27.44
N ALA C 102 2.04 47.18 -28.31
CA ALA C 102 3.22 47.21 -29.18
C ALA C 102 4.01 48.49 -28.99
N ASN C 103 5.29 48.33 -28.64
CA ASN C 103 6.24 49.43 -28.48
C ASN C 103 7.21 49.45 -29.65
N SER C 104 8.04 50.50 -29.66
CA SER C 104 8.99 50.68 -30.77
C SER C 104 10.17 51.51 -30.27
N ASP C 105 11.33 50.87 -30.16
CA ASP C 105 12.57 51.57 -29.81
C ASP C 105 13.39 51.86 -31.06
N GLN C 112 11.80 49.00 -39.23
CA GLN C 112 13.07 48.39 -38.86
C GLN C 112 12.90 47.32 -37.78
N SER C 113 12.51 47.74 -36.58
CA SER C 113 12.41 46.86 -35.42
C SER C 113 11.13 47.15 -34.66
N LEU C 114 10.58 46.12 -34.00
CA LEU C 114 9.33 46.28 -33.26
C LEU C 114 9.36 45.45 -31.99
N THR C 115 8.61 45.88 -30.97
CA THR C 115 8.56 45.13 -29.72
C THR C 115 7.12 44.93 -29.28
N LEU C 116 6.79 43.75 -28.76
CA LEU C 116 5.46 43.42 -28.26
C LEU C 116 5.54 43.04 -26.79
N THR C 117 4.66 43.63 -25.98
CA THR C 117 4.56 43.29 -24.57
C THR C 117 3.17 42.74 -24.26
N LEU C 118 3.14 41.60 -23.59
CA LEU C 118 1.90 40.94 -23.17
C LEU C 118 1.60 41.38 -21.74
N GLU C 119 0.56 42.17 -21.57
CA GLU C 119 0.13 42.63 -20.26
C GLU C 119 -0.63 41.50 -19.56
N SER C 120 -0.14 41.11 -18.39
CA SER C 120 -0.52 39.91 -17.69
C SER C 120 -0.94 40.20 -16.26
N PRO C 121 -1.91 39.45 -15.75
CA PRO C 121 -2.29 39.57 -14.33
C PRO C 121 -1.26 38.91 -13.44
N PRO C 122 -1.32 39.15 -12.13
CA PRO C 122 -0.27 38.64 -11.24
C PRO C 122 -0.37 37.14 -11.04
N GLY C 123 0.79 36.50 -10.92
CA GLY C 123 0.83 35.08 -10.65
C GLY C 123 0.53 34.21 -11.83
N SER C 124 0.25 34.77 -13.00
CA SER C 124 -0.02 33.95 -14.15
C SER C 124 1.26 33.28 -14.65
N SER C 125 1.09 32.22 -15.44
CA SER C 125 2.20 31.50 -16.04
C SER C 125 1.94 31.30 -17.53
N PRO C 126 1.87 32.38 -18.31
CA PRO C 126 1.42 32.25 -19.69
C PRO C 126 2.56 32.09 -20.68
N SER C 127 2.25 31.36 -21.75
CA SER C 127 3.16 31.19 -22.88
C SER C 127 2.46 31.72 -24.13
N VAL C 128 3.23 32.37 -25.01
CA VAL C 128 2.66 33.07 -26.15
C VAL C 128 3.44 32.73 -27.41
N GLN C 129 2.73 32.17 -28.39
CA GLN C 129 3.26 31.92 -29.72
C GLN C 129 2.62 32.92 -30.67
N CYS C 130 3.32 33.26 -31.74
CA CYS C 130 2.82 34.28 -32.65
C CYS C 130 3.18 33.95 -34.09
N ARG C 131 2.18 33.98 -34.97
CA ARG C 131 2.33 33.60 -36.37
C ARG C 131 2.26 34.83 -37.27
N SER C 132 3.18 34.91 -38.23
CA SER C 132 3.28 36.01 -39.17
C SER C 132 2.17 35.91 -40.21
N PRO C 133 2.00 36.93 -41.06
CA PRO C 133 1.05 36.78 -42.17
C PRO C 133 1.51 35.76 -43.18
N ARG C 134 2.81 35.72 -43.49
CA ARG C 134 3.34 34.69 -44.37
C ARG C 134 3.32 33.32 -43.71
N GLY C 135 3.20 33.27 -42.38
CA GLY C 135 3.12 32.03 -41.63
C GLY C 135 4.27 31.78 -40.69
N LYS C 136 5.27 32.67 -40.69
CA LYS C 136 6.40 32.52 -39.77
C LYS C 136 5.92 32.61 -38.33
N ASN C 137 6.35 31.66 -37.52
CA ASN C 137 5.93 31.60 -36.12
C ASN C 137 7.03 32.15 -35.22
N ILE C 138 6.65 33.04 -34.31
CA ILE C 138 7.57 33.65 -33.36
C ILE C 138 7.00 33.37 -31.97
N GLN C 139 7.67 32.52 -31.22
CA GLN C 139 7.23 32.07 -29.90
C GLN C 139 8.03 32.78 -28.83
N GLY C 140 7.37 33.11 -27.72
CA GLY C 140 8.04 33.83 -26.66
C GLY C 140 7.26 33.77 -25.36
N GLY C 141 7.80 34.45 -24.35
CA GLY C 141 7.20 34.49 -23.04
C GLY C 141 6.33 35.72 -22.88
N LYS C 142 6.59 36.52 -21.84
CA LYS C 142 5.78 37.72 -21.62
C LYS C 142 6.09 38.84 -22.60
N THR C 143 7.29 38.88 -23.18
CA THR C 143 7.68 39.90 -24.15
C THR C 143 8.28 39.26 -25.40
N LEU C 144 7.85 39.73 -26.57
CA LEU C 144 8.38 39.28 -27.86
C LEU C 144 9.08 40.44 -28.58
N SER C 145 10.11 40.11 -29.35
CA SER C 145 10.90 41.11 -30.06
C SER C 145 10.96 40.74 -31.54
N VAL C 146 10.53 41.66 -32.40
CA VAL C 146 10.56 41.49 -33.84
C VAL C 146 11.82 42.21 -34.33
N SER C 147 12.93 41.45 -34.41
CA SER C 147 14.25 42.03 -34.64
C SER C 147 14.41 42.53 -36.07
N GLN C 148 14.21 41.64 -37.05
CA GLN C 148 14.47 41.95 -38.44
C GLN C 148 13.17 41.81 -39.22
N LEU C 149 12.82 42.87 -39.95
CA LEU C 149 11.61 42.88 -40.77
C LEU C 149 11.93 43.24 -42.20
N GLU C 150 11.30 42.53 -43.12
CA GLU C 150 11.37 42.79 -44.54
C GLU C 150 10.05 43.39 -44.98
N LEU C 151 10.06 44.08 -46.11
CA LEU C 151 8.86 44.78 -46.55
C LEU C 151 7.70 43.82 -46.82
N GLN C 152 8.00 42.62 -47.35
CA GLN C 152 6.95 41.67 -47.70
C GLN C 152 6.09 41.29 -46.49
N ASP C 153 6.71 41.05 -45.34
CA ASP C 153 6.00 40.52 -44.17
C ASP C 153 5.38 41.65 -43.34
N SER C 154 4.43 42.37 -43.95
CA SER C 154 3.87 43.56 -43.33
C SER C 154 2.35 43.50 -43.24
N GLY C 155 1.78 42.31 -43.10
CA GLY C 155 0.33 42.15 -43.02
C GLY C 155 -0.20 42.24 -41.60
N THR C 156 -1.32 41.55 -41.36
CA THR C 156 -1.91 41.46 -40.03
C THR C 156 -1.35 40.23 -39.33
N TRP C 157 -0.60 40.46 -38.26
CA TRP C 157 -0.07 39.36 -37.47
C TRP C 157 -1.10 38.90 -36.44
N THR C 158 -0.96 37.65 -36.02
CA THR C 158 -1.89 37.00 -35.10
C THR C 158 -1.10 36.31 -33.99
N CYS C 159 -1.29 36.74 -32.75
CA CYS C 159 -0.63 36.19 -31.58
C CYS C 159 -1.68 35.48 -30.72
N THR C 160 -1.46 34.20 -30.45
CA THR C 160 -2.35 33.46 -29.59
C THR C 160 -1.67 33.19 -28.24
N VAL C 161 -2.35 33.57 -27.16
CA VAL C 161 -1.83 33.53 -25.80
C VAL C 161 -2.49 32.38 -25.05
N LEU C 162 -1.69 31.60 -24.32
CA LEU C 162 -2.19 30.41 -23.64
C LEU C 162 -1.76 30.39 -22.18
N GLN C 163 -2.74 30.22 -21.29
CA GLN C 163 -2.51 30.00 -19.87
C GLN C 163 -3.10 28.65 -19.51
N ASN C 164 -2.25 27.72 -19.05
CA ASN C 164 -2.67 26.35 -18.76
C ASN C 164 -3.41 25.80 -19.97
N GLN C 165 -4.74 25.63 -19.84
CA GLN C 165 -5.54 25.03 -20.90
C GLN C 165 -6.44 26.02 -21.65
N LYS C 166 -6.46 27.29 -21.27
CA LYS C 166 -7.35 28.27 -21.88
C LYS C 166 -6.54 29.29 -22.69
N LYS C 167 -7.04 29.64 -23.89
CA LYS C 167 -6.34 30.52 -24.80
C LYS C 167 -7.19 31.71 -25.22
N VAL C 168 -6.50 32.76 -25.67
CA VAL C 168 -7.11 34.01 -26.17
C VAL C 168 -6.32 34.49 -27.39
N GLU C 169 -7.03 34.97 -28.40
CA GLU C 169 -6.40 35.38 -29.66
C GLU C 169 -6.35 36.90 -29.79
N PHE C 170 -5.18 37.42 -30.16
CA PHE C 170 -4.94 38.83 -30.40
C PHE C 170 -4.55 38.99 -31.87
N LYS C 171 -5.01 40.07 -32.50
CA LYS C 171 -4.61 40.40 -33.87
C LYS C 171 -4.09 41.82 -33.89
N ILE C 172 -2.91 42.04 -34.45
CA ILE C 172 -2.39 43.40 -34.57
C ILE C 172 -1.61 43.55 -35.87
N ASP C 173 -1.68 44.76 -36.44
CA ASP C 173 -1.03 45.10 -37.69
C ASP C 173 0.42 45.54 -37.49
N ILE C 174 1.27 45.16 -38.44
CA ILE C 174 2.65 45.61 -38.51
C ILE C 174 2.85 46.30 -39.85
N VAL C 175 3.40 47.50 -39.82
CA VAL C 175 3.70 48.25 -41.03
C VAL C 175 5.18 48.56 -41.03
N VAL C 176 5.86 48.15 -42.09
CA VAL C 176 7.29 48.38 -42.25
C VAL C 176 7.49 49.54 -43.21
N LEU C 177 8.23 50.55 -42.77
CA LEU C 177 8.52 51.70 -43.62
C LEU C 177 9.52 51.32 -44.70
N ALA C 178 9.30 51.86 -45.89
CA ALA C 178 10.15 51.58 -47.03
C ALA C 178 11.56 52.11 -46.81
N PHE C 179 11.71 53.42 -46.85
CA PHE C 179 13.05 54.00 -46.91
C PHE C 179 13.78 53.96 -45.60
N GLN C 180 13.30 53.21 -44.62
CA GLN C 180 14.12 52.90 -43.44
C GLN C 180 15.13 51.82 -43.87
N LYS C 181 15.88 51.27 -42.91
CA LYS C 181 16.95 50.36 -43.27
C LYS C 181 16.45 49.00 -43.73
N ALA C 182 15.16 48.73 -43.57
CA ALA C 182 14.62 47.45 -44.00
C ALA C 182 14.64 47.35 -45.52
N SER C 183 14.98 46.17 -46.03
CA SER C 183 15.07 45.92 -47.45
C SER C 183 13.78 45.26 -47.97
N SER C 184 13.61 45.30 -49.29
CA SER C 184 12.50 44.64 -49.94
C SER C 184 13.03 43.53 -50.83
N ILE C 185 12.35 42.39 -50.82
CA ILE C 185 12.74 41.28 -51.70
C ILE C 185 11.49 40.49 -52.04
N VAL C 186 11.42 40.02 -53.28
CA VAL C 186 10.32 39.20 -53.78
C VAL C 186 10.89 38.04 -54.57
N TYR C 187 10.41 36.83 -54.28
CA TYR C 187 10.80 35.61 -54.97
C TYR C 187 9.58 35.10 -55.75
N LYS C 188 9.70 35.01 -57.07
CA LYS C 188 8.58 34.61 -57.91
C LYS C 188 8.99 33.54 -58.92
N LYS C 189 8.09 32.57 -59.10
CA LYS C 189 8.20 31.63 -60.20
C LYS C 189 7.90 32.34 -61.52
N GLU C 190 8.49 31.85 -62.60
CA GLU C 190 8.38 32.52 -63.90
C GLU C 190 6.93 32.61 -64.35
N GLY C 191 6.53 33.79 -64.82
CA GLY C 191 5.21 34.02 -65.37
C GLY C 191 4.25 34.73 -64.44
N GLU C 192 4.57 34.80 -63.16
CA GLU C 192 3.70 35.45 -62.19
C GLU C 192 3.88 36.97 -62.21
N GLN C 193 2.80 37.68 -61.91
CA GLN C 193 2.90 39.13 -61.80
C GLN C 193 3.60 39.50 -60.50
N VAL C 194 4.42 40.55 -60.57
CA VAL C 194 5.26 40.95 -59.45
C VAL C 194 4.70 42.22 -58.83
N GLU C 195 4.66 42.26 -57.50
CA GLU C 195 4.11 43.39 -56.75
C GLU C 195 5.17 43.92 -55.81
N PHE C 196 5.43 45.23 -55.86
CA PHE C 196 6.27 45.91 -54.89
C PHE C 196 5.47 47.05 -54.27
N SER C 197 5.57 47.18 -52.95
CA SER C 197 4.92 48.27 -52.23
C SER C 197 5.97 48.97 -51.37
N PHE C 198 5.88 50.30 -51.33
CA PHE C 198 6.77 51.15 -50.54
C PHE C 198 5.90 52.06 -49.68
N PRO C 199 5.41 51.55 -48.55
CA PRO C 199 4.58 52.39 -47.67
C PRO C 199 5.36 53.57 -47.15
N LEU C 200 4.73 54.74 -47.20
CA LEU C 200 5.38 55.97 -46.77
C LEU C 200 5.04 56.29 -45.32
N ALA C 201 6.00 56.93 -44.65
CA ALA C 201 5.78 57.39 -43.29
C ALA C 201 4.72 58.48 -43.28
N PHE C 202 3.95 58.55 -42.18
CA PHE C 202 2.86 59.50 -42.13
C PHE C 202 3.33 60.95 -42.14
N THR C 203 4.60 61.20 -41.79
CA THR C 203 5.09 62.57 -41.75
C THR C 203 5.29 63.13 -43.16
N VAL C 204 5.83 62.31 -44.07
CA VAL C 204 6.20 62.77 -45.40
C VAL C 204 5.13 62.45 -46.44
N GLU C 205 4.05 61.76 -46.06
CA GLU C 205 3.09 61.31 -47.04
C GLU C 205 2.39 62.46 -47.73
N LYS C 206 2.11 63.55 -47.00
CA LYS C 206 1.53 64.74 -47.62
C LYS C 206 2.55 65.54 -48.41
N LEU C 207 3.80 65.51 -47.96
CA LEU C 207 4.89 66.27 -48.58
C LEU C 207 5.11 65.81 -50.03
N THR C 208 5.83 66.65 -50.79
CA THR C 208 6.01 66.48 -52.23
C THR C 208 7.48 66.28 -52.60
N GLY C 209 7.70 65.50 -53.65
CA GLY C 209 9.04 65.18 -54.12
C GLY C 209 9.03 64.52 -55.47
N SER C 210 10.19 63.99 -55.86
CA SER C 210 10.34 63.28 -57.12
C SER C 210 11.25 62.07 -56.90
N GLY C 211 11.08 61.04 -57.74
CA GLY C 211 11.89 59.84 -57.54
C GLY C 211 12.01 59.01 -58.80
N GLU C 212 12.90 58.02 -58.74
CA GLU C 212 13.04 57.04 -59.81
C GLU C 212 13.67 55.77 -59.28
N LEU C 213 13.58 54.72 -60.10
CA LEU C 213 14.04 53.37 -59.73
C LEU C 213 15.06 52.87 -60.74
N TRP C 214 16.26 52.53 -60.25
CA TRP C 214 17.31 51.90 -61.04
C TRP C 214 17.31 50.39 -60.78
N TRP C 215 17.56 49.61 -61.83
CA TRP C 215 17.58 48.16 -61.73
C TRP C 215 18.75 47.59 -62.53
N GLN C 216 19.18 46.38 -62.16
CA GLN C 216 20.19 45.65 -62.90
C GLN C 216 19.70 44.24 -63.18
N ALA C 217 19.91 43.78 -64.40
CA ALA C 217 19.41 42.48 -64.87
C ALA C 217 20.45 41.38 -64.69
N GLU C 218 20.21 40.23 -65.33
CA GLU C 218 21.19 39.15 -65.32
C GLU C 218 22.53 39.63 -65.87
N ARG C 219 22.51 40.43 -66.94
CA ARG C 219 23.73 41.04 -67.46
C ARG C 219 23.98 42.35 -66.72
N ALA C 220 25.19 42.50 -66.20
CA ALA C 220 25.61 43.72 -65.51
C ALA C 220 26.12 44.81 -66.45
N SER C 221 25.96 44.62 -67.77
CA SER C 221 26.51 45.60 -68.71
C SER C 221 25.88 46.98 -68.52
N SER C 222 24.57 47.01 -68.27
CA SER C 222 23.79 48.24 -68.22
C SER C 222 22.89 48.22 -66.99
N SER C 223 22.60 49.43 -66.47
CA SER C 223 21.62 49.62 -65.39
C SER C 223 20.43 50.41 -65.95
N LYS C 224 19.28 49.74 -66.07
CA LYS C 224 18.22 50.19 -66.96
C LYS C 224 17.57 51.50 -66.53
N SER C 225 17.33 51.68 -65.22
CA SER C 225 16.63 52.86 -64.70
C SER C 225 15.19 52.91 -65.22
N TRP C 226 14.37 52.01 -64.66
CA TRP C 226 13.05 51.73 -65.23
C TRP C 226 12.16 52.98 -65.37
N ILE C 227 11.86 53.69 -64.28
CA ILE C 227 10.87 54.77 -64.36
C ILE C 227 11.26 55.97 -63.50
N THR C 228 10.79 57.14 -63.93
CA THR C 228 10.86 58.40 -63.19
C THR C 228 9.44 58.88 -62.92
N PHE C 229 9.20 59.38 -61.71
CA PHE C 229 7.86 59.71 -61.26
C PHE C 229 7.91 60.92 -60.34
N ASP C 230 6.79 61.62 -60.27
CA ASP C 230 6.66 62.87 -59.53
C ASP C 230 5.52 62.71 -58.52
N LEU C 231 5.69 63.30 -57.33
CA LEU C 231 4.73 63.20 -56.24
C LEU C 231 4.41 64.61 -55.77
N LYS C 232 3.16 65.03 -55.97
CA LYS C 232 2.68 66.31 -55.49
C LYS C 232 1.37 66.10 -54.75
N ASN C 233 1.19 66.83 -53.65
CA ASN C 233 0.05 66.64 -52.75
C ASN C 233 0.09 65.20 -52.31
N LYS C 234 -0.94 64.40 -52.57
CA LYS C 234 -0.93 62.95 -52.34
C LYS C 234 -1.17 62.23 -53.66
N GLU C 235 -0.63 62.79 -54.74
CA GLU C 235 -0.92 62.38 -56.11
C GLU C 235 0.38 61.92 -56.77
N VAL C 236 0.38 60.69 -57.28
CA VAL C 236 1.55 60.13 -57.94
C VAL C 236 1.30 60.13 -59.44
N SER C 237 2.16 60.83 -60.17
CA SER C 237 2.13 60.89 -61.62
C SER C 237 3.48 60.45 -62.15
N VAL C 238 3.48 59.83 -63.32
CA VAL C 238 4.69 59.25 -63.88
C VAL C 238 5.33 60.24 -64.85
N LYS C 239 6.66 60.33 -64.80
CA LYS C 239 7.40 61.16 -65.75
C LYS C 239 7.93 60.35 -66.93
N ARG C 240 8.45 59.15 -66.70
CA ARG C 240 8.95 58.33 -67.79
C ARG C 240 8.93 56.86 -67.41
N VAL C 241 8.65 55.99 -68.39
CA VAL C 241 8.62 54.55 -68.20
C VAL C 241 9.37 53.89 -69.36
N THR C 242 10.16 52.85 -69.05
CA THR C 242 10.77 52.07 -70.12
C THR C 242 9.75 51.13 -70.74
N GLN C 243 9.87 50.93 -72.04
CA GLN C 243 8.99 50.00 -72.74
C GLN C 243 9.21 48.56 -72.27
N ASP C 244 10.40 48.23 -71.78
CA ASP C 244 10.77 46.81 -71.64
C ASP C 244 9.96 46.15 -70.52
N PRO C 245 10.06 46.55 -69.25
CA PRO C 245 9.01 46.15 -68.30
C PRO C 245 7.78 47.03 -68.46
N LYS C 246 6.62 46.41 -68.65
CA LYS C 246 5.36 47.16 -68.75
C LYS C 246 4.90 47.52 -67.33
N LEU C 247 5.67 48.40 -66.70
CA LEU C 247 5.41 48.77 -65.32
C LEU C 247 4.10 49.54 -65.18
N GLN C 248 3.42 49.31 -64.07
CA GLN C 248 2.24 50.07 -63.69
C GLN C 248 2.53 50.80 -62.38
N MET C 249 2.41 52.12 -62.41
CA MET C 249 2.57 52.95 -61.22
C MET C 249 1.20 53.40 -60.76
N GLY C 250 0.89 53.09 -59.49
CA GLY C 250 -0.41 53.45 -58.96
C GLY C 250 -0.57 54.96 -58.86
N LYS C 251 -1.65 55.47 -59.43
CA LYS C 251 -1.99 56.88 -59.24
C LYS C 251 -2.29 57.16 -57.77
N LYS C 252 -2.80 56.16 -57.06
CA LYS C 252 -3.19 56.32 -55.68
C LYS C 252 -1.95 56.51 -54.79
N LEU C 253 -2.18 57.09 -53.62
CA LEU C 253 -1.07 57.54 -52.79
C LEU C 253 -0.14 56.42 -52.32
N PRO C 254 -0.62 55.25 -51.86
CA PRO C 254 0.33 54.20 -51.47
C PRO C 254 1.24 53.82 -52.62
N LEU C 255 2.54 54.06 -52.43
CA LEU C 255 3.52 53.88 -53.50
C LEU C 255 3.54 52.44 -53.94
N HIS C 256 2.78 52.14 -55.00
CA HIS C 256 2.56 50.79 -55.47
C HIS C 256 3.14 50.66 -56.86
N LEU C 257 3.87 49.57 -57.11
CA LEU C 257 4.49 49.34 -58.40
C LEU C 257 4.23 47.89 -58.77
N THR C 258 3.75 47.65 -59.99
CA THR C 258 3.47 46.29 -60.41
C THR C 258 4.20 46.00 -61.71
N LEU C 259 4.77 44.82 -61.80
CA LEU C 259 5.38 44.23 -62.98
C LEU C 259 4.42 43.22 -63.59
N PRO C 260 4.19 43.27 -64.90
CA PRO C 260 3.10 42.45 -65.48
C PRO C 260 3.27 40.96 -65.30
N GLN C 261 4.45 40.41 -65.59
CA GLN C 261 4.73 39.00 -65.33
C GLN C 261 6.21 38.84 -65.08
N ALA C 262 6.55 37.93 -64.18
CA ALA C 262 7.94 37.70 -63.81
C ALA C 262 8.62 36.93 -64.93
N LEU C 263 9.80 37.39 -65.33
CA LEU C 263 10.60 36.75 -66.35
C LEU C 263 12.04 36.73 -65.87
N PRO C 264 12.87 35.82 -66.38
CA PRO C 264 14.26 35.76 -65.90
C PRO C 264 15.04 37.02 -66.17
N GLN C 265 14.86 37.65 -67.34
CA GLN C 265 15.60 38.86 -67.63
C GLN C 265 15.25 39.99 -66.66
N TYR C 266 14.04 39.98 -66.11
CA TYR C 266 13.61 40.98 -65.12
C TYR C 266 14.01 40.58 -63.70
N ALA C 267 15.32 40.41 -63.47
CA ALA C 267 15.75 39.98 -62.14
C ALA C 267 17.07 40.65 -61.80
N GLY C 268 17.32 40.82 -60.51
CA GLY C 268 18.50 41.49 -60.02
C GLY C 268 18.18 42.56 -58.99
N SER C 269 19.26 43.10 -58.41
CA SER C 269 19.16 44.14 -57.39
C SER C 269 18.80 45.48 -58.00
N GLY C 270 18.12 46.31 -57.20
CA GLY C 270 17.77 47.65 -57.62
C GLY C 270 17.71 48.65 -56.46
N ASN C 271 17.89 49.91 -56.83
CA ASN C 271 17.85 51.04 -55.90
C ASN C 271 16.68 51.95 -56.29
N LEU C 272 15.84 52.31 -55.32
CA LEU C 272 14.76 53.25 -55.58
C LEU C 272 15.07 54.51 -54.79
N THR C 273 15.19 55.63 -55.49
CA THR C 273 15.61 56.90 -54.90
C THR C 273 14.47 57.89 -54.95
N LEU C 274 14.10 58.42 -53.79
CA LEU C 274 13.10 59.47 -53.65
C LEU C 274 13.74 60.66 -52.97
N ALA C 275 13.66 61.83 -53.61
CA ALA C 275 14.05 63.10 -53.05
C ALA C 275 12.82 63.97 -52.92
N LEU C 276 12.97 65.07 -52.18
CA LEU C 276 11.84 65.92 -51.82
C LEU C 276 12.30 67.36 -51.84
N GLU C 277 11.51 68.24 -52.48
CA GLU C 277 11.91 69.64 -52.56
C GLU C 277 12.00 70.29 -51.20
N ALA C 278 11.32 69.75 -50.19
CA ALA C 278 11.37 70.30 -48.85
C ALA C 278 12.77 70.19 -48.26
N LYS C 279 13.16 68.98 -47.83
CA LYS C 279 14.38 68.79 -47.05
C LYS C 279 15.62 68.53 -47.91
N THR C 280 15.44 68.24 -49.19
CA THR C 280 16.54 67.97 -50.13
C THR C 280 17.60 67.07 -49.51
N GLY C 281 17.15 65.90 -49.06
CA GLY C 281 18.02 64.83 -48.61
C GLY C 281 17.66 63.54 -49.30
N LYS C 282 18.59 63.00 -50.09
CA LYS C 282 18.30 61.85 -50.92
C LYS C 282 17.95 60.63 -50.06
N LEU C 283 16.74 60.10 -50.27
CA LEU C 283 16.29 58.87 -49.60
C LEU C 283 16.41 57.71 -50.57
N HIS C 284 16.95 56.60 -50.11
CA HIS C 284 17.16 55.42 -50.94
C HIS C 284 16.44 54.21 -50.34
N GLN C 285 16.26 53.18 -51.17
CA GLN C 285 15.64 51.95 -50.71
C GLN C 285 16.11 50.79 -51.59
N GLU C 286 16.43 49.66 -50.98
CA GLU C 286 17.00 48.52 -51.67
C GLU C 286 15.94 47.46 -51.94
N VAL C 287 15.86 47.00 -53.20
CA VAL C 287 14.82 46.09 -53.63
C VAL C 287 15.45 44.98 -54.46
N ASN C 288 15.04 43.74 -54.21
CA ASN C 288 15.53 42.60 -54.97
C ASN C 288 14.38 41.78 -55.52
N LEU C 289 14.61 41.17 -56.69
CA LEU C 289 13.69 40.21 -57.27
C LEU C 289 14.46 38.98 -57.69
N VAL C 290 14.02 37.81 -57.25
CA VAL C 290 14.64 36.53 -57.56
C VAL C 290 13.61 35.68 -58.27
N VAL C 291 14.01 35.06 -59.37
CA VAL C 291 13.07 34.39 -60.26
C VAL C 291 13.49 32.94 -60.44
N MET C 292 12.52 32.03 -60.37
CA MET C 292 12.78 30.62 -60.56
C MET C 292 12.10 30.11 -61.82
N ARG C 293 12.81 29.26 -62.56
CA ARG C 293 12.28 28.56 -63.72
C ARG C 293 12.52 27.08 -63.53
N ALA C 294 11.44 26.31 -63.42
CA ALA C 294 11.54 24.86 -63.20
C ALA C 294 10.60 24.19 -64.19
N THR C 295 11.18 23.54 -65.19
CA THR C 295 10.35 22.99 -66.25
C THR C 295 11.11 21.86 -66.94
N GLN C 296 10.35 21.07 -67.71
CA GLN C 296 10.84 19.86 -68.35
C GLN C 296 10.77 20.01 -69.87
N LEU C 297 11.92 19.84 -70.52
CA LEU C 297 12.04 19.83 -71.97
C LEU C 297 12.30 18.41 -72.44
N GLN C 298 11.31 17.80 -73.10
CA GLN C 298 11.35 16.41 -73.54
C GLN C 298 11.64 15.53 -72.32
N LYS C 299 12.72 14.77 -72.28
CA LYS C 299 13.04 13.92 -71.14
C LYS C 299 13.86 14.63 -70.07
N ASN C 300 14.37 15.83 -70.36
CA ASN C 300 15.19 16.59 -69.44
C ASN C 300 14.32 17.39 -68.50
N LEU C 301 14.79 17.53 -67.25
CA LEU C 301 14.18 18.39 -66.26
C LEU C 301 15.23 19.39 -65.80
N THR C 302 14.90 20.68 -65.84
CA THR C 302 15.86 21.71 -65.50
C THR C 302 15.20 22.73 -64.59
N CYS C 303 15.94 23.15 -63.57
CA CYS C 303 15.46 24.18 -62.63
C CYS C 303 16.61 25.12 -62.36
N GLU C 304 16.44 26.37 -62.77
CA GLU C 304 17.44 27.40 -62.59
C GLU C 304 16.82 28.57 -61.84
N VAL C 305 17.67 29.33 -61.18
CA VAL C 305 17.23 30.49 -60.42
C VAL C 305 18.14 31.65 -60.79
N TRP C 306 17.52 32.81 -60.99
CA TRP C 306 18.23 34.00 -61.43
C TRP C 306 18.01 35.11 -60.42
N GLY C 307 19.04 35.94 -60.27
CA GLY C 307 18.96 37.11 -59.43
C GLY C 307 19.99 37.10 -58.32
N PRO C 308 19.91 38.08 -57.41
CA PRO C 308 20.89 38.16 -56.33
C PRO C 308 20.46 37.35 -55.11
N THR C 309 20.91 36.10 -55.06
CA THR C 309 20.67 35.24 -53.91
C THR C 309 21.96 35.09 -53.12
N SER C 310 21.83 35.13 -51.79
CA SER C 310 22.99 34.89 -50.95
C SER C 310 23.56 33.51 -51.25
N PRO C 311 24.88 33.35 -51.28
CA PRO C 311 25.45 32.04 -51.62
C PRO C 311 25.02 30.95 -50.66
N LYS C 312 24.59 31.30 -49.45
CA LYS C 312 24.37 30.29 -48.41
C LYS C 312 23.20 29.38 -48.74
N LEU C 313 22.21 29.87 -49.50
CA LEU C 313 21.04 29.05 -49.78
C LEU C 313 21.34 27.98 -50.82
N MET C 314 20.49 26.96 -50.86
CA MET C 314 20.73 25.73 -51.60
C MET C 314 19.50 25.37 -52.43
N LEU C 315 19.76 24.85 -53.64
CA LEU C 315 18.74 24.32 -54.53
C LEU C 315 18.65 22.81 -54.40
N SER C 316 17.45 22.28 -54.54
CA SER C 316 17.22 20.85 -54.41
C SER C 316 16.12 20.43 -55.37
N LEU C 317 16.27 19.23 -55.92
CA LEU C 317 15.20 18.56 -56.65
C LEU C 317 14.82 17.29 -55.90
N LYS C 318 13.52 17.11 -55.67
CA LYS C 318 13.09 16.03 -54.78
C LYS C 318 11.66 15.63 -55.09
N LEU C 319 11.41 14.32 -54.99
CA LEU C 319 10.05 13.79 -54.99
C LEU C 319 9.42 13.94 -53.62
N GLU C 320 8.15 14.33 -53.58
CA GLU C 320 7.48 14.57 -52.31
C GLU C 320 7.32 13.30 -51.48
N ASN C 321 7.36 12.13 -52.12
CA ASN C 321 7.35 10.88 -51.38
C ASN C 321 8.71 10.56 -50.77
N LYS C 322 9.78 10.62 -51.57
CA LYS C 322 11.12 10.20 -51.16
C LYS C 322 11.95 11.39 -50.66
N GLU C 323 13.27 11.27 -50.74
CA GLU C 323 14.20 12.28 -50.30
C GLU C 323 14.85 12.96 -51.51
N ALA C 324 15.61 14.01 -51.22
CA ALA C 324 16.23 14.85 -52.25
C ALA C 324 17.08 14.04 -53.23
N LYS C 325 16.61 13.95 -54.48
CA LYS C 325 17.35 13.20 -55.49
C LYS C 325 18.60 13.95 -55.97
N VAL C 326 18.63 15.26 -55.79
CA VAL C 326 19.84 16.04 -56.06
C VAL C 326 19.71 17.37 -55.32
N SER C 327 20.85 17.85 -54.81
CA SER C 327 20.88 19.14 -54.13
C SER C 327 22.28 19.72 -54.21
N LYS C 328 22.36 20.96 -54.65
CA LYS C 328 23.62 21.72 -54.62
C LYS C 328 23.30 23.15 -54.20
N ARG C 329 24.34 23.84 -53.76
CA ARG C 329 24.24 25.23 -53.32
C ARG C 329 24.48 26.21 -54.47
N GLU C 330 24.53 25.72 -55.71
CA GLU C 330 24.85 26.53 -56.88
C GLU C 330 23.58 27.23 -57.40
N LYS C 331 23.68 27.80 -58.61
CA LYS C 331 22.61 28.56 -59.22
C LYS C 331 21.73 27.76 -60.20
N ALA C 332 22.13 26.54 -60.59
CA ALA C 332 21.39 25.77 -61.57
C ALA C 332 21.41 24.29 -61.21
N VAL C 333 20.30 23.58 -61.47
CA VAL C 333 20.18 22.17 -61.17
C VAL C 333 19.48 21.47 -62.33
N TRP C 334 19.96 20.30 -62.72
CA TRP C 334 19.41 19.58 -63.87
C TRP C 334 19.38 18.09 -63.59
N VAL C 335 18.26 17.45 -63.95
CA VAL C 335 18.08 16.02 -63.82
C VAL C 335 17.71 15.43 -65.18
N LEU C 336 18.30 14.29 -65.51
CA LEU C 336 18.03 13.58 -66.75
C LEU C 336 17.35 12.26 -66.45
N ASN C 337 16.35 11.92 -67.27
CA ASN C 337 15.57 10.69 -67.14
C ASN C 337 15.02 10.43 -65.72
N PRO C 338 14.39 11.44 -65.12
CA PRO C 338 13.98 11.29 -63.71
C PRO C 338 12.87 10.27 -63.55
N GLU C 339 12.78 9.70 -62.34
CA GLU C 339 11.72 8.75 -62.05
C GLU C 339 10.36 9.42 -62.22
N ALA C 340 9.37 8.61 -62.61
CA ALA C 340 8.02 9.12 -62.75
C ALA C 340 7.47 9.61 -61.41
N GLY C 341 6.78 10.74 -61.46
CA GLY C 341 6.21 11.34 -60.27
C GLY C 341 6.16 12.85 -60.40
N MET C 342 5.63 13.48 -59.35
CA MET C 342 5.51 14.94 -59.25
C MET C 342 6.73 15.45 -58.48
N TRP C 343 7.77 15.87 -59.19
CA TRP C 343 8.96 16.38 -58.54
C TRP C 343 8.78 17.83 -58.10
N GLN C 344 9.77 18.34 -57.39
CA GLN C 344 9.73 19.70 -56.89
C GLN C 344 11.14 20.27 -56.80
N CYS C 345 11.26 21.56 -57.10
CA CYS C 345 12.51 22.31 -57.02
C CYS C 345 12.41 23.37 -55.94
N LEU C 346 13.40 23.39 -55.05
CA LEU C 346 13.39 24.24 -53.88
C LEU C 346 14.68 25.04 -53.79
N LEU C 347 14.57 26.35 -53.64
CA LEU C 347 15.69 27.20 -53.22
C LEU C 347 15.39 27.68 -51.82
N SER C 348 16.25 27.31 -50.87
CA SER C 348 15.93 27.48 -49.46
C SER C 348 17.19 27.76 -48.66
N ASP C 349 17.02 28.47 -47.55
CA ASP C 349 18.06 28.57 -46.54
C ASP C 349 17.93 27.36 -45.60
N SER C 350 18.69 27.37 -44.50
CA SER C 350 18.69 26.26 -43.56
C SER C 350 17.29 25.99 -42.98
N GLY C 351 16.58 27.05 -42.58
CA GLY C 351 15.35 26.82 -41.85
C GLY C 351 14.03 26.80 -42.61
N GLN C 352 13.90 27.60 -43.67
CA GLN C 352 12.63 27.69 -44.38
C GLN C 352 12.92 27.68 -45.87
N VAL C 353 11.88 27.37 -46.65
CA VAL C 353 11.99 27.27 -48.11
C VAL C 353 11.53 28.58 -48.73
N LEU C 354 12.47 29.27 -49.39
CA LEU C 354 12.14 30.54 -50.00
C LEU C 354 11.28 30.37 -51.24
N LEU C 355 11.68 29.45 -52.13
CA LEU C 355 10.93 29.20 -53.36
C LEU C 355 10.76 27.71 -53.59
N GLU C 356 9.53 27.31 -53.91
CA GLU C 356 9.18 25.94 -54.26
C GLU C 356 8.37 25.94 -55.55
N SER C 357 8.77 25.09 -56.49
CA SER C 357 8.06 24.90 -57.75
C SER C 357 7.75 23.43 -57.94
N ASN C 358 6.50 23.13 -58.32
CA ASN C 358 6.01 21.77 -58.46
C ASN C 358 5.89 21.41 -59.95
N ILE C 359 6.51 20.29 -60.35
CA ILE C 359 6.52 19.83 -61.74
C ILE C 359 6.12 18.37 -61.84
N LYS C 360 5.58 18.00 -63.01
CA LYS C 360 5.16 16.65 -63.34
C LYS C 360 6.05 16.09 -64.44
N VAL C 361 6.63 14.91 -64.20
CA VAL C 361 7.44 14.25 -65.22
C VAL C 361 6.58 13.23 -65.97
N ASP D 1 -4.47 -27.35 25.38
CA ASP D 1 -4.10 -26.87 24.06
C ASP D 1 -2.96 -25.86 24.17
N ILE D 2 -2.48 -25.40 23.04
CA ILE D 2 -1.39 -24.44 22.95
C ILE D 2 -1.99 -23.07 22.69
N VAL D 3 -1.78 -22.14 23.62
CA VAL D 3 -2.33 -20.78 23.52
C VAL D 3 -1.38 -19.90 22.72
N MET D 4 -1.88 -19.34 21.63
CA MET D 4 -1.14 -18.38 20.82
C MET D 4 -1.60 -16.98 21.20
N THR D 5 -0.64 -16.05 21.31
CA THR D 5 -0.95 -14.67 21.65
C THR D 5 -0.17 -13.74 20.73
N GLN D 6 -0.87 -12.80 20.10
CA GLN D 6 -0.26 -11.91 19.11
C GLN D 6 -0.26 -10.48 19.60
N SER D 7 0.90 -9.83 19.52
CA SER D 7 1.05 -8.42 19.83
C SER D 7 1.65 -7.69 18.62
N PRO D 8 1.16 -6.49 18.27
CA PRO D 8 0.17 -5.72 19.02
C PRO D 8 -1.28 -6.04 18.66
N ASP D 9 -2.21 -5.42 19.38
CA ASP D 9 -3.63 -5.53 19.05
C ASP D 9 -3.88 -5.11 17.60
N SER D 10 -3.58 -3.86 17.28
CA SER D 10 -3.58 -3.37 15.92
C SER D 10 -2.36 -2.49 15.74
N LEU D 11 -1.89 -2.36 14.50
CA LEU D 11 -0.73 -1.54 14.23
C LEU D 11 -1.04 -0.61 13.06
N ALA D 12 -0.66 0.65 13.22
CA ALA D 12 -0.80 1.67 12.20
C ALA D 12 0.59 2.04 11.67
N VAL D 13 0.77 1.92 10.36
CA VAL D 13 2.09 2.11 9.75
C VAL D 13 2.01 3.12 8.61
N SER D 14 3.07 3.91 8.47
CA SER D 14 3.19 4.84 7.36
C SER D 14 3.61 4.09 6.10
N LEU D 15 3.42 4.74 4.96
CA LEU D 15 3.70 4.10 3.67
C LEU D 15 5.18 3.78 3.53
N GLY D 16 5.46 2.61 2.96
CA GLY D 16 6.82 2.16 2.73
C GLY D 16 7.59 1.75 3.96
N GLU D 17 7.05 1.94 5.16
CA GLU D 17 7.78 1.67 6.39
C GLU D 17 7.75 0.17 6.69
N ARG D 18 8.56 -0.23 7.67
CA ARG D 18 8.70 -1.65 8.02
C ARG D 18 7.83 -1.97 9.23
N VAL D 19 7.12 -3.09 9.14
CA VAL D 19 6.22 -3.56 10.20
C VAL D 19 6.83 -4.80 10.86
N THR D 20 6.71 -4.85 12.19
CA THR D 20 7.06 -6.03 12.97
C THR D 20 5.85 -6.44 13.81
N MET D 21 5.42 -7.70 13.65
CA MET D 21 4.25 -8.21 14.36
C MET D 21 4.64 -9.49 15.09
N ASN D 22 4.35 -9.55 16.38
CA ASN D 22 4.85 -10.60 17.24
C ASN D 22 3.75 -11.61 17.54
N CYS D 23 4.12 -12.89 17.54
CA CYS D 23 3.25 -14.00 17.93
C CYS D 23 4.04 -14.89 18.86
N LYS D 24 3.59 -15.02 20.10
CA LYS D 24 4.25 -15.83 21.11
C LYS D 24 3.39 -17.03 21.46
N SER D 25 4.04 -18.19 21.60
CA SER D 25 3.37 -19.46 21.82
C SER D 25 3.49 -19.88 23.28
N SER D 26 2.56 -20.73 23.71
CA SER D 26 2.56 -21.29 25.06
C SER D 26 3.83 -22.11 25.30
N GLN D 27 3.96 -23.24 24.62
CA GLN D 27 5.17 -24.04 24.69
C GLN D 27 5.89 -24.00 23.35
N SER D 28 7.07 -24.61 23.34
CA SER D 28 7.92 -24.55 22.15
C SER D 28 7.24 -25.26 20.99
N LEU D 29 7.58 -24.83 19.78
CA LEU D 29 7.06 -25.42 18.56
C LEU D 29 8.14 -26.14 17.77
N LEU D 30 9.39 -26.10 18.24
CA LEU D 30 10.49 -26.74 17.55
C LEU D 30 10.50 -28.24 17.81
N TYR D 31 10.64 -29.03 16.76
CA TYR D 31 10.82 -30.46 16.87
C TYR D 31 12.32 -30.74 16.77
N SER D 32 12.88 -31.37 17.81
CA SER D 32 14.33 -31.47 17.95
C SER D 32 14.97 -32.28 16.82
N THR D 33 14.27 -33.29 16.30
CA THR D 33 14.90 -34.22 15.35
C THR D 33 15.32 -33.50 14.09
N ASN D 34 14.34 -32.96 13.36
CA ASN D 34 14.62 -32.29 12.09
C ASN D 34 14.78 -30.78 12.25
N GLN D 35 14.78 -30.28 13.49
CA GLN D 35 14.97 -28.87 13.81
C GLN D 35 14.21 -27.95 12.86
N LYS D 36 12.90 -28.13 12.84
CA LYS D 36 12.02 -27.31 12.01
C LYS D 36 10.86 -26.82 12.87
N ASN D 37 10.56 -25.53 12.79
CA ASN D 37 9.50 -24.93 13.60
C ASN D 37 8.14 -25.18 12.97
N TYR D 38 7.18 -25.63 13.78
CA TYR D 38 5.82 -25.90 13.31
C TYR D 38 4.94 -24.68 13.58
N LEU D 39 5.02 -23.72 12.65
CA LEU D 39 4.30 -22.45 12.73
C LEU D 39 3.97 -21.97 11.33
N ALA D 40 2.84 -21.26 11.21
CA ALA D 40 2.40 -20.73 9.92
C ALA D 40 1.79 -19.34 10.10
N TRP D 41 1.82 -18.56 9.01
CA TRP D 41 1.31 -17.20 8.98
C TRP D 41 0.31 -17.04 7.84
N TYR D 42 -0.76 -16.28 8.07
CA TYR D 42 -1.80 -16.09 7.07
C TYR D 42 -2.24 -14.63 7.00
N GLN D 43 -2.58 -14.19 5.79
CA GLN D 43 -3.12 -12.86 5.52
C GLN D 43 -4.62 -12.95 5.22
N GLN D 44 -5.39 -12.02 5.75
CA GLN D 44 -6.81 -11.89 5.43
C GLN D 44 -7.17 -10.43 5.17
N LYS D 45 -7.40 -10.10 3.91
CA LYS D 45 -8.00 -8.82 3.57
C LYS D 45 -9.47 -8.86 3.97
N PRO D 46 -10.08 -7.70 4.25
CA PRO D 46 -11.42 -7.73 4.85
C PRO D 46 -12.43 -8.42 3.96
N GLY D 47 -13.37 -9.13 4.60
CA GLY D 47 -14.42 -9.79 3.87
C GLY D 47 -14.00 -11.00 3.07
N GLN D 48 -12.71 -11.33 3.03
CA GLN D 48 -12.21 -12.44 2.23
C GLN D 48 -11.87 -13.63 3.10
N SER D 49 -11.51 -14.73 2.44
CA SER D 49 -10.97 -15.87 3.15
C SER D 49 -9.49 -15.63 3.42
N PRO D 50 -8.89 -16.38 4.35
CA PRO D 50 -7.46 -16.22 4.61
C PRO D 50 -6.61 -16.71 3.45
N LYS D 51 -5.38 -16.22 3.41
CA LYS D 51 -4.40 -16.56 2.39
C LYS D 51 -3.15 -17.08 3.08
N LEU D 52 -2.64 -18.22 2.60
CA LEU D 52 -1.43 -18.78 3.18
C LEU D 52 -0.25 -17.84 2.91
N LEU D 53 0.54 -17.57 3.94
CA LEU D 53 1.71 -16.71 3.78
C LEU D 53 3.02 -17.44 4.03
N ILE D 54 3.22 -17.99 5.22
CA ILE D 54 4.52 -18.55 5.62
C ILE D 54 4.31 -19.92 6.23
N TYR D 55 5.08 -20.90 5.76
CA TYR D 55 5.06 -22.26 6.24
C TYR D 55 6.47 -22.69 6.64
N TRP D 56 6.56 -23.40 7.77
CA TRP D 56 7.78 -23.80 8.49
C TRP D 56 8.46 -22.64 9.22
N ALA D 57 7.89 -21.43 9.20
CA ALA D 57 8.29 -20.19 9.86
C ALA D 57 9.53 -19.55 9.23
N SER D 58 10.23 -20.21 8.31
CA SER D 58 11.44 -19.65 7.72
C SER D 58 11.40 -19.56 6.20
N THR D 59 10.36 -20.08 5.57
CA THR D 59 10.24 -20.12 4.11
C THR D 59 8.87 -19.57 3.75
N ARG D 60 8.81 -18.82 2.65
CA ARG D 60 7.59 -18.19 2.20
C ARG D 60 6.96 -18.95 1.05
N GLU D 61 5.66 -18.73 0.85
CA GLU D 61 4.94 -19.38 -0.23
C GLU D 61 5.40 -18.83 -1.56
N SER D 62 5.37 -19.67 -2.60
CA SER D 62 5.92 -19.28 -3.90
C SER D 62 5.18 -18.09 -4.50
N GLY D 63 3.85 -18.09 -4.43
CA GLY D 63 3.09 -16.98 -4.97
C GLY D 63 3.29 -15.68 -4.23
N VAL D 64 3.61 -15.76 -2.93
CA VAL D 64 3.70 -14.58 -2.07
C VAL D 64 4.82 -13.67 -2.56
N PRO D 65 4.66 -12.34 -2.54
CA PRO D 65 5.73 -11.46 -3.00
C PRO D 65 6.97 -11.55 -2.13
N ASP D 66 8.05 -10.93 -2.63
CA ASP D 66 9.36 -11.07 -2.01
C ASP D 66 9.55 -10.22 -0.76
N ARG D 67 8.69 -9.22 -0.52
CA ARG D 67 8.90 -8.33 0.62
C ARG D 67 8.61 -9.02 1.95
N PHE D 68 7.70 -9.99 1.98
CA PHE D 68 7.37 -10.68 3.22
C PHE D 68 8.49 -11.66 3.61
N SER D 69 8.79 -11.69 4.90
CA SER D 69 9.84 -12.55 5.45
C SER D 69 9.49 -12.92 6.90
N GLY D 70 9.66 -14.20 7.22
CA GLY D 70 9.33 -14.71 8.55
C GLY D 70 10.58 -14.91 9.40
N SER D 71 10.44 -14.63 10.69
CA SER D 71 11.55 -14.70 11.62
C SER D 71 11.10 -15.38 12.90
N GLY D 72 12.07 -15.76 13.71
CA GLY D 72 11.83 -16.34 15.01
C GLY D 72 12.07 -17.85 15.04
N SER D 73 12.03 -18.37 16.26
CA SER D 73 12.16 -19.80 16.51
C SER D 73 11.77 -20.05 17.96
N GLY D 74 11.56 -21.32 18.29
CA GLY D 74 11.24 -21.67 19.66
C GLY D 74 9.86 -21.22 20.09
N THR D 75 9.78 -20.17 20.92
CA THR D 75 8.50 -19.70 21.45
C THR D 75 8.12 -18.30 21.04
N ASP D 76 9.02 -17.52 20.43
CA ASP D 76 8.74 -16.13 20.07
C ASP D 76 9.12 -15.88 18.62
N PHE D 77 8.12 -15.61 17.78
CA PHE D 77 8.30 -15.44 16.35
C PHE D 77 7.77 -14.09 15.92
N THR D 78 8.18 -13.65 14.74
CA THR D 78 7.83 -12.33 14.25
C THR D 78 7.69 -12.37 12.74
N LEU D 79 6.59 -11.81 12.24
CA LEU D 79 6.36 -11.60 10.83
C LEU D 79 6.78 -10.17 10.48
N THR D 80 7.50 -10.03 9.36
CA THR D 80 8.06 -8.75 8.97
C THR D 80 7.69 -8.44 7.53
N ILE D 81 6.99 -7.33 7.33
CA ILE D 81 6.74 -6.79 6.00
C ILE D 81 7.82 -5.74 5.73
N SER D 82 8.65 -6.01 4.72
CA SER D 82 9.78 -5.14 4.44
C SER D 82 9.33 -3.70 4.16
N SER D 83 8.49 -3.52 3.15
CA SER D 83 7.94 -2.21 2.80
C SER D 83 6.45 -2.37 2.59
N VAL D 84 5.66 -1.70 3.43
CA VAL D 84 4.21 -1.84 3.39
C VAL D 84 3.67 -1.28 2.09
N GLN D 85 3.06 -2.14 1.28
CA GLN D 85 2.27 -1.70 0.14
C GLN D 85 0.82 -1.48 0.56
N ALA D 86 0.10 -0.72 -0.27
CA ALA D 86 -1.29 -0.42 0.06
C ALA D 86 -2.15 -1.68 0.12
N GLU D 87 -1.81 -2.70 -0.67
CA GLU D 87 -2.60 -3.92 -0.73
C GLU D 87 -2.35 -4.85 0.44
N ASP D 88 -1.46 -4.48 1.36
CA ASP D 88 -1.18 -5.30 2.53
C ASP D 88 -2.06 -4.95 3.73
N VAL D 89 -3.02 -4.03 3.56
CA VAL D 89 -3.99 -3.75 4.60
C VAL D 89 -4.79 -5.02 4.88
N ALA D 90 -4.50 -5.65 6.00
CA ALA D 90 -5.18 -6.90 6.33
C ALA D 90 -4.97 -7.19 7.81
N VAL D 91 -5.61 -8.26 8.27
CA VAL D 91 -5.42 -8.79 9.61
C VAL D 91 -4.71 -10.12 9.47
N TYR D 92 -3.61 -10.27 10.20
CA TYR D 92 -2.70 -11.39 10.01
C TYR D 92 -2.72 -12.32 11.22
N TYR D 93 -2.73 -13.62 10.96
CA TYR D 93 -2.88 -14.64 11.98
C TYR D 93 -1.71 -15.63 11.97
N CYS D 94 -1.52 -16.30 13.11
CA CYS D 94 -0.50 -17.33 13.30
C CYS D 94 -1.14 -18.58 13.89
N GLN D 95 -0.63 -19.74 13.48
CA GLN D 95 -1.16 -21.03 13.90
C GLN D 95 -0.03 -22.02 14.10
N GLN D 96 -0.23 -22.95 15.04
CA GLN D 96 0.71 -24.04 15.27
C GLN D 96 0.05 -25.34 14.86
N TYR D 97 0.88 -26.31 14.48
CA TYR D 97 0.42 -27.65 14.17
C TYR D 97 1.16 -28.73 14.96
N TYR D 98 2.00 -28.34 15.92
CA TYR D 98 2.68 -29.33 16.76
C TYR D 98 1.68 -30.28 17.41
N SER D 99 0.75 -29.73 18.19
CA SER D 99 -0.37 -30.50 18.73
C SER D 99 -1.66 -29.76 18.41
N TYR D 100 -2.64 -30.52 17.95
CA TYR D 100 -3.92 -29.99 17.46
C TYR D 100 -3.58 -28.87 16.46
N ARG D 101 -4.42 -27.84 16.36
CA ARG D 101 -4.16 -26.72 15.44
C ARG D 101 -4.99 -25.54 15.95
N THR D 102 -4.34 -24.61 16.62
CA THR D 102 -4.99 -23.45 17.21
C THR D 102 -4.42 -22.18 16.58
N PHE D 103 -5.26 -21.14 16.51
CA PHE D 103 -4.90 -19.87 15.88
C PHE D 103 -4.64 -18.81 16.94
N GLY D 104 -4.51 -17.56 16.51
CA GLY D 104 -4.24 -16.43 17.37
C GLY D 104 -5.38 -15.44 17.42
N GLY D 105 -5.13 -14.35 18.15
CA GLY D 105 -6.10 -13.27 18.24
C GLY D 105 -6.11 -12.35 17.03
N GLY D 106 -4.95 -12.06 16.48
CA GLY D 106 -4.92 -11.27 15.26
C GLY D 106 -4.25 -9.93 15.50
N THR D 107 -3.56 -9.45 14.47
CA THR D 107 -3.00 -8.11 14.42
C THR D 107 -3.56 -7.41 13.20
N LYS D 108 -4.27 -6.32 13.42
CA LYS D 108 -4.81 -5.52 12.32
C LYS D 108 -3.78 -4.50 11.88
N LEU D 109 -3.36 -4.59 10.61
CA LEU D 109 -2.44 -3.62 10.02
C LEU D 109 -3.24 -2.66 9.16
N GLU D 110 -3.34 -1.41 9.61
CA GLU D 110 -3.97 -0.33 8.87
C GLU D 110 -2.89 0.66 8.50
N ILE D 111 -2.95 1.22 7.30
CA ILE D 111 -1.90 2.13 6.87
C ILE D 111 -2.22 3.52 7.40
N LYS D 112 -1.32 4.07 8.21
CA LYS D 112 -1.49 5.38 8.80
C LYS D 112 -0.37 6.27 8.31
N ARG D 113 -0.69 7.15 7.36
CA ARG D 113 0.31 8.03 6.77
C ARG D 113 -0.14 9.48 6.90
N THR D 114 -1.19 9.88 6.19
CA THR D 114 -1.75 11.22 6.33
C THR D 114 -2.38 11.44 7.70
N VAL D 115 -2.07 12.59 8.29
CA VAL D 115 -2.87 13.13 9.40
C VAL D 115 -3.98 13.94 8.76
N ALA D 116 -5.21 13.81 9.25
CA ALA D 116 -6.32 14.49 8.58
C ALA D 116 -7.41 14.87 9.56
N ALA D 117 -8.03 16.01 9.32
CA ALA D 117 -9.16 16.49 10.11
C ALA D 117 -10.44 15.85 9.60
N PRO D 118 -11.54 15.96 10.36
CA PRO D 118 -12.82 15.44 9.86
C PRO D 118 -13.63 16.45 9.07
N SER D 119 -14.47 15.92 8.17
CA SER D 119 -15.51 16.69 7.50
C SER D 119 -16.86 16.27 8.08
N VAL D 120 -17.41 17.10 8.97
CA VAL D 120 -18.55 16.71 9.79
C VAL D 120 -19.76 17.56 9.41
N PHE D 121 -20.91 16.91 9.26
CA PHE D 121 -22.18 17.57 9.00
C PHE D 121 -23.32 16.62 9.35
N ILE D 122 -24.50 17.20 9.57
CA ILE D 122 -25.67 16.48 10.08
C ILE D 122 -26.83 16.63 9.12
N PHE D 123 -27.72 15.61 9.12
CA PHE D 123 -28.99 15.68 8.39
C PHE D 123 -30.14 15.80 9.39
N PRO D 124 -31.12 16.64 9.10
CA PRO D 124 -32.38 16.63 9.87
C PRO D 124 -33.26 15.47 9.41
N PRO D 125 -34.33 15.15 10.14
CA PRO D 125 -35.16 14.01 9.75
C PRO D 125 -36.03 14.31 8.53
N SER D 126 -36.23 13.27 7.73
CA SER D 126 -37.11 13.35 6.57
C SER D 126 -38.57 13.47 7.01
N ASP D 127 -39.39 14.05 6.12
CA ASP D 127 -40.83 14.09 6.36
C ASP D 127 -41.43 12.69 6.33
N GLU D 128 -40.95 11.83 5.43
CA GLU D 128 -41.53 10.50 5.29
C GLU D 128 -41.27 9.64 6.53
N GLN D 129 -40.06 9.72 7.10
CA GLN D 129 -39.79 8.95 8.30
C GLN D 129 -40.66 9.42 9.46
N LEU D 130 -40.94 10.73 9.52
CA LEU D 130 -41.83 11.23 10.56
C LEU D 130 -43.26 10.77 10.32
N LYS D 131 -43.66 10.67 9.05
CA LYS D 131 -44.97 10.14 8.71
C LYS D 131 -45.09 8.65 9.00
N SER D 132 -43.97 7.93 9.11
CA SER D 132 -44.03 6.50 9.42
C SER D 132 -44.14 6.23 10.92
N GLY D 133 -43.64 7.12 11.77
CA GLY D 133 -43.74 6.98 13.21
C GLY D 133 -42.42 6.89 13.94
N THR D 134 -41.29 6.79 13.24
CA THR D 134 -39.97 6.74 13.85
C THR D 134 -39.16 7.93 13.35
N ALA D 135 -38.43 8.59 14.24
CA ALA D 135 -37.62 9.76 13.90
C ALA D 135 -36.16 9.35 13.76
N SER D 136 -35.54 9.79 12.66
CA SER D 136 -34.14 9.47 12.37
C SER D 136 -33.33 10.74 12.17
N VAL D 137 -32.18 10.82 12.84
CA VAL D 137 -31.25 11.94 12.74
C VAL D 137 -29.86 11.36 12.50
N VAL D 138 -29.37 11.46 11.27
CA VAL D 138 -28.07 10.88 10.90
C VAL D 138 -27.04 12.00 10.80
N CYS D 139 -25.86 11.75 11.39
CA CYS D 139 -24.71 12.64 11.27
C CYS D 139 -23.53 11.81 10.81
N LEU D 140 -22.89 12.22 9.71
CA LEU D 140 -21.79 11.47 9.12
C LEU D 140 -20.53 12.30 9.16
N LEU D 141 -19.40 11.61 9.26
CA LEU D 141 -18.07 12.20 9.30
C LEU D 141 -17.26 11.61 8.14
N ASN D 142 -16.74 12.48 7.28
CA ASN D 142 -16.16 12.04 6.01
C ASN D 142 -14.70 12.45 5.91
N ASN D 143 -13.89 11.55 5.35
CA ASN D 143 -12.48 11.79 5.05
C ASN D 143 -11.75 12.34 6.28
N PHE D 144 -11.86 11.58 7.36
CA PHE D 144 -11.17 11.86 8.62
C PHE D 144 -10.14 10.77 8.88
N TYR D 145 -8.91 11.18 9.21
CA TYR D 145 -7.87 10.19 9.46
C TYR D 145 -8.03 9.44 10.78
N PRO D 146 -8.18 10.10 11.93
CA PRO D 146 -8.15 9.36 13.21
C PRO D 146 -9.20 8.25 13.22
N ARG D 147 -8.71 6.99 13.27
CA ARG D 147 -9.64 5.87 13.19
C ARG D 147 -10.56 5.86 14.40
N GLU D 148 -10.03 6.25 15.55
CA GLU D 148 -10.85 6.52 16.73
C GLU D 148 -11.43 7.92 16.60
N ALA D 149 -12.75 8.04 16.66
CA ALA D 149 -13.40 9.34 16.63
C ALA D 149 -14.51 9.35 17.66
N LYS D 150 -14.61 10.45 18.39
CA LYS D 150 -15.59 10.59 19.46
C LYS D 150 -16.75 11.44 18.98
N VAL D 151 -17.96 10.90 19.14
CA VAL D 151 -19.18 11.60 18.77
C VAL D 151 -20.09 11.64 19.98
N GLN D 152 -20.56 12.83 20.33
CA GLN D 152 -21.51 12.99 21.42
C GLN D 152 -22.70 13.77 20.90
N TRP D 153 -23.89 13.35 21.32
CA TRP D 153 -25.14 13.99 20.92
C TRP D 153 -25.68 14.83 22.08
N LYS D 154 -25.99 16.08 21.80
CA LYS D 154 -26.54 17.00 22.79
C LYS D 154 -27.91 17.46 22.30
N VAL D 155 -28.94 17.16 23.08
CA VAL D 155 -30.31 17.54 22.78
C VAL D 155 -30.75 18.57 23.81
N ASP D 156 -30.89 19.82 23.38
CA ASP D 156 -31.19 20.95 24.25
C ASP D 156 -30.15 21.08 25.36
N ASN D 157 -28.88 20.99 24.97
CA ASN D 157 -27.74 21.06 25.90
C ASN D 157 -27.84 19.96 26.97
N ALA D 158 -28.17 18.75 26.52
CA ALA D 158 -28.25 17.59 27.41
C ALA D 158 -27.78 16.36 26.63
N LEU D 159 -26.72 15.72 27.12
CA LEU D 159 -26.18 14.56 26.44
C LEU D 159 -27.22 13.46 26.33
N GLN D 160 -27.29 12.82 25.17
CA GLN D 160 -28.18 11.69 24.96
C GLN D 160 -27.35 10.47 24.61
N SER D 161 -27.58 9.38 25.34
CA SER D 161 -26.85 8.13 25.18
C SER D 161 -27.85 6.98 25.06
N GLY D 162 -27.39 5.89 24.43
CA GLY D 162 -28.16 4.68 24.33
C GLY D 162 -29.06 4.59 23.11
N ASN D 163 -29.26 5.69 22.39
CA ASN D 163 -30.10 5.71 21.21
C ASN D 163 -29.32 5.93 19.93
N SER D 164 -28.02 6.21 20.03
CA SER D 164 -27.18 6.47 18.88
C SER D 164 -26.58 5.17 18.37
N GLN D 165 -26.62 4.98 17.06
CA GLN D 165 -26.04 3.81 16.40
C GLN D 165 -25.02 4.27 15.36
N GLU D 166 -23.79 3.76 15.46
CA GLU D 166 -22.68 4.26 14.66
C GLU D 166 -22.13 3.16 13.76
N SER D 167 -21.56 3.57 12.63
CA SER D 167 -21.05 2.66 11.63
C SER D 167 -19.82 3.27 10.97
N VAL D 168 -18.78 2.45 10.75
CA VAL D 168 -17.53 2.92 10.18
C VAL D 168 -17.07 1.96 9.09
N THR D 169 -16.51 2.52 8.02
CA THR D 169 -15.99 1.74 6.90
C THR D 169 -14.59 1.23 7.24
N GLU D 170 -13.89 0.67 6.25
CA GLU D 170 -12.47 0.41 6.31
C GLU D 170 -11.72 1.55 5.60
N GLN D 171 -10.40 1.44 5.55
CA GLN D 171 -9.58 2.49 4.95
C GLN D 171 -9.88 2.65 3.47
N ASP D 172 -10.25 3.87 3.07
CA ASP D 172 -10.41 4.16 1.66
C ASP D 172 -9.10 3.89 0.92
N SER D 173 -9.23 3.44 -0.32
CA SER D 173 -8.05 3.20 -1.15
C SER D 173 -7.54 4.47 -1.80
N LYS D 174 -8.39 5.49 -1.94
CA LYS D 174 -8.00 6.70 -2.66
C LYS D 174 -7.07 7.58 -1.81
N ASP D 175 -7.43 7.82 -0.55
CA ASP D 175 -6.70 8.75 0.30
C ASP D 175 -6.24 8.17 1.64
N SER D 176 -6.52 6.90 1.91
CA SER D 176 -6.08 6.21 3.12
C SER D 176 -6.72 6.84 4.37
N THR D 177 -8.02 7.10 4.30
CA THR D 177 -8.80 7.67 5.40
C THR D 177 -10.11 6.90 5.54
N TYR D 178 -10.82 7.16 6.65
CA TYR D 178 -12.07 6.49 6.97
C TYR D 178 -13.23 7.49 6.97
N SER D 179 -14.42 6.96 7.23
CA SER D 179 -15.63 7.74 7.40
C SER D 179 -16.57 6.99 8.32
N LEU D 180 -17.35 7.75 9.10
CA LEU D 180 -18.23 7.20 10.12
C LEU D 180 -19.65 7.72 9.92
N SER D 181 -20.63 6.96 10.42
CA SER D 181 -22.05 7.32 10.31
C SER D 181 -22.77 6.98 11.61
N SER D 182 -23.03 8.00 12.42
CA SER D 182 -23.79 7.85 13.66
C SER D 182 -25.25 8.19 13.40
N THR D 183 -26.15 7.30 13.85
CA THR D 183 -27.57 7.38 13.51
C THR D 183 -28.40 7.44 14.79
N LEU D 184 -29.20 8.49 14.93
CA LEU D 184 -30.14 8.64 16.05
C LEU D 184 -31.49 8.01 15.75
N THR D 185 -31.92 7.12 16.64
CA THR D 185 -33.20 6.44 16.55
C THR D 185 -34.10 7.00 17.65
N LEU D 186 -35.27 7.48 17.26
CA LEU D 186 -36.22 8.07 18.20
C LEU D 186 -37.63 7.87 17.67
N SER D 187 -38.61 8.08 18.55
CA SER D 187 -40.00 8.07 18.13
C SER D 187 -40.42 9.48 17.69
N LYS D 188 -41.49 9.53 16.90
CA LYS D 188 -41.96 10.83 16.40
C LYS D 188 -42.48 11.69 17.54
N ALA D 189 -43.28 11.09 18.44
CA ALA D 189 -43.84 11.84 19.57
C ALA D 189 -42.74 12.38 20.45
N ASP D 190 -41.76 11.55 20.78
CA ASP D 190 -40.64 12.01 21.61
C ASP D 190 -39.77 13.01 20.86
N TYR D 191 -39.76 12.94 19.53
CA TYR D 191 -38.99 13.91 18.74
C TYR D 191 -39.61 15.29 18.82
N GLU D 192 -40.96 15.36 18.81
CA GLU D 192 -41.62 16.66 18.88
C GLU D 192 -41.21 17.45 20.13
N LYS D 193 -40.91 16.76 21.23
CA LYS D 193 -40.70 17.43 22.51
C LYS D 193 -39.50 18.39 22.45
N HIS D 194 -38.40 17.95 21.87
CA HIS D 194 -37.15 18.70 21.87
C HIS D 194 -37.00 19.51 20.57
N LYS D 195 -36.25 20.60 20.65
CA LYS D 195 -36.15 21.55 19.56
C LYS D 195 -34.83 21.51 18.79
N VAL D 196 -33.70 21.30 19.47
CA VAL D 196 -32.38 21.44 18.86
C VAL D 196 -31.62 20.14 19.01
N TYR D 197 -30.95 19.76 17.92
CA TYR D 197 -30.16 18.53 17.85
C TYR D 197 -28.78 18.88 17.31
N ALA D 198 -27.77 18.14 17.79
CA ALA D 198 -26.40 18.44 17.39
C ALA D 198 -25.52 17.23 17.64
N CYS D 199 -24.67 16.93 16.66
CA CYS D 199 -23.62 15.93 16.82
C CYS D 199 -22.32 16.69 17.07
N GLU D 200 -21.82 16.61 18.29
CA GLU D 200 -20.52 17.18 18.62
C GLU D 200 -19.45 16.11 18.40
N VAL D 201 -18.40 16.48 17.67
CA VAL D 201 -17.40 15.52 17.22
C VAL D 201 -16.02 16.03 17.58
N THR D 202 -15.10 15.09 17.82
CA THR D 202 -13.68 15.39 17.95
C THR D 202 -12.86 14.37 17.17
N HIS D 203 -11.68 14.82 16.74
CA HIS D 203 -10.66 13.99 16.12
C HIS D 203 -9.34 14.63 16.48
N GLN D 204 -8.28 13.82 16.55
CA GLN D 204 -6.99 14.35 16.97
C GLN D 204 -6.49 15.46 16.05
N GLY D 205 -6.94 15.47 14.78
CA GLY D 205 -6.57 16.55 13.89
C GLY D 205 -7.38 17.82 14.06
N LEU D 206 -8.55 17.73 14.71
CA LEU D 206 -9.42 18.88 14.94
C LEU D 206 -9.20 19.39 16.36
N SER D 207 -8.62 20.58 16.48
CA SER D 207 -8.28 21.14 17.79
C SER D 207 -9.50 21.64 18.56
N SER D 208 -10.53 22.15 17.87
CA SER D 208 -11.67 22.71 18.57
C SER D 208 -12.93 21.87 18.37
N PRO D 209 -13.67 21.57 19.44
CA PRO D 209 -14.91 20.80 19.30
C PRO D 209 -15.93 21.51 18.42
N VAL D 210 -16.63 20.71 17.61
CA VAL D 210 -17.54 21.22 16.58
C VAL D 210 -18.95 20.70 16.84
N THR D 211 -19.95 21.47 16.40
CA THR D 211 -21.35 21.11 16.51
C THR D 211 -22.08 21.50 15.23
N LYS D 212 -23.11 20.73 14.87
CA LYS D 212 -23.97 21.05 13.74
C LYS D 212 -25.41 20.90 14.16
N SER D 213 -26.24 21.89 13.87
CA SER D 213 -27.57 21.99 14.44
C SER D 213 -28.64 22.02 13.37
N PHE D 214 -29.82 21.49 13.70
CA PHE D 214 -31.01 21.63 12.88
C PHE D 214 -32.22 21.77 13.80
N ASN D 215 -33.22 22.51 13.33
CA ASN D 215 -34.39 22.83 14.14
C ASN D 215 -35.69 22.64 13.36
N GLN E 1 -5.92 -26.98 -10.54
CA GLN E 1 -6.73 -26.02 -9.80
C GLN E 1 -7.59 -26.68 -8.74
N VAL E 2 -7.09 -26.74 -7.51
CA VAL E 2 -7.86 -27.28 -6.41
C VAL E 2 -8.79 -26.18 -5.86
N GLN E 3 -10.09 -26.37 -6.04
CA GLN E 3 -11.11 -25.45 -5.58
C GLN E 3 -11.93 -26.09 -4.47
N LEU E 4 -12.40 -25.27 -3.54
CA LEU E 4 -13.33 -25.68 -2.51
C LEU E 4 -14.54 -24.77 -2.55
N GLN E 5 -15.71 -25.33 -2.79
CA GLN E 5 -16.95 -24.55 -2.89
C GLN E 5 -17.90 -25.03 -1.82
N GLN E 6 -18.28 -24.13 -0.93
CA GLN E 6 -19.14 -24.42 0.21
C GLN E 6 -20.58 -24.05 -0.12
N SER E 7 -21.45 -24.19 0.88
CA SER E 7 -22.84 -23.81 0.74
C SER E 7 -22.99 -22.29 0.61
N GLY E 8 -24.22 -21.86 0.38
CA GLY E 8 -24.56 -20.46 0.45
C GLY E 8 -25.01 -20.09 1.85
N PRO E 9 -25.37 -18.82 2.04
CA PRO E 9 -25.78 -18.38 3.37
C PRO E 9 -27.14 -18.94 3.77
N GLU E 10 -27.35 -19.06 5.08
CA GLU E 10 -28.56 -19.68 5.61
C GLU E 10 -28.98 -18.95 6.89
N VAL E 11 -30.25 -19.08 7.22
CA VAL E 11 -30.81 -18.58 8.47
C VAL E 11 -31.47 -19.75 9.19
N VAL E 12 -31.20 -19.87 10.49
CA VAL E 12 -31.69 -20.99 11.28
C VAL E 12 -32.25 -20.45 12.59
N LYS E 13 -33.50 -20.81 12.89
CA LYS E 13 -34.09 -20.52 14.18
C LYS E 13 -33.23 -21.11 15.30
N PRO E 14 -33.26 -20.52 16.50
CA PRO E 14 -32.49 -21.09 17.60
C PRO E 14 -32.96 -22.49 17.97
N GLY E 15 -32.00 -23.35 18.32
CA GLY E 15 -32.26 -24.72 18.67
C GLY E 15 -32.24 -25.69 17.50
N ALA E 16 -32.60 -25.23 16.30
CA ALA E 16 -32.52 -26.10 15.14
C ALA E 16 -31.07 -26.36 14.75
N SER E 17 -30.89 -27.42 13.97
CA SER E 17 -29.57 -27.82 13.50
C SER E 17 -29.34 -27.34 12.08
N VAL E 18 -28.09 -27.01 11.77
CA VAL E 18 -27.69 -26.64 10.41
C VAL E 18 -26.69 -27.67 9.91
N LYS E 19 -27.00 -28.30 8.78
CA LYS E 19 -26.07 -29.17 8.07
C LYS E 19 -25.61 -28.41 6.83
N MET E 20 -24.31 -28.12 6.77
CA MET E 20 -23.72 -27.38 5.67
C MET E 20 -22.70 -28.23 4.94
N SER E 21 -22.28 -27.76 3.78
CA SER E 21 -21.49 -28.55 2.85
C SER E 21 -20.18 -27.85 2.52
N CYS E 22 -19.27 -28.63 1.95
CA CYS E 22 -17.96 -28.14 1.50
C CYS E 22 -17.55 -29.09 0.38
N LYS E 23 -17.53 -28.60 -0.86
CA LYS E 23 -17.32 -29.44 -2.03
C LYS E 23 -15.90 -29.27 -2.52
N ALA E 24 -15.19 -30.38 -2.66
CA ALA E 24 -13.78 -30.38 -3.05
C ALA E 24 -13.60 -30.89 -4.47
N SER E 25 -12.56 -30.41 -5.13
CA SER E 25 -12.24 -30.84 -6.48
C SER E 25 -10.79 -30.45 -6.78
N GLY E 26 -10.11 -31.31 -7.55
CA GLY E 26 -8.75 -31.05 -7.97
C GLY E 26 -7.70 -31.96 -7.36
N TYR E 27 -8.08 -32.89 -6.48
CA TYR E 27 -7.13 -33.78 -5.85
C TYR E 27 -7.86 -35.06 -5.43
N THR E 28 -7.08 -36.03 -4.95
CA THR E 28 -7.65 -37.28 -4.46
C THR E 28 -8.32 -36.99 -3.13
N PHE E 29 -9.65 -36.86 -3.15
CA PHE E 29 -10.38 -36.32 -2.01
C PHE E 29 -10.16 -37.11 -0.73
N THR E 30 -9.79 -38.38 -0.84
CA THR E 30 -9.57 -39.24 0.32
C THR E 30 -8.12 -39.23 0.80
N SER E 31 -7.26 -38.38 0.26
CA SER E 31 -5.83 -38.45 0.56
C SER E 31 -5.32 -37.32 1.44
N TYR E 32 -6.14 -36.33 1.78
CA TYR E 32 -5.69 -35.23 2.63
C TYR E 32 -6.77 -34.87 3.62
N VAL E 33 -6.34 -34.33 4.77
CA VAL E 33 -7.22 -34.05 5.89
C VAL E 33 -7.90 -32.70 5.72
N ILE E 34 -9.16 -32.61 6.17
CA ILE E 34 -9.99 -31.41 6.04
C ILE E 34 -10.17 -30.81 7.43
N HIS E 35 -10.12 -29.47 7.51
CA HIS E 35 -10.26 -28.75 8.76
C HIS E 35 -11.38 -27.72 8.64
N TRP E 36 -12.01 -27.38 9.76
CA TRP E 36 -13.12 -26.43 9.79
C TRP E 36 -12.82 -25.35 10.83
N VAL E 37 -12.99 -24.09 10.45
CA VAL E 37 -12.69 -22.96 11.32
C VAL E 37 -13.94 -22.09 11.45
N ARG E 38 -14.19 -21.59 12.66
CA ARG E 38 -15.30 -20.70 12.96
C ARG E 38 -14.79 -19.27 13.14
N GLN E 39 -15.48 -18.31 12.52
CA GLN E 39 -15.16 -16.90 12.71
C GLN E 39 -16.42 -16.10 12.98
N LYS E 40 -16.50 -15.50 14.17
CA LYS E 40 -17.57 -14.59 14.52
C LYS E 40 -17.29 -13.22 13.91
N PRO E 41 -18.30 -12.35 13.84
CA PRO E 41 -18.09 -11.02 13.22
C PRO E 41 -17.00 -10.25 13.95
N GLY E 42 -15.97 -9.85 13.21
CA GLY E 42 -14.85 -9.16 13.79
C GLY E 42 -14.22 -9.89 14.96
N GLN E 43 -13.96 -11.18 14.77
CA GLN E 43 -13.37 -12.02 15.80
C GLN E 43 -12.30 -12.89 15.15
N GLY E 44 -11.43 -13.47 15.98
CA GLY E 44 -10.35 -14.28 15.49
C GLY E 44 -10.84 -15.58 14.88
N LEU E 45 -9.94 -16.23 14.13
CA LEU E 45 -10.24 -17.54 13.56
C LEU E 45 -10.23 -18.58 14.68
N ASP E 46 -11.32 -19.34 14.78
CA ASP E 46 -11.49 -20.32 15.85
C ASP E 46 -11.55 -21.70 15.22
N TRP E 47 -10.52 -22.51 15.49
CA TRP E 47 -10.47 -23.86 14.97
C TRP E 47 -11.53 -24.72 15.64
N ILE E 48 -12.10 -25.66 14.88
CA ILE E 48 -13.20 -26.47 15.38
C ILE E 48 -12.80 -27.94 15.45
N GLY E 49 -12.53 -28.53 14.29
CA GLY E 49 -12.26 -29.95 14.22
C GLY E 49 -11.70 -30.32 12.87
N TYR E 50 -11.30 -31.58 12.75
CA TYR E 50 -10.69 -32.07 11.52
C TYR E 50 -11.18 -33.47 11.22
N ILE E 51 -11.44 -33.73 9.93
CA ILE E 51 -12.00 -34.99 9.46
C ILE E 51 -11.02 -35.64 8.48
N ASN E 52 -10.81 -36.95 8.65
CA ASN E 52 -10.04 -37.72 7.69
C ASN E 52 -11.04 -38.32 6.71
N PRO E 53 -11.05 -37.89 5.45
CA PRO E 53 -12.08 -38.38 4.52
C PRO E 53 -11.99 -39.87 4.21
N TYR E 54 -10.83 -40.50 4.38
CA TYR E 54 -10.70 -41.91 4.00
C TYR E 54 -11.60 -42.80 4.84
N ASN E 55 -11.57 -42.63 6.17
CA ASN E 55 -12.38 -43.42 7.07
C ASN E 55 -13.43 -42.60 7.81
N ASP E 56 -13.59 -41.32 7.45
CA ASP E 56 -14.53 -40.41 8.12
C ASP E 56 -14.23 -40.29 9.61
N GLY E 57 -12.94 -40.36 9.96
CA GLY E 57 -12.53 -40.17 11.34
C GLY E 57 -12.73 -38.75 11.81
N THR E 58 -13.07 -38.59 13.08
CA THR E 58 -13.49 -37.30 13.61
C THR E 58 -12.70 -36.95 14.86
N ASP E 59 -12.21 -35.71 14.92
CA ASP E 59 -11.60 -35.17 16.14
C ASP E 59 -11.97 -33.71 16.27
N TYR E 60 -12.32 -33.29 17.48
CA TYR E 60 -12.74 -31.92 17.74
C TYR E 60 -11.88 -31.30 18.84
N ASP E 61 -12.00 -29.98 18.96
CA ASP E 61 -11.50 -29.23 20.10
C ASP E 61 -12.49 -29.39 21.26
N GLU E 62 -11.97 -29.24 22.48
CA GLU E 62 -12.82 -29.40 23.66
C GLU E 62 -13.99 -28.44 23.62
N LYS E 63 -13.78 -27.21 23.14
CA LYS E 63 -14.84 -26.22 23.09
C LYS E 63 -16.03 -26.71 22.28
N PHE E 64 -15.78 -27.50 21.23
CA PHE E 64 -16.80 -27.81 20.22
C PHE E 64 -17.16 -29.29 20.18
N LYS E 65 -16.89 -30.04 21.25
CA LYS E 65 -17.16 -31.47 21.23
C LYS E 65 -18.65 -31.74 21.09
N GLY E 66 -19.49 -30.84 21.59
CA GLY E 66 -20.93 -30.98 21.44
C GLY E 66 -21.52 -30.40 20.17
N LYS E 67 -21.12 -29.17 19.80
CA LYS E 67 -21.84 -28.46 18.75
C LYS E 67 -21.59 -29.05 17.37
N ALA E 68 -20.33 -29.34 17.05
CA ALA E 68 -19.93 -29.63 15.67
C ALA E 68 -19.97 -31.13 15.36
N THR E 69 -20.49 -31.47 14.18
CA THR E 69 -20.57 -32.85 13.71
C THR E 69 -20.03 -32.91 12.29
N LEU E 70 -19.00 -33.71 12.07
CA LEU E 70 -18.28 -33.75 10.80
C LEU E 70 -18.49 -35.10 10.12
N THR E 71 -18.99 -35.08 8.89
CA THR E 71 -19.08 -36.27 8.04
C THR E 71 -18.59 -35.93 6.64
N SER E 72 -18.37 -36.97 5.82
CA SER E 72 -17.97 -36.76 4.44
C SER E 72 -18.59 -37.85 3.57
N ASP E 73 -19.12 -37.44 2.42
CA ASP E 73 -19.71 -38.34 1.43
C ASP E 73 -18.71 -38.52 0.29
N THR E 74 -18.07 -39.70 0.23
CA THR E 74 -16.98 -39.90 -0.72
C THR E 74 -17.48 -39.87 -2.17
N SER E 75 -18.64 -40.46 -2.43
CA SER E 75 -19.21 -40.45 -3.78
C SER E 75 -19.46 -39.02 -4.25
N THR E 76 -20.14 -38.24 -3.42
CA THR E 76 -20.36 -36.83 -3.73
C THR E 76 -19.07 -36.03 -3.72
N SER E 77 -17.99 -36.59 -3.18
CA SER E 77 -16.70 -35.91 -3.03
C SER E 77 -16.90 -34.58 -2.32
N THR E 78 -17.66 -34.64 -1.23
CA THR E 78 -18.05 -33.47 -0.45
C THR E 78 -17.83 -33.76 1.02
N ALA E 79 -17.43 -32.75 1.77
CA ALA E 79 -17.35 -32.82 3.22
C ALA E 79 -18.45 -31.96 3.82
N TYR E 80 -19.12 -32.50 4.84
CA TYR E 80 -20.20 -31.79 5.50
C TYR E 80 -19.84 -31.53 6.97
N MET E 81 -20.50 -30.52 7.52
CA MET E 81 -20.43 -30.21 8.93
C MET E 81 -21.83 -29.82 9.40
N GLU E 82 -22.25 -30.36 10.54
CA GLU E 82 -23.56 -30.09 11.07
C GLU E 82 -23.43 -29.52 12.47
N LEU E 83 -24.13 -28.43 12.74
CA LEU E 83 -24.17 -27.81 14.05
C LEU E 83 -25.50 -28.13 14.72
N SER E 84 -25.45 -28.45 16.01
CA SER E 84 -26.62 -28.87 16.75
C SER E 84 -27.00 -27.80 17.77
N SER E 85 -28.30 -27.56 17.91
CA SER E 85 -28.87 -26.64 18.90
C SER E 85 -28.19 -25.26 18.83
N LEU E 86 -28.31 -24.63 17.65
CA LEU E 86 -27.65 -23.34 17.42
C LEU E 86 -28.15 -22.29 18.41
N ARG E 87 -27.24 -21.45 18.85
CA ARG E 87 -27.53 -20.38 19.80
C ARG E 87 -27.19 -19.04 19.17
N SER E 88 -27.62 -17.97 19.84
CA SER E 88 -27.36 -16.62 19.35
C SER E 88 -25.86 -16.37 19.20
N GLU E 89 -25.05 -16.89 20.13
CA GLU E 89 -23.60 -16.72 20.06
C GLU E 89 -23.05 -17.31 18.76
N ASP E 90 -23.62 -18.42 18.31
CA ASP E 90 -23.07 -19.14 17.17
C ASP E 90 -23.22 -18.39 15.85
N THR E 91 -23.83 -17.20 15.81
CA THR E 91 -23.87 -16.47 14.56
C THR E 91 -22.46 -16.13 14.13
N ALA E 92 -22.03 -16.69 12.99
CA ALA E 92 -20.64 -16.60 12.58
C ALA E 92 -20.52 -17.03 11.12
N VAL E 93 -19.30 -17.09 10.64
CA VAL E 93 -18.96 -17.57 9.29
C VAL E 93 -17.96 -18.70 9.44
N TYR E 94 -18.20 -19.80 8.74
CA TYR E 94 -17.41 -21.02 8.89
C TYR E 94 -16.64 -21.33 7.61
N TYR E 95 -15.36 -21.65 7.75
CA TYR E 95 -14.50 -21.98 6.62
C TYR E 95 -13.98 -23.41 6.75
N CYS E 96 -13.81 -24.06 5.59
CA CYS E 96 -13.19 -25.37 5.47
C CYS E 96 -11.91 -25.25 4.64
N ALA E 97 -10.85 -25.94 5.08
CA ALA E 97 -9.54 -25.86 4.44
C ALA E 97 -8.93 -27.24 4.38
N ARG E 98 -7.72 -27.32 3.83
CA ARG E 98 -7.04 -28.59 3.63
C ARG E 98 -5.57 -28.44 4.00
N GLU E 99 -4.98 -29.54 4.45
CA GLU E 99 -3.56 -29.60 4.72
C GLU E 99 -2.78 -29.62 3.41
N LYS E 100 -1.60 -28.97 3.43
CA LYS E 100 -0.81 -28.85 2.21
C LYS E 100 -0.44 -30.21 1.64
N ASP E 101 -0.06 -31.15 2.50
CA ASP E 101 0.36 -32.47 2.06
C ASP E 101 -0.25 -33.50 2.99
N ASN E 102 0.09 -34.77 2.77
CA ASN E 102 -0.43 -35.88 3.53
C ASN E 102 0.65 -36.44 4.44
N TYR E 103 0.21 -37.20 5.45
CA TYR E 103 1.11 -37.95 6.32
C TYR E 103 2.05 -37.00 7.07
N ALA E 104 1.47 -35.94 7.63
CA ALA E 104 2.11 -34.97 8.52
C ALA E 104 3.22 -34.15 7.86
N THR E 105 3.52 -34.37 6.58
CA THR E 105 4.60 -33.61 5.95
C THR E 105 4.20 -32.15 5.78
N GLY E 106 2.96 -31.90 5.43
CA GLY E 106 2.44 -30.55 5.37
C GLY E 106 1.11 -30.49 6.08
N ALA E 107 1.10 -29.90 7.27
CA ALA E 107 -0.07 -29.95 8.13
C ALA E 107 -0.76 -28.60 8.29
N TRP E 108 -0.26 -27.56 7.65
CA TRP E 108 -0.89 -26.24 7.72
C TRP E 108 -2.03 -26.13 6.72
N PHE E 109 -2.99 -25.28 7.05
CA PHE E 109 -4.18 -25.09 6.21
C PHE E 109 -3.76 -24.29 4.99
N ALA E 110 -3.48 -24.98 3.88
CA ALA E 110 -2.92 -24.26 2.75
C ALA E 110 -3.97 -23.78 1.76
N TYR E 111 -4.94 -24.62 1.43
CA TYR E 111 -6.01 -24.25 0.52
C TYR E 111 -7.28 -24.02 1.33
N TRP E 112 -7.99 -22.94 1.00
CA TRP E 112 -9.03 -22.42 1.87
C TRP E 112 -10.36 -22.35 1.15
N GLY E 113 -11.43 -22.40 1.96
CA GLY E 113 -12.77 -22.29 1.43
C GLY E 113 -13.24 -20.84 1.29
N GLN E 114 -14.41 -20.71 0.67
CA GLN E 114 -14.97 -19.39 0.36
C GLN E 114 -15.61 -18.73 1.57
N GLY E 115 -16.12 -19.52 2.51
CA GLY E 115 -16.83 -19.01 3.66
C GLY E 115 -18.32 -19.34 3.54
N THR E 116 -18.94 -19.63 4.68
CA THR E 116 -20.38 -19.87 4.76
C THR E 116 -20.95 -19.04 5.90
N LEU E 117 -21.96 -18.23 5.62
CA LEU E 117 -22.55 -17.34 6.61
C LEU E 117 -23.84 -17.92 7.14
N VAL E 118 -23.88 -18.16 8.45
CA VAL E 118 -25.09 -18.61 9.14
C VAL E 118 -25.55 -17.46 10.04
N THR E 119 -26.67 -16.83 9.69
CA THR E 119 -27.24 -15.79 10.53
C THR E 119 -28.23 -16.46 11.47
N VAL E 120 -27.81 -16.70 12.71
CA VAL E 120 -28.67 -17.32 13.72
C VAL E 120 -29.55 -16.23 14.33
N SER E 121 -30.86 -16.33 14.10
CA SER E 121 -31.81 -15.34 14.55
C SER E 121 -33.19 -15.97 14.50
N SER E 122 -34.17 -15.31 15.12
CA SER E 122 -35.53 -15.83 15.15
C SER E 122 -36.52 -15.04 14.29
N ALA E 123 -36.15 -13.90 13.75
CA ALA E 123 -37.09 -13.12 12.96
C ALA E 123 -37.26 -13.72 11.55
N SER E 124 -38.40 -13.39 10.95
CA SER E 124 -38.72 -13.70 9.56
C SER E 124 -38.25 -12.57 8.65
N THR E 125 -38.04 -12.90 7.38
CA THR E 125 -37.63 -11.89 6.39
C THR E 125 -38.64 -10.75 6.36
N LYS E 126 -38.12 -9.53 6.25
CA LYS E 126 -38.93 -8.32 6.27
C LYS E 126 -38.34 -7.29 5.31
N GLY E 127 -39.22 -6.46 4.76
CA GLY E 127 -38.85 -5.49 3.76
C GLY E 127 -38.29 -4.18 4.30
N PRO E 128 -37.33 -3.62 3.57
CA PRO E 128 -36.72 -2.34 3.99
C PRO E 128 -37.46 -1.12 3.46
N SER E 129 -37.82 -0.18 4.33
CA SER E 129 -38.29 1.12 3.92
C SER E 129 -37.10 2.06 3.70
N VAL E 130 -37.16 2.84 2.63
CA VAL E 130 -36.07 3.74 2.24
C VAL E 130 -36.56 5.18 2.31
N PHE E 131 -35.92 5.99 3.14
CA PHE E 131 -36.28 7.38 3.35
C PHE E 131 -35.15 8.32 2.89
N PRO E 132 -35.49 9.53 2.43
CA PRO E 132 -34.45 10.47 1.96
C PRO E 132 -33.85 11.32 3.08
N LEU E 133 -32.54 11.47 3.05
CA LEU E 133 -31.80 12.28 4.02
C LEU E 133 -31.10 13.44 3.30
N ALA E 134 -31.45 14.66 3.67
CA ALA E 134 -30.88 15.86 3.07
C ALA E 134 -30.70 16.90 4.15
N PRO E 135 -29.77 17.85 3.96
CA PRO E 135 -29.59 18.90 4.97
C PRO E 135 -30.75 19.90 4.97
N CYS E 136 -30.97 20.52 6.13
CA CYS E 136 -32.05 21.48 6.25
C CYS E 136 -31.82 22.68 5.34
N SER E 137 -30.59 23.16 5.27
CA SER E 137 -30.21 24.21 4.34
C SER E 137 -28.72 24.13 4.11
N ARG E 138 -28.27 24.76 3.05
CA ARG E 138 -26.84 24.85 2.75
C ARG E 138 -26.30 26.07 3.48
N SER E 139 -25.22 25.90 4.22
CA SER E 139 -24.61 27.02 4.94
C SER E 139 -23.56 27.73 4.12
N THR E 140 -23.39 27.32 2.86
CA THR E 140 -22.48 27.90 1.88
C THR E 140 -21.06 28.19 2.37
N SER E 141 -20.71 27.81 3.60
CA SER E 141 -19.33 28.01 4.03
C SER E 141 -18.38 27.11 3.25
N GLU E 142 -18.74 25.84 3.10
CA GLU E 142 -17.99 24.90 2.30
C GLU E 142 -18.77 24.58 1.03
N SER E 143 -18.08 24.54 -0.11
CA SER E 143 -18.76 24.25 -1.36
C SER E 143 -19.36 22.85 -1.35
N THR E 144 -18.67 21.89 -0.74
CA THR E 144 -19.15 20.52 -0.70
C THR E 144 -20.41 20.38 0.15
N ALA E 145 -21.36 19.57 -0.33
CA ALA E 145 -22.59 19.26 0.38
C ALA E 145 -22.83 17.75 0.33
N ALA E 146 -23.71 17.27 1.21
CA ALA E 146 -23.94 15.84 1.37
C ALA E 146 -25.41 15.47 1.27
N LEU E 147 -25.70 14.39 0.54
CA LEU E 147 -27.04 13.83 0.39
C LEU E 147 -26.98 12.32 0.60
N GLY E 148 -28.08 11.73 1.04
CA GLY E 148 -28.04 10.30 1.32
C GLY E 148 -29.41 9.65 1.45
N CYS E 149 -29.37 8.32 1.49
CA CYS E 149 -30.55 7.46 1.66
C CYS E 149 -30.38 6.62 2.92
N LEU E 150 -31.50 6.20 3.52
CA LEU E 150 -31.50 5.48 4.79
C LEU E 150 -32.32 4.19 4.64
N VAL E 151 -31.64 3.05 4.55
CA VAL E 151 -32.27 1.75 4.39
C VAL E 151 -32.33 1.08 5.77
N LYS E 152 -33.54 0.97 6.33
CA LYS E 152 -33.72 0.44 7.69
C LYS E 152 -34.71 -0.72 7.66
N ASP E 153 -34.60 -1.58 8.68
CA ASP E 153 -35.54 -2.67 8.93
C ASP E 153 -35.57 -3.70 7.80
N TYR E 154 -34.39 -4.19 7.43
CA TYR E 154 -34.23 -5.28 6.47
C TYR E 154 -33.71 -6.50 7.21
N PHE E 155 -34.14 -7.70 6.77
CA PHE E 155 -33.74 -8.82 7.61
C PHE E 155 -32.55 -9.64 7.11
N PRO E 156 -32.57 -10.22 5.90
CA PRO E 156 -31.41 -11.03 5.52
C PRO E 156 -30.23 -10.12 5.25
N GLU E 157 -29.03 -10.68 5.42
CA GLU E 157 -27.81 -9.87 5.38
C GLU E 157 -27.59 -9.05 4.11
N PRO E 158 -27.80 -9.56 2.89
CA PRO E 158 -27.29 -8.83 1.72
C PRO E 158 -28.23 -7.71 1.29
N VAL E 159 -27.67 -6.50 1.15
CA VAL E 159 -28.37 -5.36 0.56
C VAL E 159 -27.35 -4.55 -0.24
N THR E 160 -27.70 -4.19 -1.48
CA THR E 160 -26.85 -3.40 -2.35
C THR E 160 -27.50 -2.07 -2.69
N VAL E 161 -26.68 -1.03 -2.84
CA VAL E 161 -27.15 0.33 -3.07
C VAL E 161 -26.41 0.94 -4.25
N SER E 162 -27.14 1.69 -5.09
CA SER E 162 -26.57 2.41 -6.21
C SER E 162 -27.11 3.84 -6.21
N TRP E 163 -26.31 4.76 -6.77
CA TRP E 163 -26.63 6.19 -6.79
C TRP E 163 -26.86 6.64 -8.22
N ASN E 164 -28.04 7.24 -8.47
CA ASN E 164 -28.43 7.70 -9.80
C ASN E 164 -28.15 6.63 -10.85
N SER E 165 -28.64 5.42 -10.59
CA SER E 165 -28.43 4.27 -11.47
C SER E 165 -26.94 3.97 -11.63
N GLY E 166 -26.18 4.18 -10.56
CA GLY E 166 -24.75 3.97 -10.62
C GLY E 166 -23.94 5.12 -11.17
N ALA E 167 -24.52 6.33 -11.28
CA ALA E 167 -23.78 7.44 -11.87
C ALA E 167 -22.70 7.95 -10.93
N LEU E 168 -22.98 8.03 -9.63
CA LEU E 168 -22.04 8.56 -8.66
C LEU E 168 -21.28 7.40 -8.03
N THR E 169 -19.97 7.32 -8.32
CA THR E 169 -19.13 6.29 -7.72
C THR E 169 -17.77 6.83 -7.30
N SER E 170 -17.59 8.15 -7.28
CA SER E 170 -16.34 8.79 -6.89
C SER E 170 -16.54 9.50 -5.56
N GLY E 171 -15.69 9.18 -4.58
CA GLY E 171 -15.82 9.78 -3.27
C GLY E 171 -17.07 9.36 -2.52
N VAL E 172 -17.58 8.16 -2.82
CA VAL E 172 -18.79 7.63 -2.19
C VAL E 172 -18.39 6.65 -1.09
N HIS E 173 -19.11 6.69 0.03
CA HIS E 173 -18.90 5.78 1.14
C HIS E 173 -20.24 5.20 1.55
N THR E 174 -20.40 3.89 1.39
CA THR E 174 -21.63 3.19 1.76
C THR E 174 -21.36 2.51 3.10
N PHE E 175 -22.02 2.98 4.16
CA PHE E 175 -21.59 2.42 5.43
C PHE E 175 -22.30 1.10 5.71
N PRO E 176 -21.62 0.12 6.30
CA PRO E 176 -22.25 -1.17 6.60
C PRO E 176 -23.28 -1.08 7.70
N ALA E 177 -24.27 -1.95 7.61
CA ALA E 177 -25.40 -1.92 8.53
C ALA E 177 -25.05 -2.59 9.86
N VAL E 178 -25.82 -2.24 10.88
CA VAL E 178 -25.69 -2.80 12.22
C VAL E 178 -27.07 -3.26 12.65
N LEU E 179 -27.09 -4.30 13.49
CA LEU E 179 -28.34 -4.90 13.95
C LEU E 179 -29.03 -3.97 14.93
N GLN E 180 -30.15 -3.39 14.52
CA GLN E 180 -30.93 -2.52 15.39
C GLN E 180 -31.53 -3.34 16.53
N SER E 181 -31.83 -2.65 17.64
CA SER E 181 -32.43 -3.29 18.80
C SER E 181 -33.69 -4.08 18.42
N SER E 182 -34.46 -3.58 17.46
CA SER E 182 -35.62 -4.30 16.97
C SER E 182 -35.27 -5.72 16.54
N GLY E 183 -34.09 -5.89 15.95
CA GLY E 183 -33.66 -7.15 15.39
C GLY E 183 -33.53 -7.13 13.89
N LEU E 184 -33.65 -5.95 13.28
CA LEU E 184 -33.52 -5.76 11.84
C LEU E 184 -32.38 -4.78 11.60
N TYR E 185 -31.55 -5.08 10.60
CA TYR E 185 -30.43 -4.19 10.28
C TYR E 185 -30.93 -2.85 9.73
N SER E 186 -30.06 -1.84 9.82
CA SER E 186 -30.37 -0.48 9.37
C SER E 186 -29.14 0.07 8.68
N LEU E 187 -29.26 0.36 7.38
CA LEU E 187 -28.14 0.65 6.50
C LEU E 187 -28.18 2.10 6.01
N SER E 188 -26.99 2.68 5.80
CA SER E 188 -26.87 4.06 5.34
C SER E 188 -25.77 4.19 4.29
N SER E 189 -26.08 4.88 3.18
CA SER E 189 -25.16 5.15 2.09
C SER E 189 -25.27 6.62 1.70
N VAL E 190 -24.14 7.27 1.45
CA VAL E 190 -24.11 8.72 1.22
C VAL E 190 -23.10 9.08 0.13
N VAL E 191 -23.19 10.32 -0.33
CA VAL E 191 -22.32 10.86 -1.39
C VAL E 191 -22.26 12.38 -1.23
N THR E 192 -21.16 12.97 -1.67
CA THR E 192 -20.91 14.41 -1.55
C THR E 192 -20.86 15.08 -2.93
N VAL E 193 -21.43 16.29 -3.04
CA VAL E 193 -21.46 17.09 -4.27
C VAL E 193 -21.21 18.57 -3.96
N PRO E 194 -20.87 19.42 -4.95
CA PRO E 194 -20.62 20.83 -4.65
C PRO E 194 -21.88 21.69 -4.59
N SER E 195 -21.82 22.74 -3.75
CA SER E 195 -22.93 23.69 -3.63
C SER E 195 -23.17 24.45 -4.94
N SER E 196 -22.09 24.93 -5.57
CA SER E 196 -22.24 25.75 -6.77
C SER E 196 -22.91 24.98 -7.90
N SER E 197 -22.75 23.66 -7.94
CA SER E 197 -23.31 22.82 -8.97
C SER E 197 -24.55 22.08 -8.50
N LEU E 198 -24.97 22.32 -7.26
CA LEU E 198 -26.18 21.72 -6.73
C LEU E 198 -27.41 22.27 -7.44
N GLY E 199 -28.36 21.38 -7.74
CA GLY E 199 -29.51 21.72 -8.51
C GLY E 199 -29.34 21.57 -10.01
N THR E 200 -28.10 21.51 -10.49
CA THR E 200 -27.87 21.27 -11.91
C THR E 200 -28.35 19.86 -12.26
N LYS E 201 -27.68 18.84 -11.72
CA LYS E 201 -28.18 17.48 -11.80
C LYS E 201 -28.84 17.08 -10.50
N THR E 202 -29.89 16.27 -10.59
CA THR E 202 -30.54 15.68 -9.43
C THR E 202 -30.11 14.23 -9.24
N TYR E 203 -29.83 13.85 -7.99
CA TYR E 203 -29.33 12.53 -7.63
C TYR E 203 -30.37 11.77 -6.82
N THR E 204 -30.61 10.52 -7.22
CA THR E 204 -31.61 9.66 -6.58
C THR E 204 -31.04 8.25 -6.49
N CYS E 205 -31.30 7.56 -5.38
CA CYS E 205 -30.68 6.26 -5.12
C CYS E 205 -31.64 5.11 -5.36
N ASN E 206 -31.12 4.04 -5.96
CA ASN E 206 -31.86 2.81 -6.21
C ASN E 206 -31.32 1.73 -5.28
N VAL E 207 -32.19 1.20 -4.42
CA VAL E 207 -31.83 0.20 -3.42
C VAL E 207 -32.23 -1.18 -3.94
N ASP E 208 -31.39 -2.18 -3.70
CA ASP E 208 -31.64 -3.54 -4.19
C ASP E 208 -31.49 -4.52 -3.03
N HIS E 209 -32.57 -5.23 -2.74
CA HIS E 209 -32.66 -6.22 -1.66
C HIS E 209 -33.02 -7.56 -2.27
N LYS E 210 -32.27 -8.61 -1.92
CA LYS E 210 -32.44 -9.88 -2.64
C LYS E 210 -33.81 -10.51 -2.37
N PRO E 211 -34.27 -10.64 -1.13
CA PRO E 211 -35.63 -11.16 -0.95
C PRO E 211 -36.75 -10.22 -1.41
N SER E 212 -36.56 -8.91 -1.34
CA SER E 212 -37.66 -7.99 -1.66
C SER E 212 -37.61 -7.42 -3.08
N ASN E 213 -36.42 -7.14 -3.62
CA ASN E 213 -36.28 -6.58 -4.98
C ASN E 213 -37.08 -5.29 -5.15
N THR E 214 -36.89 -4.34 -4.23
CA THR E 214 -37.61 -3.08 -4.25
C THR E 214 -36.62 -1.92 -4.31
N LYS E 215 -36.79 -1.04 -5.30
CA LYS E 215 -35.97 0.16 -5.44
C LYS E 215 -36.88 1.37 -5.55
N VAL E 216 -36.78 2.27 -4.56
CA VAL E 216 -37.54 3.52 -4.55
C VAL E 216 -36.51 4.63 -4.49
N ASP E 217 -36.41 5.40 -5.56
CA ASP E 217 -35.45 6.50 -5.64
C ASP E 217 -36.08 7.77 -5.12
N LYS E 218 -35.44 8.39 -4.14
CA LYS E 218 -35.98 9.55 -3.48
C LYS E 218 -35.21 10.78 -3.94
N ARG E 219 -35.93 11.70 -4.58
CA ARG E 219 -35.35 12.98 -4.95
C ARG E 219 -35.07 13.75 -3.67
N VAL E 220 -33.83 14.20 -3.51
CA VAL E 220 -33.40 14.84 -2.29
C VAL E 220 -33.14 16.31 -2.59
N GLU E 221 -33.85 17.17 -1.87
CA GLU E 221 -33.67 18.61 -1.94
C GLU E 221 -33.96 19.18 -0.55
N SER E 222 -33.66 20.47 -0.39
CA SER E 222 -33.80 21.16 0.89
C SER E 222 -35.23 21.09 1.44
N LYS F 1 8.86 -40.87 -1.64
CA LYS F 1 7.72 -41.65 -2.13
C LYS F 1 7.02 -42.39 -1.01
N LYS F 2 7.68 -43.41 -0.47
CA LYS F 2 7.05 -44.32 0.47
C LYS F 2 6.83 -43.66 1.83
N VAL F 3 5.87 -44.22 2.57
CA VAL F 3 5.53 -43.79 3.92
C VAL F 3 5.35 -45.05 4.78
N VAL F 4 6.02 -45.09 5.92
CA VAL F 4 6.02 -46.24 6.82
C VAL F 4 5.58 -45.77 8.20
N LEU F 5 4.62 -46.48 8.77
CA LEU F 5 4.20 -46.26 10.15
C LEU F 5 4.82 -47.33 11.03
N GLY F 6 5.04 -46.99 12.29
CA GLY F 6 5.66 -47.92 13.22
C GLY F 6 5.01 -47.84 14.58
N LYS F 7 5.10 -48.96 15.30
CA LYS F 7 4.65 -49.02 16.69
C LYS F 7 5.82 -48.68 17.60
N LYS F 8 5.54 -47.89 18.64
CA LYS F 8 6.59 -47.55 19.61
C LYS F 8 7.12 -48.83 20.24
N GLY F 9 8.44 -48.93 20.33
CA GLY F 9 9.08 -50.12 20.86
C GLY F 9 9.31 -51.22 19.84
N ASP F 10 8.69 -51.14 18.67
CA ASP F 10 8.91 -52.14 17.64
C ASP F 10 10.18 -51.80 16.86
N THR F 11 10.49 -52.68 15.91
CA THR F 11 11.62 -52.52 15.02
C THR F 11 11.08 -52.42 13.61
N VAL F 12 11.43 -51.35 12.90
CA VAL F 12 11.00 -51.17 11.51
C VAL F 12 12.23 -50.95 10.64
N GLU F 13 12.10 -51.36 9.39
CA GLU F 13 13.20 -51.40 8.43
C GLU F 13 12.85 -50.51 7.23
N LEU F 14 13.78 -49.63 6.86
CA LEU F 14 13.59 -48.74 5.72
C LEU F 14 14.36 -49.32 4.53
N THR F 15 13.63 -49.74 3.51
CA THR F 15 14.21 -50.46 2.38
C THR F 15 14.65 -49.47 1.30
N CYS F 16 15.94 -49.49 1.00
CA CYS F 16 16.49 -48.78 -0.14
C CYS F 16 17.32 -49.72 -1.00
N THR F 17 17.29 -49.50 -2.32
CA THR F 17 18.03 -50.34 -3.24
C THR F 17 18.56 -49.46 -4.37
N ALA F 18 19.58 -49.97 -5.05
CA ALA F 18 20.22 -49.35 -6.20
C ALA F 18 20.19 -50.34 -7.35
N SER F 19 20.63 -49.89 -8.53
CA SER F 19 20.59 -50.75 -9.71
C SER F 19 21.49 -51.97 -9.52
N GLN F 20 22.70 -51.77 -9.02
CA GLN F 20 23.67 -52.84 -8.85
C GLN F 20 23.52 -53.49 -7.48
N LYS F 21 23.32 -54.80 -7.46
CA LYS F 21 23.18 -55.56 -6.22
C LYS F 21 24.55 -56.01 -5.74
N LYS F 22 25.34 -55.02 -5.33
CA LYS F 22 26.73 -55.26 -4.93
C LYS F 22 27.14 -54.22 -3.90
N SER F 23 28.34 -54.41 -3.35
CA SER F 23 28.90 -53.46 -2.40
C SER F 23 29.50 -52.27 -3.14
N ILE F 24 28.87 -51.10 -2.97
CA ILE F 24 29.32 -49.85 -3.54
C ILE F 24 29.00 -48.77 -2.51
N GLN F 25 29.59 -47.59 -2.68
CA GLN F 25 29.45 -46.55 -1.66
C GLN F 25 28.03 -45.99 -1.60
N PHE F 26 27.55 -45.80 -0.36
CA PHE F 26 26.22 -45.29 -0.08
C PHE F 26 26.19 -44.81 1.37
N HIS F 27 25.19 -43.98 1.69
CA HIS F 27 25.00 -43.53 3.07
C HIS F 27 23.57 -43.05 3.27
N TRP F 28 23.23 -42.84 4.55
CA TRP F 28 21.91 -42.39 4.97
C TRP F 28 22.01 -41.07 5.73
N LYS F 29 21.04 -40.17 5.50
CA LYS F 29 20.98 -38.91 6.21
C LYS F 29 19.53 -38.56 6.52
N ASN F 30 19.29 -37.95 7.69
CA ASN F 30 17.94 -37.61 8.10
C ASN F 30 17.58 -36.21 7.58
N SER F 31 16.41 -35.71 7.99
CA SER F 31 15.94 -34.41 7.50
C SER F 31 16.92 -33.28 7.83
N ASN F 32 17.59 -33.36 8.98
CA ASN F 32 18.50 -32.32 9.41
C ASN F 32 19.89 -32.42 8.80
N GLN F 33 20.04 -33.25 7.76
CA GLN F 33 21.30 -33.43 7.04
C GLN F 33 22.39 -34.02 7.91
N ILE F 34 22.01 -34.75 8.95
CA ILE F 34 22.97 -35.36 9.86
C ILE F 34 23.27 -36.76 9.34
N LYS F 35 24.56 -37.10 9.29
CA LYS F 35 24.93 -38.45 8.89
C LYS F 35 24.36 -39.45 9.87
N ILE F 36 23.60 -40.42 9.35
CA ILE F 36 23.09 -41.48 10.22
C ILE F 36 24.13 -42.57 10.39
N LEU F 37 24.80 -42.94 9.30
CA LEU F 37 25.84 -43.96 9.34
C LEU F 37 26.64 -43.88 8.06
N GLY F 38 27.84 -44.47 8.11
CA GLY F 38 28.66 -44.62 6.93
C GLY F 38 29.26 -46.01 6.90
N ASN F 39 29.80 -46.39 5.76
CA ASN F 39 30.39 -47.70 5.58
C ASN F 39 31.86 -47.63 5.18
N GLN F 40 32.65 -48.51 5.78
CA GLN F 40 34.04 -48.77 5.38
C GLN F 40 34.08 -50.24 5.04
N GLY F 41 33.81 -50.55 3.76
CA GLY F 41 33.73 -51.94 3.33
C GLY F 41 32.53 -52.65 3.95
N SER F 42 32.78 -53.85 4.50
CA SER F 42 31.72 -54.62 5.16
C SER F 42 31.45 -54.12 6.58
N PHE F 43 32.45 -53.58 7.26
CA PHE F 43 32.31 -53.21 8.65
C PHE F 43 31.50 -51.91 8.77
N LEU F 44 30.95 -51.68 9.95
CA LEU F 44 30.05 -50.57 10.19
C LEU F 44 30.70 -49.52 11.10
N THR F 45 30.84 -48.31 10.59
CA THR F 45 31.32 -47.17 11.35
C THR F 45 30.12 -46.40 11.85
N LYS F 46 30.12 -46.05 13.14
CA LYS F 46 28.93 -45.46 13.77
C LYS F 46 28.76 -43.99 13.37
N GLY F 47 27.50 -43.61 13.18
CA GLY F 47 27.16 -42.25 12.80
C GLY F 47 27.12 -41.31 14.00
N PRO F 48 27.06 -40.01 13.70
CA PRO F 48 27.08 -39.00 14.77
C PRO F 48 25.73 -38.72 15.42
N SER F 49 24.66 -39.40 15.03
CA SER F 49 23.37 -39.08 15.61
C SER F 49 23.24 -39.66 17.02
N LYS F 50 22.34 -39.07 17.82
CA LYS F 50 22.07 -39.64 19.13
C LYS F 50 21.32 -40.96 19.04
N LEU F 51 20.76 -41.28 17.88
CA LEU F 51 20.17 -42.57 17.63
C LEU F 51 21.19 -43.58 17.11
N ASN F 52 22.47 -43.19 17.00
CA ASN F 52 23.49 -44.11 16.50
C ASN F 52 23.56 -45.36 17.36
N ASP F 53 23.47 -45.19 18.69
CA ASP F 53 23.52 -46.33 19.59
C ASP F 53 22.35 -47.27 19.31
N ARG F 54 21.16 -46.73 19.12
CA ARG F 54 19.94 -47.53 19.02
C ARG F 54 19.66 -47.97 17.59
N ALA F 55 19.88 -47.11 16.61
CA ALA F 55 19.70 -47.44 15.20
C ALA F 55 20.88 -48.26 14.68
N ASP F 56 20.62 -49.05 13.64
CA ASP F 56 21.63 -49.94 13.10
C ASP F 56 21.25 -50.35 11.69
N SER F 57 22.21 -50.96 10.99
CA SER F 57 21.98 -51.57 9.69
C SER F 57 22.81 -52.85 9.62
N ARG F 58 22.44 -53.74 8.68
CA ARG F 58 23.11 -55.03 8.53
C ARG F 58 23.79 -55.16 7.18
N ARG F 59 25.11 -55.37 7.19
CA ARG F 59 25.87 -55.60 5.97
C ARG F 59 25.71 -57.03 5.46
N SER F 60 25.16 -57.93 6.27
CA SER F 60 24.92 -59.29 5.80
C SER F 60 24.02 -59.30 4.58
N LEU F 61 23.08 -58.36 4.52
CA LEU F 61 22.12 -58.24 3.43
C LEU F 61 22.63 -57.30 2.34
N TRP F 62 23.84 -56.77 2.49
CA TRP F 62 24.39 -55.83 1.51
C TRP F 62 24.72 -56.51 0.19
N ASP F 63 25.01 -57.82 0.21
CA ASP F 63 25.34 -58.54 -1.02
C ASP F 63 24.17 -58.50 -2.00
N GLN F 64 22.95 -58.67 -1.50
CA GLN F 64 21.78 -58.59 -2.38
C GLN F 64 21.56 -57.18 -2.93
N GLY F 65 22.30 -56.19 -2.44
CA GLY F 65 22.23 -54.84 -2.96
C GLY F 65 21.28 -53.92 -2.23
N ASN F 66 20.59 -54.41 -1.20
CA ASN F 66 19.71 -53.57 -0.41
C ASN F 66 20.49 -52.87 0.69
N PHE F 67 20.07 -51.64 1.01
CA PHE F 67 20.74 -50.78 1.98
C PHE F 67 19.75 -50.44 3.08
N PRO F 68 19.31 -51.43 3.87
CA PRO F 68 18.24 -51.17 4.83
C PRO F 68 18.71 -50.31 5.99
N LEU F 69 17.76 -49.55 6.54
CA LEU F 69 17.97 -48.79 7.76
C LEU F 69 17.07 -49.38 8.84
N ILE F 70 17.67 -49.85 9.93
CA ILE F 70 16.96 -50.55 10.99
C ILE F 70 16.98 -49.69 12.26
N ILE F 71 15.81 -49.52 12.88
CA ILE F 71 15.67 -48.81 14.14
C ILE F 71 15.03 -49.75 15.15
N LYS F 72 15.69 -49.94 16.29
CA LYS F 72 15.19 -50.79 17.34
C LYS F 72 14.72 -49.92 18.49
N ASN F 73 13.76 -50.43 19.26
CA ASN F 73 13.16 -49.68 20.36
C ASN F 73 12.69 -48.31 19.89
N LEU F 74 11.75 -48.32 18.94
CA LEU F 74 11.26 -47.07 18.37
C LEU F 74 10.74 -46.15 19.46
N LYS F 75 11.02 -44.87 19.30
CA LYS F 75 10.48 -43.82 20.15
C LYS F 75 9.74 -42.83 19.26
N ILE F 76 8.90 -42.01 19.89
CA ILE F 76 8.13 -41.03 19.12
C ILE F 76 9.08 -40.07 18.41
N GLU F 77 10.18 -39.72 19.08
CA GLU F 77 11.18 -38.81 18.54
C GLU F 77 11.84 -39.33 17.27
N ASP F 78 11.73 -40.63 16.98
CA ASP F 78 12.33 -41.19 15.79
C ASP F 78 11.66 -40.71 14.52
N SER F 79 10.37 -40.37 14.58
CA SER F 79 9.62 -39.99 13.40
C SER F 79 10.25 -38.77 12.72
N ASP F 80 10.59 -38.93 11.44
CA ASP F 80 11.34 -37.95 10.67
C ASP F 80 11.32 -38.41 9.21
N THR F 81 11.92 -37.60 8.34
CA THR F 81 12.14 -37.98 6.95
C THR F 81 13.60 -38.39 6.79
N TYR F 82 13.81 -39.57 6.23
CA TYR F 82 15.15 -40.12 6.03
C TYR F 82 15.40 -40.28 4.54
N ILE F 83 16.68 -40.23 4.15
CA ILE F 83 17.08 -40.22 2.76
C ILE F 83 18.19 -41.24 2.54
N CYS F 84 17.98 -42.14 1.57
CA CYS F 84 19.00 -43.05 1.09
C CYS F 84 19.82 -42.35 0.00
N GLU F 85 21.13 -42.41 0.11
CA GLU F 85 22.02 -41.70 -0.81
C GLU F 85 22.97 -42.68 -1.51
N VAL F 86 22.61 -43.07 -2.74
CA VAL F 86 23.56 -43.51 -3.74
C VAL F 86 23.70 -42.36 -4.73
N GLU F 87 24.89 -42.23 -5.32
CA GLU F 87 25.24 -41.02 -6.07
C GLU F 87 24.31 -40.74 -7.25
N ASP F 88 23.51 -41.73 -7.67
CA ASP F 88 22.69 -41.56 -8.86
C ASP F 88 21.34 -40.93 -8.54
N GLN F 89 20.62 -41.49 -7.58
CA GLN F 89 19.32 -40.97 -7.17
C GLN F 89 19.15 -41.24 -5.68
N LYS F 90 18.21 -40.53 -5.07
CA LYS F 90 17.96 -40.65 -3.65
C LYS F 90 16.53 -41.14 -3.43
N GLU F 91 16.39 -42.15 -2.58
CA GLU F 91 15.08 -42.64 -2.17
C GLU F 91 14.77 -42.09 -0.78
N GLU F 92 13.58 -41.52 -0.63
CA GLU F 92 13.20 -40.84 0.60
C GLU F 92 11.97 -41.54 1.18
N VAL F 93 11.99 -41.72 2.50
CA VAL F 93 10.92 -42.41 3.22
C VAL F 93 10.55 -41.54 4.42
N GLN F 94 9.28 -41.19 4.54
CA GLN F 94 8.81 -40.37 5.64
C GLN F 94 8.22 -41.30 6.69
N LEU F 95 8.64 -41.14 7.94
CA LEU F 95 8.35 -42.09 8.99
C LEU F 95 7.58 -41.40 10.12
N LEU F 96 6.47 -42.02 10.53
CA LEU F 96 5.72 -41.59 11.70
C LEU F 96 5.62 -42.75 12.68
N VAL F 97 5.89 -42.48 13.96
CA VAL F 97 5.83 -43.50 15.01
C VAL F 97 4.81 -43.05 16.05
N PHE F 98 3.84 -43.92 16.33
CA PHE F 98 2.88 -43.74 17.41
C PHE F 98 3.15 -44.71 18.57
N GLY F 99 2.43 -44.47 19.66
CA GLY F 99 2.47 -45.34 20.82
C GLY F 99 1.17 -45.19 21.58
N LEU F 100 0.83 -46.21 22.37
CA LEU F 100 -0.42 -46.20 23.12
C LEU F 100 -0.16 -46.59 24.57
N THR F 101 -0.74 -45.82 25.49
CA THR F 101 -0.57 -46.02 26.92
C THR F 101 -1.89 -45.70 27.63
N ALA F 102 -2.04 -46.25 28.84
CA ALA F 102 -3.28 -46.17 29.62
C ALA F 102 -2.99 -45.46 30.93
N ASN F 103 -3.71 -44.37 31.18
CA ASN F 103 -3.52 -43.54 32.36
C ASN F 103 -4.64 -43.72 33.39
N SER F 104 -4.47 -43.04 34.52
CA SER F 104 -5.42 -43.03 35.65
C SER F 104 -5.77 -44.44 36.10
N GLY F 111 -12.22 -48.62 39.95
CA GLY F 111 -13.49 -47.91 39.94
C GLY F 111 -14.35 -48.27 38.75
N GLN F 112 -14.67 -47.26 37.95
CA GLN F 112 -15.44 -47.48 36.72
C GLN F 112 -14.89 -46.74 35.51
N SER F 113 -13.79 -45.98 35.63
CA SER F 113 -13.30 -45.15 34.54
C SER F 113 -11.80 -45.31 34.36
N LEU F 114 -11.38 -45.20 33.10
CA LEU F 114 -10.01 -45.37 32.67
C LEU F 114 -9.78 -44.40 31.53
N THR F 115 -8.53 -43.96 31.35
CA THR F 115 -8.19 -43.02 30.29
C THR F 115 -7.05 -43.55 29.44
N LEU F 116 -7.17 -43.37 28.13
CA LEU F 116 -6.17 -43.77 27.17
C LEU F 116 -5.63 -42.51 26.49
N THR F 117 -4.30 -42.38 26.44
CA THR F 117 -3.65 -41.28 25.75
C THR F 117 -2.77 -41.84 24.64
N LEU F 118 -2.96 -41.30 23.44
CA LEU F 118 -2.20 -41.70 22.27
C LEU F 118 -1.03 -40.73 22.07
N GLU F 119 0.18 -41.24 22.25
CA GLU F 119 1.36 -40.41 22.02
C GLU F 119 1.59 -40.29 20.52
N SER F 120 1.65 -39.05 20.03
CA SER F 120 1.58 -38.77 18.61
C SER F 120 2.78 -37.95 18.17
N PRO F 121 3.28 -38.16 16.95
CA PRO F 121 4.35 -37.31 16.43
C PRO F 121 3.79 -35.95 16.04
N PRO F 122 4.65 -34.96 15.84
CA PRO F 122 4.16 -33.59 15.62
C PRO F 122 3.57 -33.40 14.24
N GLY F 123 2.53 -32.55 14.18
CA GLY F 123 1.88 -32.23 12.94
C GLY F 123 0.94 -33.29 12.42
N SER F 124 0.82 -34.41 13.12
CA SER F 124 -0.05 -35.49 12.67
C SER F 124 -1.52 -35.12 12.88
N SER F 125 -2.38 -35.82 12.16
CA SER F 125 -3.83 -35.66 12.26
C SER F 125 -4.46 -37.05 12.32
N PRO F 126 -4.26 -37.78 13.41
CA PRO F 126 -4.65 -39.19 13.47
C PRO F 126 -6.06 -39.43 14.02
N SER F 127 -6.63 -40.55 13.62
CA SER F 127 -7.90 -41.04 14.12
C SER F 127 -7.70 -42.38 14.81
N VAL F 128 -8.43 -42.61 15.90
CA VAL F 128 -8.21 -43.77 16.77
C VAL F 128 -9.55 -44.43 17.11
N GLN F 129 -9.67 -45.71 16.75
CA GLN F 129 -10.82 -46.53 17.14
C GLN F 129 -10.39 -47.59 18.14
N CYS F 130 -11.33 -47.99 19.00
CA CYS F 130 -11.08 -49.01 20.03
C CYS F 130 -12.35 -49.86 20.21
N ARG F 131 -12.21 -51.17 20.07
CA ARG F 131 -13.34 -52.09 20.23
C ARG F 131 -13.13 -52.97 21.45
N SER F 132 -14.20 -53.15 22.23
CA SER F 132 -14.14 -54.01 23.40
C SER F 132 -14.12 -55.46 22.94
N PRO F 133 -13.85 -56.42 23.84
CA PRO F 133 -13.99 -57.82 23.45
C PRO F 133 -15.43 -58.21 23.17
N ARG F 134 -16.37 -57.66 23.93
CA ARG F 134 -17.78 -57.91 23.67
C ARG F 134 -18.26 -57.23 22.39
N GLY F 135 -17.49 -56.27 21.87
CA GLY F 135 -17.85 -55.60 20.63
C GLY F 135 -18.16 -54.11 20.75
N LYS F 136 -18.11 -53.51 21.94
CA LYS F 136 -18.40 -52.09 22.08
C LYS F 136 -17.40 -51.26 21.28
N ASN F 137 -17.92 -50.30 20.52
CA ASN F 137 -17.13 -49.50 19.61
C ASN F 137 -16.84 -48.13 20.24
N ILE F 138 -15.57 -47.74 20.24
CA ILE F 138 -15.12 -46.46 20.81
C ILE F 138 -14.29 -45.71 19.77
N GLN F 139 -14.81 -44.58 19.29
CA GLN F 139 -14.12 -43.74 18.33
C GLN F 139 -13.60 -42.50 19.02
N GLY F 140 -12.37 -42.08 18.69
CA GLY F 140 -11.83 -40.91 19.37
C GLY F 140 -10.57 -40.38 18.71
N GLY F 141 -10.06 -39.31 19.32
CA GLY F 141 -8.87 -38.63 18.87
C GLY F 141 -7.58 -39.00 19.58
N LYS F 142 -6.86 -37.98 20.07
CA LYS F 142 -5.58 -38.20 20.74
C LYS F 142 -5.74 -38.75 22.15
N THR F 143 -6.87 -38.49 22.80
CA THR F 143 -7.13 -39.02 24.14
C THR F 143 -8.47 -39.72 24.12
N LEU F 144 -8.51 -40.93 24.68
CA LEU F 144 -9.74 -41.69 24.79
C LEU F 144 -10.07 -41.89 26.26
N SER F 145 -11.37 -41.85 26.58
CA SER F 145 -11.83 -41.99 27.96
C SER F 145 -12.87 -43.09 28.01
N VAL F 146 -12.63 -44.11 28.84
CA VAL F 146 -13.59 -45.18 29.04
C VAL F 146 -14.35 -44.87 30.32
N SER F 147 -15.41 -44.07 30.19
CA SER F 147 -16.08 -43.50 31.35
C SER F 147 -16.81 -44.55 32.16
N GLN F 148 -17.65 -45.36 31.51
CA GLN F 148 -18.51 -46.31 32.20
C GLN F 148 -18.12 -47.72 31.80
N LEU F 149 -17.80 -48.55 32.80
CA LEU F 149 -17.46 -49.94 32.58
C LEU F 149 -18.24 -50.84 33.52
N GLU F 150 -18.74 -51.94 32.97
CA GLU F 150 -19.33 -53.02 33.74
C GLU F 150 -18.40 -54.22 33.65
N LEU F 151 -18.59 -55.18 34.55
CA LEU F 151 -17.64 -56.29 34.66
C LEU F 151 -17.52 -57.07 33.35
N GLN F 152 -18.61 -57.18 32.59
CA GLN F 152 -18.57 -57.95 31.35
C GLN F 152 -17.46 -57.47 30.41
N ASP F 153 -17.26 -56.15 30.33
CA ASP F 153 -16.31 -55.56 29.38
C ASP F 153 -14.88 -55.54 29.95
N SER F 154 -14.36 -56.73 30.26
CA SER F 154 -13.09 -56.80 30.99
C SER F 154 -12.06 -57.71 30.30
N GLY F 155 -12.14 -57.85 28.99
CA GLY F 155 -11.20 -58.67 28.24
C GLY F 155 -10.03 -57.88 27.71
N THR F 156 -9.50 -58.33 26.57
CA THR F 156 -8.47 -57.61 25.84
C THR F 156 -9.13 -56.71 24.81
N TRP F 157 -8.96 -55.40 24.97
CA TRP F 157 -9.52 -54.43 24.04
C TRP F 157 -8.58 -54.28 22.84
N THR F 158 -9.13 -53.78 21.73
CA THR F 158 -8.36 -53.66 20.49
C THR F 158 -8.53 -52.26 19.92
N CYS F 159 -7.43 -51.51 19.84
CA CYS F 159 -7.41 -50.17 19.29
C CYS F 159 -6.59 -50.12 18.01
N THR F 160 -7.22 -49.69 16.92
CA THR F 160 -6.57 -49.52 15.63
C THR F 160 -6.42 -48.03 15.34
N VAL F 161 -5.19 -47.59 15.07
CA VAL F 161 -4.87 -46.19 14.82
C VAL F 161 -4.60 -46.01 13.33
N LEU F 162 -5.25 -45.00 12.73
CA LEU F 162 -5.17 -44.77 11.29
C LEU F 162 -4.95 -43.29 11.01
N GLN F 163 -3.92 -42.98 10.23
CA GLN F 163 -3.72 -41.63 9.73
C GLN F 163 -3.75 -41.64 8.21
N ASN F 164 -4.64 -40.84 7.63
CA ASN F 164 -4.80 -40.81 6.18
C ASN F 164 -5.05 -42.20 5.62
N GLN F 165 -4.10 -42.76 4.87
CA GLN F 165 -4.40 -44.04 4.25
C GLN F 165 -3.70 -45.23 4.90
N LYS F 166 -2.80 -45.03 5.85
CA LYS F 166 -2.06 -46.12 6.47
C LYS F 166 -2.46 -46.24 7.94
N LYS F 167 -2.67 -47.47 8.41
CA LYS F 167 -3.17 -47.69 9.77
C LYS F 167 -2.22 -48.62 10.53
N VAL F 168 -2.33 -48.57 11.86
CA VAL F 168 -1.53 -49.40 12.76
C VAL F 168 -2.45 -49.93 13.86
N GLU F 169 -2.27 -51.21 14.20
CA GLU F 169 -3.15 -51.89 15.15
C GLU F 169 -2.43 -52.11 16.48
N PHE F 170 -3.09 -51.73 17.57
CA PHE F 170 -2.61 -51.89 18.93
C PHE F 170 -3.56 -52.72 19.77
N LYS F 171 -3.00 -53.50 20.69
CA LYS F 171 -3.79 -54.28 21.64
C LYS F 171 -3.35 -53.93 23.05
N ILE F 172 -4.33 -53.68 23.93
CA ILE F 172 -4.09 -53.36 25.34
C ILE F 172 -5.13 -54.09 26.19
N ASP F 173 -4.72 -54.59 27.35
CA ASP F 173 -5.62 -55.29 28.26
C ASP F 173 -6.35 -54.31 29.17
N ILE F 174 -7.63 -54.59 29.40
CA ILE F 174 -8.45 -53.86 30.37
C ILE F 174 -9.01 -54.88 31.34
N VAL F 175 -8.78 -54.64 32.64
CA VAL F 175 -9.32 -55.46 33.70
C VAL F 175 -10.11 -54.56 34.64
N VAL F 176 -11.35 -54.92 34.91
CA VAL F 176 -12.23 -54.15 35.77
C VAL F 176 -12.23 -54.78 37.15
N LEU F 177 -11.97 -53.97 38.17
CA LEU F 177 -11.96 -54.46 39.54
C LEU F 177 -13.38 -54.83 39.97
N ALA F 178 -13.48 -55.89 40.75
CA ALA F 178 -14.77 -56.37 41.21
C ALA F 178 -15.44 -55.38 42.16
N PHE F 179 -14.94 -55.30 43.40
CA PHE F 179 -15.64 -54.63 44.49
C PHE F 179 -15.52 -53.10 44.43
N GLN F 180 -15.07 -52.54 43.33
CA GLN F 180 -15.21 -51.10 43.08
C GLN F 180 -16.67 -50.81 42.68
N LYS F 181 -16.92 -49.58 42.24
CA LYS F 181 -18.30 -49.13 41.99
C LYS F 181 -18.91 -49.73 40.72
N ALA F 182 -18.14 -50.40 39.88
CA ALA F 182 -18.68 -50.96 38.64
C ALA F 182 -19.66 -52.09 38.94
N SER F 183 -20.69 -52.19 38.10
CA SER F 183 -21.73 -53.20 38.26
C SER F 183 -21.40 -54.44 37.42
N SER F 184 -22.02 -55.56 37.79
CA SER F 184 -21.88 -56.82 37.09
C SER F 184 -23.23 -57.26 36.55
N ILE F 185 -23.24 -57.72 35.30
CA ILE F 185 -24.45 -58.25 34.69
C ILE F 185 -24.04 -59.25 33.62
N VAL F 186 -24.82 -60.33 33.51
CA VAL F 186 -24.59 -61.40 32.55
C VAL F 186 -25.90 -61.70 31.85
N TYR F 187 -25.86 -61.72 30.52
CA TYR F 187 -27.04 -61.99 29.69
C TYR F 187 -26.84 -63.32 28.99
N LYS F 188 -27.66 -64.32 29.32
CA LYS F 188 -27.54 -65.64 28.71
C LYS F 188 -28.89 -66.18 28.32
N LYS F 189 -28.96 -66.78 27.14
CA LYS F 189 -30.12 -67.56 26.75
C LYS F 189 -30.14 -68.86 27.53
N GLU F 190 -31.33 -69.41 27.74
CA GLU F 190 -31.50 -70.59 28.57
C GLU F 190 -30.68 -71.77 28.05
N GLY F 191 -29.98 -72.45 28.96
CA GLY F 191 -29.20 -73.63 28.66
C GLY F 191 -27.71 -73.40 28.58
N GLU F 192 -27.28 -72.16 28.44
CA GLU F 192 -25.86 -71.85 28.41
C GLU F 192 -25.30 -71.78 29.82
N GLN F 193 -24.02 -72.12 29.98
CA GLN F 193 -23.43 -72.00 31.30
C GLN F 193 -23.16 -70.53 31.61
N VAL F 194 -23.35 -70.17 32.88
CA VAL F 194 -23.17 -68.81 33.33
C VAL F 194 -21.87 -68.77 34.13
N GLU F 195 -21.01 -67.80 33.81
CA GLU F 195 -19.70 -67.71 34.42
C GLU F 195 -19.53 -66.32 35.02
N PHE F 196 -19.15 -66.27 36.29
CA PHE F 196 -18.85 -65.01 36.98
C PHE F 196 -17.41 -65.01 37.45
N SER F 197 -16.74 -63.88 37.26
CA SER F 197 -15.38 -63.68 37.74
C SER F 197 -15.35 -62.39 38.57
N PHE F 198 -14.63 -62.44 39.69
CA PHE F 198 -14.45 -61.28 40.57
C PHE F 198 -12.98 -61.08 40.85
N PRO F 199 -12.23 -60.52 39.91
CA PRO F 199 -10.81 -60.22 40.17
C PRO F 199 -10.68 -59.10 41.20
N LEU F 200 -9.86 -59.35 42.21
CA LEU F 200 -9.57 -58.38 43.26
C LEU F 200 -8.24 -57.69 43.01
N ALA F 201 -8.10 -56.49 43.57
CA ALA F 201 -6.85 -55.75 43.44
C ALA F 201 -5.70 -56.57 44.04
N PHE F 202 -4.51 -56.41 43.45
CA PHE F 202 -3.38 -57.25 43.80
C PHE F 202 -2.94 -57.08 45.24
N THR F 203 -3.32 -55.98 45.89
CA THR F 203 -2.91 -55.76 47.28
C THR F 203 -3.64 -56.70 48.22
N VAL F 204 -4.91 -57.03 47.93
CA VAL F 204 -5.71 -57.82 48.86
C VAL F 204 -5.57 -59.31 48.62
N GLU F 205 -4.80 -59.71 47.61
CA GLU F 205 -4.60 -61.13 47.37
C GLU F 205 -3.83 -61.77 48.51
N LYS F 206 -2.91 -61.03 49.12
CA LYS F 206 -2.15 -61.56 50.25
C LYS F 206 -3.00 -61.63 51.51
N LEU F 207 -3.90 -60.66 51.70
CA LEU F 207 -4.77 -60.67 52.86
C LEU F 207 -5.65 -61.92 52.83
N THR F 208 -6.17 -62.31 53.99
CA THR F 208 -6.97 -63.51 54.11
C THR F 208 -8.34 -63.17 54.69
N GLY F 209 -9.36 -63.87 54.23
CA GLY F 209 -10.70 -63.60 54.72
C GLY F 209 -11.69 -64.64 54.23
N SER F 210 -12.97 -64.37 54.51
CA SER F 210 -14.06 -65.24 54.12
C SER F 210 -15.27 -64.41 53.68
N GLY F 211 -16.12 -65.02 52.86
CA GLY F 211 -17.28 -64.32 52.33
C GLY F 211 -18.38 -65.28 51.92
N GLU F 212 -19.53 -64.71 51.58
CA GLU F 212 -20.65 -65.50 51.07
C GLU F 212 -21.50 -64.65 50.14
N LEU F 213 -22.38 -65.34 49.41
CA LEU F 213 -23.20 -64.75 48.36
C LEU F 213 -24.68 -65.00 48.65
N TRP F 214 -25.46 -63.93 48.74
CA TRP F 214 -26.90 -64.02 48.87
C TRP F 214 -27.55 -63.80 47.52
N TRP F 215 -28.66 -64.50 47.28
CA TRP F 215 -29.36 -64.37 46.01
C TRP F 215 -30.85 -64.21 46.28
N GLN F 216 -31.52 -63.51 45.37
CA GLN F 216 -32.96 -63.32 45.43
C GLN F 216 -33.55 -63.59 44.07
N ALA F 217 -34.68 -64.28 44.04
CA ALA F 217 -35.32 -64.63 42.79
C ALA F 217 -36.32 -63.53 42.42
N GLU F 218 -37.17 -63.81 41.42
CA GLU F 218 -38.23 -62.86 41.07
C GLU F 218 -39.12 -62.56 42.28
N ARG F 219 -39.39 -63.58 43.09
CA ARG F 219 -40.15 -63.44 44.31
C ARG F 219 -39.26 -63.05 45.49
N ALA F 220 -39.77 -62.19 46.35
CA ALA F 220 -39.07 -61.85 47.58
C ALA F 220 -39.17 -62.98 48.60
N SER F 221 -39.67 -64.13 48.15
CA SER F 221 -39.83 -65.30 48.99
C SER F 221 -38.52 -65.77 49.59
N SER F 222 -37.41 -65.61 48.85
CA SER F 222 -36.16 -66.25 49.26
C SER F 222 -34.99 -65.27 49.31
N SER F 223 -34.14 -65.48 50.31
CA SER F 223 -32.79 -64.95 50.34
C SER F 223 -31.93 -66.21 50.43
N LYS F 224 -31.40 -66.65 49.29
CA LYS F 224 -30.95 -68.03 49.19
C LYS F 224 -29.67 -68.27 49.98
N SER F 225 -28.72 -67.34 49.92
CA SER F 225 -27.39 -67.52 50.51
C SER F 225 -26.70 -68.73 49.87
N TRP F 226 -26.36 -68.54 48.58
CA TRP F 226 -25.94 -69.65 47.73
C TRP F 226 -24.74 -70.39 48.33
N ILE F 227 -23.64 -69.70 48.63
CA ILE F 227 -22.46 -70.38 49.12
C ILE F 227 -21.79 -69.56 50.21
N THR F 228 -21.07 -70.27 51.08
CA THR F 228 -20.18 -69.68 52.08
C THR F 228 -18.78 -70.16 51.75
N PHE F 229 -17.80 -69.27 51.80
CA PHE F 229 -16.48 -69.61 51.29
C PHE F 229 -15.40 -68.86 52.05
N ASP F 230 -14.22 -69.49 52.10
CA ASP F 230 -13.07 -68.98 52.86
C ASP F 230 -11.85 -68.90 51.95
N LEU F 231 -11.05 -67.85 52.12
CA LEU F 231 -9.87 -67.60 51.30
C LEU F 231 -8.67 -67.28 52.19
N LYS F 232 -7.65 -68.14 52.15
CA LYS F 232 -6.39 -67.90 52.83
C LYS F 232 -5.26 -68.11 51.85
N ASN F 233 -4.25 -67.25 51.91
CA ASN F 233 -3.16 -67.20 50.94
C ASN F 233 -3.79 -66.99 49.56
N LYS F 234 -3.59 -67.88 48.59
CA LYS F 234 -4.25 -67.80 47.30
C LYS F 234 -5.13 -69.02 47.06
N GLU F 235 -5.76 -69.50 48.13
CA GLU F 235 -6.48 -70.77 48.11
C GLU F 235 -7.94 -70.52 48.47
N VAL F 236 -8.83 -70.91 47.58
CA VAL F 236 -10.27 -70.70 47.77
C VAL F 236 -10.92 -72.03 48.11
N SER F 237 -11.54 -72.08 49.29
CA SER F 237 -12.30 -73.25 49.74
C SER F 237 -13.72 -72.83 50.11
N VAL F 238 -14.67 -73.73 49.89
CA VAL F 238 -16.08 -73.45 50.12
C VAL F 238 -16.48 -74.01 51.46
N LYS F 239 -17.34 -73.28 52.17
CA LYS F 239 -17.89 -73.74 53.44
C LYS F 239 -19.23 -74.45 53.28
N ARG F 240 -20.10 -73.92 52.41
CA ARG F 240 -21.40 -74.50 52.16
C ARG F 240 -21.85 -74.10 50.76
N VAL F 241 -22.61 -74.97 50.11
CA VAL F 241 -23.11 -74.76 48.75
C VAL F 241 -24.61 -75.05 48.73
N THR F 242 -25.33 -74.29 47.92
CA THR F 242 -26.76 -74.55 47.78
C THR F 242 -27.03 -75.84 47.02
N GLN F 243 -28.11 -76.48 47.43
CA GLN F 243 -28.59 -77.68 46.77
C GLN F 243 -29.00 -77.42 45.33
N ASP F 244 -29.60 -76.25 45.06
CA ASP F 244 -30.31 -76.09 43.79
C ASP F 244 -29.38 -75.77 42.62
N PRO F 245 -28.68 -74.62 42.57
CA PRO F 245 -27.63 -74.48 41.54
C PRO F 245 -26.35 -75.18 41.99
N LYS F 246 -25.86 -76.08 41.13
CA LYS F 246 -24.63 -76.82 41.40
C LYS F 246 -23.43 -75.95 41.01
N LEU F 247 -23.21 -74.89 41.80
CA LEU F 247 -22.17 -73.93 41.49
C LEU F 247 -20.78 -74.57 41.57
N GLN F 248 -19.91 -74.15 40.68
CA GLN F 248 -18.50 -74.54 40.69
C GLN F 248 -17.66 -73.29 40.90
N MET F 249 -16.93 -73.25 42.02
CA MET F 249 -15.99 -72.17 42.30
C MET F 249 -14.56 -72.69 42.19
N GLY F 250 -13.76 -72.01 41.37
CA GLY F 250 -12.38 -72.37 41.16
C GLY F 250 -11.54 -72.26 42.40
N LYS F 251 -10.79 -73.32 42.71
CA LYS F 251 -9.86 -73.27 43.84
C LYS F 251 -8.76 -72.24 43.63
N LYS F 252 -8.37 -71.97 42.39
CA LYS F 252 -7.28 -71.04 42.13
C LYS F 252 -7.70 -69.60 42.45
N LEU F 253 -6.69 -68.74 42.63
CA LEU F 253 -6.92 -67.45 43.27
C LEU F 253 -7.88 -66.52 42.54
N PRO F 254 -7.81 -66.33 41.22
CA PRO F 254 -8.81 -65.49 40.56
C PRO F 254 -10.21 -66.03 40.81
N LEU F 255 -11.02 -65.23 41.50
CA LEU F 255 -12.33 -65.69 41.97
C LEU F 255 -13.22 -66.09 40.81
N HIS F 256 -13.28 -67.40 40.54
CA HIS F 256 -13.99 -67.93 39.40
C HIS F 256 -15.16 -68.76 39.93
N LEU F 257 -16.36 -68.49 39.42
CA LEU F 257 -17.57 -69.16 39.85
C LEU F 257 -18.42 -69.45 38.63
N THR F 258 -18.92 -70.69 38.50
CA THR F 258 -19.70 -71.09 37.35
C THR F 258 -21.04 -71.69 37.75
N LEU F 259 -22.08 -71.37 36.97
CA LEU F 259 -23.41 -71.97 36.97
C LEU F 259 -23.46 -73.01 35.88
N PRO F 260 -23.97 -74.22 36.13
CA PRO F 260 -23.88 -75.27 35.09
C PRO F 260 -24.60 -74.86 33.81
N GLN F 261 -25.85 -74.41 33.92
CA GLN F 261 -26.52 -73.81 32.78
C GLN F 261 -27.65 -72.92 33.29
N ALA F 262 -27.90 -71.83 32.54
CA ALA F 262 -28.86 -70.83 32.96
C ALA F 262 -30.29 -71.30 32.78
N LEU F 263 -31.11 -71.05 33.78
CA LEU F 263 -32.52 -71.38 33.80
C LEU F 263 -33.29 -70.21 34.38
N PRO F 264 -34.60 -70.12 34.14
CA PRO F 264 -35.36 -68.97 34.66
C PRO F 264 -35.36 -68.87 36.18
N GLN F 265 -35.45 -70.00 36.88
CA GLN F 265 -35.48 -69.95 38.34
C GLN F 265 -34.19 -69.36 38.92
N TYR F 266 -33.06 -69.54 38.24
CA TYR F 266 -31.80 -68.94 38.69
C TYR F 266 -31.66 -67.50 38.16
N ALA F 267 -32.63 -66.64 38.51
CA ALA F 267 -32.58 -65.28 38.00
C ALA F 267 -33.06 -64.31 39.07
N GLY F 268 -32.57 -63.08 38.97
CA GLY F 268 -32.80 -62.06 39.98
C GLY F 268 -31.51 -61.42 40.43
N SER F 269 -31.67 -60.39 41.25
CA SER F 269 -30.51 -59.71 41.80
C SER F 269 -29.86 -60.57 42.89
N GLY F 270 -28.55 -60.41 43.06
CA GLY F 270 -27.85 -61.11 44.11
C GLY F 270 -26.73 -60.26 44.70
N ASN F 271 -26.40 -60.56 45.96
CA ASN F 271 -25.37 -59.85 46.70
C ASN F 271 -24.23 -60.79 47.08
N LEU F 272 -23.00 -60.37 46.82
CA LEU F 272 -21.82 -61.09 47.28
C LEU F 272 -21.08 -60.20 48.26
N THR F 273 -20.94 -60.67 49.50
CA THR F 273 -20.31 -59.92 50.56
C THR F 273 -19.02 -60.63 50.96
N LEU F 274 -17.91 -59.89 50.92
CA LEU F 274 -16.60 -60.42 51.29
C LEU F 274 -16.03 -59.61 52.45
N ALA F 275 -15.69 -60.29 53.54
CA ALA F 275 -14.98 -59.66 54.64
C ALA F 275 -13.62 -60.32 54.82
N LEU F 276 -12.75 -59.64 55.54
CA LEU F 276 -11.37 -60.07 55.73
C LEU F 276 -10.91 -59.64 57.11
N GLU F 277 -10.31 -60.57 57.86
CA GLU F 277 -9.85 -60.23 59.20
C GLU F 277 -8.76 -59.17 59.18
N ALA F 278 -8.07 -59.02 58.05
CA ALA F 278 -6.99 -58.04 57.91
C ALA F 278 -7.49 -56.60 58.02
N LYS F 279 -8.17 -56.10 56.99
CA LYS F 279 -8.48 -54.68 56.88
C LYS F 279 -9.80 -54.29 57.53
N THR F 280 -10.64 -55.26 57.89
CA THR F 280 -11.92 -55.03 58.55
C THR F 280 -12.70 -53.89 57.90
N GLY F 281 -12.93 -54.04 56.60
CA GLY F 281 -13.81 -53.16 55.85
C GLY F 281 -14.79 -53.97 55.03
N LYS F 282 -16.09 -53.83 55.32
CA LYS F 282 -17.11 -54.67 54.68
C LYS F 282 -17.12 -54.43 53.18
N LEU F 283 -16.86 -55.47 52.40
CA LEU F 283 -16.89 -55.38 50.95
C LEU F 283 -18.19 -55.96 50.41
N HIS F 284 -18.82 -55.24 49.49
CA HIS F 284 -20.07 -55.66 48.87
C HIS F 284 -19.88 -55.76 47.37
N GLN F 285 -20.80 -56.46 46.71
CA GLN F 285 -20.80 -56.55 45.26
C GLN F 285 -22.19 -56.87 44.76
N GLU F 286 -22.59 -56.17 43.71
CA GLU F 286 -23.92 -56.30 43.13
C GLU F 286 -23.83 -57.11 41.86
N VAL F 287 -24.69 -58.12 41.75
CA VAL F 287 -24.67 -59.07 40.63
C VAL F 287 -26.10 -59.28 40.13
N ASN F 288 -26.29 -59.26 38.81
CA ASN F 288 -27.58 -59.51 38.19
C ASN F 288 -27.44 -60.58 37.11
N LEU F 289 -28.49 -61.37 36.93
CA LEU F 289 -28.54 -62.36 35.85
C LEU F 289 -29.87 -62.26 35.12
N VAL F 290 -29.80 -62.14 33.78
CA VAL F 290 -30.96 -62.02 32.92
C VAL F 290 -30.93 -63.15 31.90
N VAL F 291 -32.08 -63.83 31.73
CA VAL F 291 -32.15 -65.07 30.96
C VAL F 291 -33.26 -64.96 29.90
N MET F 292 -32.96 -65.42 28.69
CA MET F 292 -33.91 -65.44 27.57
C MET F 292 -34.24 -66.88 27.15
N ARG F 293 -35.51 -67.13 26.86
CA ARG F 293 -35.96 -68.39 26.28
C ARG F 293 -36.81 -68.10 25.06
N ALA F 294 -36.38 -68.56 23.89
CA ALA F 294 -37.04 -68.25 22.62
C ALA F 294 -37.24 -69.52 21.80
N THR F 295 -38.48 -69.97 21.68
CA THR F 295 -38.77 -71.21 20.98
C THR F 295 -40.23 -71.21 20.55
N GLN F 296 -40.56 -72.12 19.63
CA GLN F 296 -41.90 -72.26 19.06
C GLN F 296 -42.45 -73.62 19.45
N LEU F 297 -43.58 -73.62 20.15
CA LEU F 297 -44.28 -74.84 20.53
C LEU F 297 -45.54 -74.94 19.69
N GLN F 298 -45.55 -75.90 18.76
CA GLN F 298 -46.64 -76.10 17.80
C GLN F 298 -46.87 -74.81 17.04
N LYS F 299 -48.07 -74.23 17.07
CA LYS F 299 -48.39 -73.04 16.30
C LYS F 299 -48.05 -71.74 17.02
N ASN F 300 -47.75 -71.77 18.31
CA ASN F 300 -47.38 -70.56 19.04
C ASN F 300 -45.88 -70.34 18.90
N LEU F 301 -45.48 -69.07 18.81
CA LEU F 301 -44.07 -68.69 18.87
C LEU F 301 -43.89 -67.72 20.03
N THR F 302 -42.95 -68.04 20.92
CA THR F 302 -42.83 -67.27 22.16
C THR F 302 -41.39 -66.93 22.48
N CYS F 303 -41.18 -65.71 22.97
CA CYS F 303 -39.89 -65.24 23.47
C CYS F 303 -40.13 -64.43 24.74
N GLU F 304 -39.71 -64.95 25.88
CA GLU F 304 -39.85 -64.24 27.14
C GLU F 304 -38.51 -64.18 27.86
N VAL F 305 -38.38 -63.20 28.75
CA VAL F 305 -37.16 -62.94 29.49
C VAL F 305 -37.50 -62.76 30.97
N TRP F 306 -36.64 -63.29 31.84
CA TRP F 306 -36.83 -63.28 33.28
C TRP F 306 -35.67 -62.57 33.97
N GLY F 307 -35.97 -61.91 35.10
CA GLY F 307 -34.95 -61.30 35.92
C GLY F 307 -35.11 -59.82 36.09
N PRO F 308 -34.10 -59.17 36.69
CA PRO F 308 -34.18 -57.71 36.90
C PRO F 308 -33.68 -56.91 35.71
N THR F 309 -34.60 -56.55 34.81
CA THR F 309 -34.31 -55.72 33.67
C THR F 309 -34.93 -54.34 33.87
N SER F 310 -34.20 -53.31 33.45
CA SER F 310 -34.77 -51.97 33.45
C SER F 310 -36.03 -51.95 32.61
N PRO F 311 -37.09 -51.27 33.05
CA PRO F 311 -38.34 -51.30 32.27
C PRO F 311 -38.20 -50.71 30.89
N LYS F 312 -37.20 -49.84 30.67
CA LYS F 312 -37.12 -49.05 29.45
C LYS F 312 -36.79 -49.89 28.23
N LEU F 313 -36.10 -51.03 28.41
CA LEU F 313 -35.70 -51.83 27.26
C LEU F 313 -36.89 -52.54 26.65
N MET F 314 -36.71 -52.99 25.41
CA MET F 314 -37.80 -53.44 24.58
C MET F 314 -37.47 -54.80 23.96
N LEU F 315 -38.47 -55.68 23.94
CA LEU F 315 -38.40 -56.98 23.29
C LEU F 315 -39.03 -56.91 21.91
N SER F 316 -38.47 -57.69 20.98
CA SER F 316 -38.95 -57.71 19.61
C SER F 316 -38.79 -59.12 19.04
N LEU F 317 -39.75 -59.51 18.21
CA LEU F 317 -39.62 -60.69 17.36
C LEU F 317 -39.63 -60.25 15.91
N LYS F 318 -38.57 -60.61 15.17
CA LYS F 318 -38.40 -60.12 13.82
C LYS F 318 -37.40 -60.98 13.08
N LEU F 319 -37.70 -61.29 11.83
CA LEU F 319 -36.67 -61.80 10.93
C LEU F 319 -35.96 -60.60 10.31
N GLU F 320 -34.63 -60.67 10.22
CA GLU F 320 -33.88 -59.52 9.75
C GLU F 320 -34.15 -59.20 8.29
N ASN F 321 -34.76 -60.13 7.54
CA ASN F 321 -35.17 -59.80 6.18
C ASN F 321 -36.31 -58.80 6.20
N LYS F 322 -37.33 -59.07 7.01
CA LYS F 322 -38.51 -58.22 7.13
C LYS F 322 -38.33 -57.27 8.32
N GLU F 323 -39.45 -56.77 8.85
CA GLU F 323 -39.47 -55.85 9.98
C GLU F 323 -40.03 -56.57 11.20
N ALA F 324 -39.94 -55.90 12.35
CA ALA F 324 -40.39 -56.44 13.63
C ALA F 324 -41.85 -56.87 13.56
N LYS F 325 -42.10 -58.18 13.61
CA LYS F 325 -43.47 -58.67 13.54
C LYS F 325 -44.24 -58.41 14.81
N VAL F 326 -43.54 -58.21 15.93
CA VAL F 326 -44.17 -57.77 17.18
C VAL F 326 -43.09 -57.21 18.08
N SER F 327 -43.44 -56.17 18.82
CA SER F 327 -42.51 -55.53 19.76
C SER F 327 -43.31 -54.82 20.84
N LYS F 328 -42.96 -55.09 22.10
CA LYS F 328 -43.57 -54.40 23.22
C LYS F 328 -42.49 -54.08 24.25
N ARG F 329 -42.82 -53.16 25.16
CA ARG F 329 -41.92 -52.76 26.23
C ARG F 329 -42.05 -53.66 27.47
N GLU F 330 -42.80 -54.75 27.37
CA GLU F 330 -43.02 -55.66 28.49
C GLU F 330 -41.87 -56.66 28.57
N LYS F 331 -42.04 -57.69 29.41
CA LYS F 331 -41.02 -58.72 29.60
C LYS F 331 -41.24 -59.96 28.75
N ALA F 332 -42.38 -60.09 28.08
CA ALA F 332 -42.67 -61.30 27.31
C ALA F 332 -43.35 -60.95 26.00
N VAL F 333 -42.99 -61.68 24.95
CA VAL F 333 -43.52 -61.47 23.61
C VAL F 333 -43.77 -62.82 22.97
N TRP F 334 -44.92 -62.94 22.29
CA TRP F 334 -45.34 -64.19 21.68
C TRP F 334 -45.99 -63.91 20.34
N VAL F 335 -45.73 -64.79 19.37
CA VAL F 335 -46.30 -64.66 18.03
C VAL F 335 -47.22 -65.85 17.77
N LEU F 336 -48.36 -65.58 17.17
CA LEU F 336 -49.37 -66.59 16.86
C LEU F 336 -49.42 -66.82 15.36
N ASN F 337 -49.51 -68.10 14.97
CA ASN F 337 -49.51 -68.54 13.58
C ASN F 337 -48.32 -67.96 12.81
N PRO F 338 -47.10 -68.07 13.34
CA PRO F 338 -45.98 -67.33 12.77
C PRO F 338 -45.61 -67.79 11.37
N GLU F 339 -45.13 -66.83 10.60
CA GLU F 339 -44.68 -67.03 9.23
C GLU F 339 -43.42 -67.90 9.17
N ALA F 340 -43.30 -68.65 8.09
CA ALA F 340 -42.11 -69.45 7.84
C ALA F 340 -40.90 -68.55 7.61
N GLY F 341 -39.75 -68.94 8.16
CA GLY F 341 -38.54 -68.14 8.01
C GLY F 341 -37.64 -68.29 9.21
N MET F 342 -36.53 -67.56 9.16
CA MET F 342 -35.56 -67.52 10.27
C MET F 342 -35.90 -66.32 11.12
N TRP F 343 -36.67 -66.54 12.18
CA TRP F 343 -37.09 -65.48 13.08
C TRP F 343 -35.96 -65.15 14.04
N GLN F 344 -36.16 -64.09 14.83
CA GLN F 344 -35.13 -63.66 15.76
C GLN F 344 -35.78 -62.89 16.90
N CYS F 345 -35.30 -63.07 18.12
CA CYS F 345 -35.80 -62.34 19.28
C CYS F 345 -34.72 -61.45 19.86
N LEU F 346 -35.07 -60.18 20.11
CA LEU F 346 -34.10 -59.18 20.56
C LEU F 346 -34.59 -58.48 21.81
N LEU F 347 -33.73 -58.43 22.82
CA LEU F 347 -33.86 -57.57 23.98
C LEU F 347 -32.79 -56.50 23.84
N SER F 348 -33.20 -55.23 23.83
CA SER F 348 -32.31 -54.19 23.35
C SER F 348 -32.41 -52.93 24.20
N ASP F 349 -31.29 -52.21 24.25
CA ASP F 349 -31.18 -50.86 24.79
C ASP F 349 -31.51 -49.88 23.67
N SER F 350 -31.33 -48.59 23.92
CA SER F 350 -31.59 -47.59 22.89
C SER F 350 -30.74 -47.85 21.66
N GLY F 351 -29.44 -48.08 21.87
CA GLY F 351 -28.50 -48.24 20.78
C GLY F 351 -28.09 -49.67 20.43
N GLN F 352 -28.09 -50.56 21.40
CA GLN F 352 -27.44 -51.87 21.26
C GLN F 352 -28.37 -52.99 21.70
N VAL F 353 -28.02 -54.19 21.25
CA VAL F 353 -28.79 -55.40 21.52
C VAL F 353 -28.15 -56.14 22.69
N LEU F 354 -28.91 -56.26 23.77
CA LEU F 354 -28.39 -56.94 24.96
C LEU F 354 -28.31 -58.45 24.75
N LEU F 355 -29.41 -59.05 24.26
CA LEU F 355 -29.50 -60.48 23.98
C LEU F 355 -30.15 -60.73 22.64
N GLU F 356 -29.55 -61.59 21.84
CA GLU F 356 -30.15 -62.02 20.58
C GLU F 356 -30.16 -63.54 20.54
N SER F 357 -31.31 -64.10 20.19
CA SER F 357 -31.45 -65.54 20.00
C SER F 357 -32.02 -65.77 18.60
N ASN F 358 -31.43 -66.73 17.87
CA ASN F 358 -31.85 -67.01 16.51
C ASN F 358 -32.71 -68.26 16.53
N ILE F 359 -33.92 -68.16 15.98
CA ILE F 359 -34.83 -69.30 15.90
C ILE F 359 -35.28 -69.42 14.46
N LYS F 360 -35.36 -70.66 13.98
CA LYS F 360 -35.81 -70.94 12.63
C LYS F 360 -37.06 -71.80 12.71
N VAL F 361 -38.12 -71.36 12.06
CA VAL F 361 -39.36 -72.11 12.02
C VAL F 361 -39.38 -72.95 10.75
N LEU F 362 -39.58 -74.24 10.92
CA LEU F 362 -39.63 -75.23 9.85
C LEU F 362 -40.89 -75.17 8.97
N PRO F 363 -42.08 -74.78 9.50
CA PRO F 363 -43.28 -74.74 8.64
C PRO F 363 -43.10 -74.08 7.27
N GLY G 1 17.40 53.29 -23.39
CA GLY G 1 17.99 54.42 -22.69
C GLY G 1 17.59 55.76 -23.28
N VAL G 2 17.10 56.65 -22.41
CA VAL G 2 16.62 57.98 -22.81
C VAL G 2 15.57 57.85 -23.89
N SER G 3 14.63 56.91 -23.72
CA SER G 3 13.64 56.63 -24.73
C SER G 3 12.63 57.78 -24.84
N ASP G 4 11.95 57.81 -25.98
CA ASP G 4 10.96 58.84 -26.30
C ASP G 4 9.68 58.18 -26.78
N VAL G 5 9.09 57.35 -25.93
CA VAL G 5 7.94 56.56 -26.35
C VAL G 5 6.77 56.78 -25.39
N PRO G 6 5.59 57.12 -25.90
CA PRO G 6 4.42 57.20 -25.02
C PRO G 6 4.13 55.83 -24.42
N ARG G 7 3.61 55.82 -23.20
CA ARG G 7 3.47 54.58 -22.46
C ARG G 7 2.05 54.43 -21.93
N ASP G 8 1.71 53.18 -21.61
CA ASP G 8 0.49 52.83 -20.88
C ASP G 8 -0.76 53.35 -21.60
N LEU G 9 -0.85 53.08 -22.91
CA LEU G 9 -2.00 53.48 -23.71
C LEU G 9 -3.15 52.51 -23.52
N GLU G 10 -4.35 53.06 -23.31
CA GLU G 10 -5.54 52.26 -23.12
C GLU G 10 -6.77 53.08 -23.53
N VAL G 11 -7.91 52.41 -23.58
CA VAL G 11 -9.20 53.02 -23.94
C VAL G 11 -10.01 53.19 -22.66
N VAL G 12 -10.28 54.43 -22.28
CA VAL G 12 -10.97 54.69 -21.02
C VAL G 12 -12.43 54.26 -21.11
N ALA G 13 -13.15 54.72 -22.13
CA ALA G 13 -14.54 54.36 -22.34
C ALA G 13 -14.89 54.63 -23.80
N ALA G 14 -15.90 53.92 -24.29
CA ALA G 14 -16.23 53.95 -25.71
C ALA G 14 -17.73 53.88 -25.92
N THR G 15 -18.13 54.26 -27.13
CA THR G 15 -19.46 54.14 -27.69
C THR G 15 -19.33 53.56 -29.09
N PRO G 16 -20.40 52.96 -29.65
CA PRO G 16 -20.30 52.27 -30.94
C PRO G 16 -19.73 53.12 -32.08
N THR G 17 -19.66 54.44 -31.90
CA THR G 17 -19.13 55.32 -32.92
C THR G 17 -17.91 56.12 -32.49
N SER G 18 -17.55 56.10 -31.22
CA SER G 18 -16.48 56.96 -30.73
C SER G 18 -15.63 56.26 -29.68
N LEU G 19 -14.33 56.50 -29.73
CA LEU G 19 -13.42 56.08 -28.68
C LEU G 19 -12.91 57.29 -27.91
N LEU G 20 -12.53 57.06 -26.67
CA LEU G 20 -11.84 58.07 -25.86
C LEU G 20 -10.65 57.37 -25.21
N ILE G 21 -9.45 57.76 -25.62
CA ILE G 21 -8.24 57.06 -25.21
C ILE G 21 -7.43 57.96 -24.29
N SER G 22 -6.62 57.31 -23.46
CA SER G 22 -5.70 58.00 -22.57
C SER G 22 -4.37 57.28 -22.64
N TRP G 23 -3.30 58.03 -22.44
CA TRP G 23 -1.95 57.48 -22.50
C TRP G 23 -1.11 58.20 -21.48
N ASP G 24 0.06 57.64 -21.18
CA ASP G 24 0.97 58.21 -20.20
C ASP G 24 2.21 58.74 -20.90
N ALA G 25 2.63 59.94 -20.52
CA ALA G 25 3.67 60.65 -21.22
C ALA G 25 5.03 60.02 -20.94
N PRO G 26 6.00 60.21 -21.84
CA PRO G 26 7.34 59.67 -21.61
C PRO G 26 8.16 60.59 -20.71
N ALA G 27 9.47 60.35 -20.69
CA ALA G 27 10.35 61.14 -19.85
C ALA G 27 10.51 62.56 -20.39
N VAL G 28 10.81 62.69 -21.69
CA VAL G 28 11.21 63.98 -22.24
C VAL G 28 10.01 64.86 -22.47
N THR G 29 10.28 66.16 -22.61
CA THR G 29 9.24 67.10 -23.01
C THR G 29 8.79 66.79 -24.43
N VAL G 30 7.48 66.85 -24.67
CA VAL G 30 6.90 66.41 -25.92
C VAL G 30 6.15 67.56 -26.55
N HIS G 31 6.51 67.90 -27.79
CA HIS G 31 5.87 69.02 -28.49
C HIS G 31 4.42 68.71 -28.84
N SER G 32 4.13 67.50 -29.31
CA SER G 32 2.76 67.14 -29.65
C SER G 32 2.62 65.63 -29.78
N TYR G 33 1.41 65.15 -29.57
CA TYR G 33 1.05 63.75 -29.67
C TYR G 33 0.22 63.55 -30.92
N HIS G 34 0.57 62.54 -31.72
CA HIS G 34 -0.14 62.24 -32.96
C HIS G 34 -0.91 60.94 -32.79
N ILE G 35 -2.23 61.03 -32.91
CA ILE G 35 -3.11 59.87 -32.77
C ILE G 35 -3.53 59.40 -34.15
N GLN G 36 -3.14 58.18 -34.50
CA GLN G 36 -3.37 57.56 -35.80
C GLN G 36 -4.22 56.32 -35.61
N TYR G 37 -5.39 56.28 -36.25
CA TYR G 37 -6.30 55.16 -36.10
C TYR G 37 -6.74 54.65 -37.47
N TRP G 38 -6.73 53.34 -37.65
CA TRP G 38 -7.14 52.71 -38.90
C TRP G 38 -7.81 51.39 -38.58
N PRO G 39 -8.62 50.86 -39.49
CA PRO G 39 -9.21 49.53 -39.27
C PRO G 39 -8.17 48.43 -39.44
N LEU G 40 -8.38 47.33 -38.71
CA LEU G 40 -7.41 46.24 -38.68
C LEU G 40 -7.10 45.76 -40.09
N GLY G 41 -5.83 45.56 -40.37
CA GLY G 41 -5.41 45.06 -41.67
C GLY G 41 -5.17 46.13 -42.72
N SER G 42 -6.16 46.99 -42.94
CA SER G 42 -6.11 48.02 -43.97
C SER G 42 -5.50 49.29 -43.39
N TYR G 43 -4.19 49.44 -43.57
CA TYR G 43 -3.51 50.67 -43.18
C TYR G 43 -3.91 51.84 -44.06
N GLN G 44 -4.31 51.56 -45.30
CA GLN G 44 -4.54 52.62 -46.28
C GLN G 44 -5.62 53.60 -45.86
N ARG G 45 -6.56 53.17 -45.02
CA ARG G 45 -7.71 53.97 -44.65
C ARG G 45 -7.53 54.74 -43.34
N TYR G 46 -6.29 54.97 -42.91
CA TYR G 46 -6.08 55.63 -41.63
C TYR G 46 -6.42 57.11 -41.71
N GLN G 47 -6.79 57.67 -40.57
CA GLN G 47 -6.92 59.12 -40.38
C GLN G 47 -6.19 59.50 -39.12
N VAL G 48 -5.41 60.58 -39.18
CA VAL G 48 -4.52 60.98 -38.10
C VAL G 48 -4.78 62.44 -37.73
N PHE G 49 -4.77 62.74 -36.43
CA PHE G 49 -4.95 64.09 -35.93
C PHE G 49 -3.98 64.33 -34.78
N SER G 50 -3.71 65.60 -34.51
CA SER G 50 -2.67 66.00 -33.57
C SER G 50 -3.26 66.72 -32.36
N VAL G 51 -2.69 66.46 -31.18
CA VAL G 51 -3.06 67.15 -29.95
C VAL G 51 -1.79 67.75 -29.34
N PRO G 52 -1.88 68.81 -28.54
CA PRO G 52 -0.67 69.42 -27.98
C PRO G 52 -0.07 68.56 -26.88
N GLY G 53 1.26 68.64 -26.75
CA GLY G 53 2.03 67.79 -25.87
C GLY G 53 1.64 67.83 -24.40
N SER G 54 0.84 68.82 -23.99
CA SER G 54 0.39 68.89 -22.61
C SER G 54 -0.93 68.16 -22.39
N LYS G 55 -1.65 67.85 -23.45
CA LYS G 55 -2.92 67.16 -23.35
C LYS G 55 -2.67 65.66 -23.30
N SER G 56 -3.40 64.97 -22.41
CA SER G 56 -3.16 63.56 -22.16
C SER G 56 -4.16 62.63 -22.85
N THR G 57 -5.32 63.14 -23.26
CA THR G 57 -6.34 62.30 -23.87
C THR G 57 -6.77 62.88 -25.20
N ALA G 58 -7.49 62.06 -25.97
CA ALA G 58 -8.10 62.49 -27.22
C ALA G 58 -9.33 61.65 -27.48
N THR G 59 -10.38 62.29 -27.97
CA THR G 59 -11.59 61.60 -28.41
C THR G 59 -11.45 61.25 -29.89
N ILE G 60 -12.04 60.12 -30.27
CA ILE G 60 -12.02 59.66 -31.65
C ILE G 60 -13.46 59.47 -32.10
N SER G 61 -13.94 60.37 -32.95
CA SER G 61 -15.32 60.33 -33.44
C SER G 61 -15.37 59.72 -34.82
N GLY G 62 -16.58 59.34 -35.23
CA GLY G 62 -16.79 58.80 -36.56
C GLY G 62 -16.23 57.40 -36.74
N LEU G 63 -16.72 56.44 -35.96
CA LEU G 63 -16.28 55.06 -36.07
C LEU G 63 -17.47 54.16 -36.34
N LYS G 64 -17.20 53.05 -37.00
CA LYS G 64 -18.29 52.12 -37.34
C LYS G 64 -18.41 51.05 -36.26
N PRO G 65 -19.64 50.70 -35.88
CA PRO G 65 -19.81 49.77 -34.75
C PRO G 65 -19.36 48.36 -35.10
N GLY G 66 -18.92 47.64 -34.06
CA GLY G 66 -18.46 46.27 -34.23
C GLY G 66 -17.30 46.13 -35.19
N VAL G 67 -16.31 47.03 -35.10
CA VAL G 67 -15.16 47.03 -35.99
C VAL G 67 -13.88 46.96 -35.17
N GLU G 68 -13.01 46.00 -35.49
CA GLU G 68 -11.66 46.02 -34.97
C GLU G 68 -10.91 47.24 -35.51
N TYR G 69 -10.34 48.03 -34.61
CA TYR G 69 -9.50 49.15 -35.00
C TYR G 69 -8.11 49.00 -34.40
N GLN G 70 -7.15 49.70 -35.01
CA GLN G 70 -5.79 49.79 -34.52
C GLN G 70 -5.52 51.25 -34.20
N ILE G 71 -4.96 51.52 -33.02
CA ILE G 71 -4.71 52.88 -32.57
C ILE G 71 -3.24 53.03 -32.27
N ARG G 72 -2.62 54.08 -32.82
CA ARG G 72 -1.20 54.34 -32.67
C ARG G 72 -0.98 55.81 -32.29
N VAL G 73 -0.19 56.05 -31.25
CA VAL G 73 0.09 57.38 -30.74
C VAL G 73 1.59 57.62 -30.76
N TYR G 74 2.03 58.65 -31.49
CA TYR G 74 3.44 59.04 -31.50
C TYR G 74 3.70 60.22 -30.57
N ALA G 75 4.99 60.45 -30.34
CA ALA G 75 5.46 61.61 -29.58
C ALA G 75 6.66 62.20 -30.31
N GLU G 76 6.58 63.48 -30.66
CA GLU G 76 7.66 64.19 -31.33
C GLU G 76 8.29 65.24 -30.41
N THR G 77 9.59 65.13 -30.21
CA THR G 77 10.38 66.10 -29.47
C THR G 77 11.04 67.04 -30.46
N GLY G 78 11.14 68.33 -30.09
CA GLY G 78 11.71 69.30 -31.01
C GLY G 78 13.22 69.22 -31.09
N GLY G 79 13.88 68.90 -29.98
CA GLY G 79 15.33 68.79 -29.99
C GLY G 79 15.80 67.74 -30.99
N ALA G 80 16.98 67.99 -31.56
CA ALA G 80 17.55 67.06 -32.51
C ALA G 80 18.89 66.50 -32.03
N GLN G 82 16.20 62.64 -29.69
CA GLN G 82 14.98 61.86 -29.77
C GLN G 82 14.41 61.81 -31.21
N SER G 83 13.28 61.13 -31.39
CA SER G 83 12.73 60.83 -32.70
C SER G 83 11.24 60.51 -32.56
N MET G 84 10.62 60.05 -33.65
CA MET G 84 9.19 59.71 -33.64
C MET G 84 9.01 58.31 -33.07
N GLY G 85 8.65 58.23 -31.78
CA GLY G 85 8.40 56.96 -31.13
C GLY G 85 6.90 56.74 -31.02
N TRP G 86 6.48 55.49 -30.84
CA TRP G 86 5.04 55.23 -30.81
C TRP G 86 4.71 54.01 -29.97
N ILE G 87 3.50 54.02 -29.40
CA ILE G 87 2.89 52.87 -28.76
C ILE G 87 1.57 52.59 -29.48
N GLN G 88 1.24 51.32 -29.65
CA GLN G 88 0.14 50.88 -30.50
C GLN G 88 -0.69 49.82 -29.79
N ILE G 89 -2.02 49.97 -29.82
CA ILE G 89 -2.93 48.95 -29.32
C ILE G 89 -4.02 48.70 -30.36
N GLY G 90 -4.99 47.85 -29.98
CA GLY G 90 -6.15 47.60 -30.80
C GLY G 90 -7.41 47.68 -29.95
N TYR G 91 -8.55 47.75 -30.63
CA TYR G 91 -9.82 47.87 -29.91
C TYR G 91 -10.97 47.64 -30.90
N ARG G 92 -12.15 47.45 -30.33
CA ARG G 92 -13.36 47.13 -31.09
C ARG G 92 -14.53 47.90 -30.52
N THR G 93 -15.30 48.53 -31.41
CA THR G 93 -16.49 49.29 -31.03
C THR G 93 -17.67 48.37 -30.79
N GLU G 94 -18.64 48.86 -30.02
CA GLU G 94 -19.91 48.15 -29.87
C GLU G 94 -20.70 48.16 -31.17
N GLY H 1 -6.74 -32.89 38.67
CA GLY H 1 -5.96 -31.95 39.44
C GLY H 1 -5.12 -32.57 40.53
N VAL H 2 -3.82 -32.25 40.53
CA VAL H 2 -2.86 -32.75 41.51
C VAL H 2 -2.85 -34.28 41.52
N SER H 3 -2.81 -34.89 40.33
CA SER H 3 -2.87 -36.35 40.24
C SER H 3 -1.57 -36.97 40.74
N ASP H 4 -1.65 -38.27 41.06
CA ASP H 4 -0.52 -39.03 41.59
C ASP H 4 -0.36 -40.32 40.78
N VAL H 5 -0.12 -40.17 39.48
CA VAL H 5 -0.06 -41.30 38.58
C VAL H 5 1.27 -41.28 37.84
N PRO H 6 2.02 -42.38 37.81
CA PRO H 6 3.27 -42.39 37.05
C PRO H 6 2.99 -42.20 35.56
N ARG H 7 3.90 -41.48 34.90
CA ARG H 7 3.74 -41.11 33.50
C ARG H 7 5.02 -41.38 32.75
N ASP H 8 4.92 -41.31 31.42
CA ASP H 8 6.07 -41.40 30.52
C ASP H 8 6.77 -42.76 30.69
N LEU H 9 5.97 -43.81 30.71
CA LEU H 9 6.52 -45.16 30.74
C LEU H 9 6.92 -45.58 29.33
N GLU H 10 8.12 -46.13 29.21
CA GLU H 10 8.63 -46.56 27.91
C GLU H 10 9.66 -47.66 28.14
N VAL H 11 10.07 -48.28 27.05
CA VAL H 11 11.02 -49.39 27.10
C VAL H 11 12.39 -48.86 26.68
N VAL H 12 13.34 -48.86 27.61
CA VAL H 12 14.67 -48.33 27.30
C VAL H 12 15.44 -49.30 26.40
N ALA H 13 15.56 -50.56 26.82
CA ALA H 13 16.26 -51.56 26.03
C ALA H 13 15.79 -52.93 26.49
N ALA H 14 15.94 -53.91 25.60
CA ALA H 14 15.39 -55.23 25.85
C ALA H 14 16.32 -56.32 25.30
N THR H 15 16.13 -57.52 25.83
CA THR H 15 16.72 -58.76 25.37
C THR H 15 15.61 -59.80 25.35
N PRO H 16 15.75 -60.87 24.56
CA PRO H 16 14.66 -61.86 24.49
C PRO H 16 14.24 -62.45 25.83
N THR H 17 15.02 -62.25 26.89
CA THR H 17 14.68 -62.75 28.22
C THR H 17 14.56 -61.65 29.28
N SER H 18 14.89 -60.41 28.96
CA SER H 18 14.94 -59.33 29.94
C SER H 18 14.41 -58.04 29.36
N LEU H 19 13.64 -57.30 30.16
CA LEU H 19 13.24 -55.94 29.84
C LEU H 19 13.90 -54.94 30.78
N LEU H 20 14.07 -53.71 30.30
CA LEU H 20 14.53 -52.59 31.11
C LEU H 20 13.65 -51.38 30.82
N ILE H 21 12.88 -50.95 31.82
CA ILE H 21 11.86 -49.92 31.65
C ILE H 21 12.27 -48.67 32.41
N SER H 22 11.77 -47.52 31.95
CA SER H 22 11.97 -46.24 32.63
C SER H 22 10.69 -45.43 32.62
N TRP H 23 10.52 -44.62 33.67
CA TRP H 23 9.34 -43.78 33.83
C TRP H 23 9.74 -42.53 34.59
N ASP H 24 8.85 -41.55 34.59
CA ASP H 24 9.01 -40.32 35.34
C ASP H 24 8.00 -40.25 36.48
N ALA H 25 8.47 -39.81 37.64
CA ALA H 25 7.68 -39.83 38.86
C ALA H 25 6.59 -38.75 38.82
N PRO H 26 5.51 -38.92 39.60
CA PRO H 26 4.46 -37.89 39.63
C PRO H 26 4.84 -36.74 40.55
N ALA H 27 3.85 -35.91 40.89
CA ALA H 27 4.12 -34.75 41.73
C ALA H 27 4.45 -35.15 43.16
N VAL H 28 3.61 -36.00 43.76
CA VAL H 28 3.68 -36.29 45.19
C VAL H 28 4.80 -37.27 45.53
N THR H 29 5.11 -37.37 46.82
CA THR H 29 6.06 -38.35 47.33
C THR H 29 5.56 -39.77 47.07
N VAL H 30 6.46 -40.66 46.69
CA VAL H 30 6.13 -42.02 46.27
C VAL H 30 6.84 -42.99 47.20
N HIS H 31 6.08 -43.82 47.91
CA HIS H 31 6.69 -44.77 48.84
C HIS H 31 7.44 -45.88 48.12
N SER H 32 6.84 -46.44 47.07
CA SER H 32 7.47 -47.50 46.31
C SER H 32 6.70 -47.65 45.00
N TYR H 33 7.38 -48.17 43.99
CA TYR H 33 6.79 -48.46 42.71
C TYR H 33 6.62 -49.97 42.58
N HIS H 34 5.44 -50.39 42.16
CA HIS H 34 5.11 -51.80 41.98
C HIS H 34 5.00 -52.07 40.49
N ILE H 35 5.80 -53.01 40.01
CA ILE H 35 5.84 -53.38 38.60
C ILE H 35 5.03 -54.65 38.41
N GLN H 36 3.93 -54.55 37.67
CA GLN H 36 3.04 -55.66 37.41
C GLN H 36 3.05 -55.94 35.91
N TYR H 37 3.53 -57.10 35.52
CA TYR H 37 3.64 -57.46 34.12
C TYR H 37 3.08 -58.85 33.90
N TRP H 38 2.30 -59.00 32.84
CA TRP H 38 1.68 -60.27 32.49
C TRP H 38 1.61 -60.38 30.97
N PRO H 39 1.51 -61.59 30.45
CA PRO H 39 1.32 -61.75 28.99
C PRO H 39 -0.08 -61.36 28.58
N LEU H 40 -0.19 -60.89 27.34
CA LEU H 40 -1.44 -60.35 26.83
C LEU H 40 -2.59 -61.36 26.96
N GLY H 41 -3.75 -60.85 27.37
CA GLY H 41 -4.97 -61.63 27.50
C GLY H 41 -5.17 -62.30 28.84
N SER H 42 -4.20 -63.11 29.26
CA SER H 42 -4.32 -63.83 30.53
C SER H 42 -3.76 -62.96 31.63
N TYR H 43 -4.64 -62.21 32.30
CA TYR H 43 -4.23 -61.44 33.46
C TYR H 43 -3.84 -62.34 34.62
N GLN H 44 -4.43 -63.54 34.70
CA GLN H 44 -4.29 -64.38 35.87
C GLN H 44 -2.85 -64.77 36.16
N ARG H 45 -1.99 -64.75 35.14
CA ARG H 45 -0.61 -65.23 35.26
C ARG H 45 0.38 -64.11 35.55
N TYR H 46 -0.09 -63.01 36.14
CA TYR H 46 0.76 -61.85 36.40
C TYR H 46 1.82 -62.12 37.47
N GLN H 47 2.91 -61.37 37.39
CA GLN H 47 3.96 -61.35 38.39
C GLN H 47 4.24 -59.92 38.80
N VAL H 48 4.37 -59.68 40.11
CA VAL H 48 4.53 -58.34 40.66
C VAL H 48 5.75 -58.30 41.57
N PHE H 49 6.55 -57.24 41.45
CA PHE H 49 7.71 -57.02 42.31
C PHE H 49 7.79 -55.54 42.64
N SER H 50 8.46 -55.23 43.75
CA SER H 50 8.46 -53.89 44.31
C SER H 50 9.86 -53.28 44.31
N VAL H 51 9.92 -51.98 44.01
CA VAL H 51 11.15 -51.20 44.07
C VAL H 51 10.91 -49.96 44.94
N PRO H 52 11.94 -49.41 45.57
CA PRO H 52 11.74 -48.23 46.41
C PRO H 52 11.51 -46.96 45.61
N GLY H 53 10.74 -46.05 46.21
CA GLY H 53 10.27 -44.82 45.57
C GLY H 53 11.36 -43.91 45.04
N SER H 54 12.62 -44.15 45.39
CA SER H 54 13.70 -43.33 44.87
C SER H 54 14.28 -43.83 43.57
N LYS H 55 14.01 -45.07 43.20
CA LYS H 55 14.55 -45.65 41.98
C LYS H 55 13.63 -45.33 40.80
N SER H 56 14.24 -44.99 39.66
CA SER H 56 13.49 -44.55 38.48
C SER H 56 13.29 -45.64 37.44
N THR H 57 14.09 -46.72 37.49
CA THR H 57 14.01 -47.80 36.52
C THR H 57 13.87 -49.13 37.27
N ALA H 58 13.58 -50.17 36.50
CA ALA H 58 13.51 -51.52 37.05
C ALA H 58 13.87 -52.51 35.97
N THR H 59 14.63 -53.54 36.34
CA THR H 59 14.95 -54.62 35.43
C THR H 59 13.89 -55.70 35.57
N ILE H 60 13.57 -56.36 34.46
CA ILE H 60 12.57 -57.43 34.43
C ILE H 60 13.21 -58.68 33.82
N SER H 61 13.46 -59.69 34.66
CA SER H 61 14.09 -60.93 34.21
C SER H 61 13.04 -62.02 34.00
N GLY H 62 13.47 -63.10 33.34
CA GLY H 62 12.63 -64.26 33.13
C GLY H 62 11.55 -64.08 32.08
N LEU H 63 11.96 -63.84 30.84
CA LEU H 63 11.04 -63.63 29.73
C LEU H 63 11.34 -64.63 28.61
N LYS H 64 10.30 -64.92 27.82
CA LYS H 64 10.13 -65.78 26.67
C LYS H 64 10.33 -64.98 25.38
N PRO H 65 11.08 -65.49 24.41
CA PRO H 65 11.37 -64.70 23.21
C PRO H 65 10.14 -64.56 22.32
N GLY H 66 10.10 -63.43 21.62
CA GLY H 66 9.02 -63.16 20.68
C GLY H 66 7.64 -63.23 21.29
N VAL H 67 7.46 -62.68 22.49
CA VAL H 67 6.17 -62.74 23.18
C VAL H 67 5.74 -61.33 23.54
N GLU H 68 4.51 -60.98 23.17
CA GLU H 68 3.89 -59.75 23.64
C GLU H 68 3.64 -59.81 25.13
N TYR H 69 4.09 -58.80 25.86
CA TYR H 69 3.83 -58.67 27.27
C TYR H 69 3.13 -57.35 27.55
N GLN H 70 2.46 -57.28 28.69
CA GLN H 70 1.80 -56.07 29.17
C GLN H 70 2.48 -55.64 30.46
N ILE H 71 2.83 -54.36 30.55
CA ILE H 71 3.56 -53.83 31.71
C ILE H 71 2.75 -52.69 32.33
N ARG H 72 2.56 -52.77 33.64
CA ARG H 72 1.80 -51.78 34.41
C ARG H 72 2.64 -51.39 35.62
N VAL H 73 2.78 -50.08 35.84
CA VAL H 73 3.62 -49.56 36.92
C VAL H 73 2.74 -48.76 37.87
N TYR H 74 2.72 -49.18 39.14
CA TYR H 74 1.92 -48.56 40.19
C TYR H 74 2.77 -47.60 41.02
N ALA H 75 2.07 -46.72 41.75
CA ALA H 75 2.67 -45.81 42.72
C ALA H 75 1.75 -45.68 43.92
N GLU H 76 2.27 -45.92 45.11
CA GLU H 76 1.52 -45.73 46.35
C GLU H 76 2.11 -44.53 47.09
N THR H 77 1.26 -43.56 47.44
CA THR H 77 1.70 -42.36 48.17
C THR H 77 1.53 -42.55 49.66
N GLY H 78 2.59 -42.24 50.41
CA GLY H 78 2.59 -42.38 51.86
C GLY H 78 2.08 -41.19 52.65
N GLY H 79 2.36 -39.98 52.15
CA GLY H 79 1.97 -38.78 52.89
C GLY H 79 0.49 -38.69 53.16
N ALA H 80 -0.32 -38.97 52.14
CA ALA H 80 -1.77 -39.03 52.28
C ALA H 80 -2.24 -40.42 51.91
N ASP H 81 -3.43 -40.77 52.39
CA ASP H 81 -4.09 -42.03 52.00
C ASP H 81 -4.85 -41.82 50.68
N GLN H 82 -4.10 -41.34 49.68
CA GLN H 82 -4.64 -41.04 48.36
C GLN H 82 -4.63 -42.30 47.47
N SER H 83 -5.06 -42.13 46.22
CA SER H 83 -5.27 -43.28 45.36
C SER H 83 -3.96 -43.89 44.89
N MET H 84 -4.01 -45.20 44.63
CA MET H 84 -2.89 -45.95 44.07
C MET H 84 -3.09 -45.99 42.56
N GLY H 85 -2.33 -45.19 41.82
CA GLY H 85 -2.49 -45.06 40.39
C GLY H 85 -1.53 -45.94 39.59
N TRP H 86 -1.84 -46.09 38.30
CA TRP H 86 -1.08 -47.00 37.45
C TRP H 86 -1.02 -46.49 36.02
N ILE H 87 0.09 -46.78 35.36
CA ILE H 87 0.25 -46.58 33.92
C ILE H 87 0.60 -47.93 33.31
N GLN H 88 0.05 -48.22 32.14
CA GLN H 88 0.19 -49.53 31.53
C GLN H 88 0.51 -49.39 30.05
N ILE H 89 1.52 -50.14 29.58
CA ILE H 89 1.84 -50.23 28.16
C ILE H 89 2.04 -51.71 27.80
N GLY H 90 2.43 -51.95 26.53
CA GLY H 90 2.75 -53.28 26.07
C GLY H 90 4.07 -53.28 25.32
N TYR H 91 4.59 -54.49 25.12
CA TYR H 91 5.89 -54.65 24.47
C TYR H 91 6.10 -56.13 24.14
N ARG H 92 7.09 -56.40 23.30
CA ARG H 92 7.38 -57.73 22.81
C ARG H 92 8.89 -57.97 22.79
N THR H 93 9.30 -59.14 23.27
CA THR H 93 10.71 -59.53 23.25
C THR H 93 11.10 -60.02 21.86
N GLU H 94 12.41 -60.02 21.60
CA GLU H 94 12.94 -60.62 20.37
C GLU H 94 12.78 -62.14 20.37
C1 NAG I . 18.92 19.86 -69.18
C2 NAG I . 20.23 19.13 -69.51
C3 NAG I . 21.40 19.79 -68.78
C4 NAG I . 21.45 21.27 -69.12
C5 NAG I . 20.11 21.93 -68.80
C6 NAG I . 20.07 23.38 -69.22
C7 NAG I . 19.93 16.76 -70.09
C8 NAG I . 19.82 17.21 -71.53
N2 NAG I . 20.14 17.72 -69.18
O3 NAG I . 22.61 19.17 -69.19
O4 NAG I . 22.47 21.91 -68.37
O5 NAG I . 19.04 21.26 -69.50
O6 NAG I . 21.33 24.00 -69.00
O7 NAG I . 19.84 15.58 -69.78
S SO4 J . 13.89 50.83 -73.38
O1 SO4 J . 12.79 51.77 -73.14
O2 SO4 J . 14.29 50.22 -72.12
O3 SO4 J . 15.03 51.54 -73.96
O4 SO4 J . 13.45 49.79 -74.31
C1 NAG K . -48.51 -68.25 23.35
C2 NAG K . -49.98 -68.03 23.70
C3 NAG K . -50.12 -66.83 24.64
C4 NAG K . -49.24 -67.02 25.86
C5 NAG K . -47.79 -67.27 25.44
C6 NAG K . -46.90 -67.60 26.63
C7 NAG K . -51.78 -68.68 22.17
C8 NAG K . -52.53 -68.34 20.91
N2 NAG K . -50.79 -67.85 22.50
O3 NAG K . -51.47 -66.67 25.03
O4 NAG K . -49.30 -65.86 26.69
O5 NAG K . -47.73 -68.39 24.56
O6 NAG K . -47.37 -67.00 27.81
O7 NAG K . -52.09 -69.65 22.86
#